data_7OXS
# 
_entry.id   7OXS 
# 
_audit_conform.dict_name       mmcif_pdbx.dic 
_audit_conform.dict_version    5.384 
_audit_conform.dict_location   http://mmcif.pdb.org/dictionaries/ascii/mmcif_pdbx.dic 
# 
loop_
_database_2.database_id 
_database_2.database_code 
_database_2.pdbx_database_accession 
_database_2.pdbx_DOI 
PDB   7OXS         pdb_00007oxs 10.2210/pdb7oxs/pdb 
WWPDB D_1292116439 ?            ?                   
# 
loop_
_pdbx_audit_revision_history.ordinal 
_pdbx_audit_revision_history.data_content_type 
_pdbx_audit_revision_history.major_revision 
_pdbx_audit_revision_history.minor_revision 
_pdbx_audit_revision_history.revision_date 
1 'Structure model' 1 0 2021-07-14 
2 'Structure model' 1 1 2022-06-08 
3 'Structure model' 1 2 2024-01-31 
# 
_pdbx_audit_revision_details.ordinal             1 
_pdbx_audit_revision_details.revision_ordinal    1 
_pdbx_audit_revision_details.data_content_type   'Structure model' 
_pdbx_audit_revision_details.provider            repository 
_pdbx_audit_revision_details.type                'Initial release' 
_pdbx_audit_revision_details.description         ? 
_pdbx_audit_revision_details.details             ? 
# 
loop_
_pdbx_audit_revision_group.ordinal 
_pdbx_audit_revision_group.revision_ordinal 
_pdbx_audit_revision_group.data_content_type 
_pdbx_audit_revision_group.group 
1 2 'Structure model' 'Database references'    
2 3 'Structure model' 'Data collection'        
3 3 'Structure model' 'Refinement description' 
# 
loop_
_pdbx_audit_revision_category.ordinal 
_pdbx_audit_revision_category.revision_ordinal 
_pdbx_audit_revision_category.data_content_type 
_pdbx_audit_revision_category.category 
1 2 'Structure model' citation                      
2 2 'Structure model' citation_author               
3 2 'Structure model' database_2                    
4 3 'Structure model' chem_comp_atom                
5 3 'Structure model' chem_comp_bond                
6 3 'Structure model' pdbx_initial_refinement_model 
# 
loop_
_pdbx_audit_revision_item.ordinal 
_pdbx_audit_revision_item.revision_ordinal 
_pdbx_audit_revision_item.data_content_type 
_pdbx_audit_revision_item.item 
1  2 'Structure model' '_citation.country'                   
2  2 'Structure model' '_citation.journal_abbrev'            
3  2 'Structure model' '_citation.journal_id_CSD'            
4  2 'Structure model' '_citation.journal_id_ISSN'           
5  2 'Structure model' '_citation.pdbx_database_id_DOI'      
6  2 'Structure model' '_citation.title'                     
7  2 'Structure model' '_citation.year'                      
8  2 'Structure model' '_citation_author.identifier_ORCID'   
9  2 'Structure model' '_citation_author.name'               
10 2 'Structure model' '_database_2.pdbx_DOI'                
11 2 'Structure model' '_database_2.pdbx_database_accession' 
# 
_pdbx_database_status.status_code                     REL 
_pdbx_database_status.status_code_sf                  REL 
_pdbx_database_status.status_code_mr                  ? 
_pdbx_database_status.entry_id                        7OXS 
_pdbx_database_status.recvd_initial_deposition_date   2021-06-23 
_pdbx_database_status.SG_entry                        N 
_pdbx_database_status.deposit_site                    PDBE 
_pdbx_database_status.process_site                    PDBE 
_pdbx_database_status.status_code_cs                  ? 
_pdbx_database_status.status_code_nmr_data            ? 
_pdbx_database_status.methods_development_category    ? 
_pdbx_database_status.pdb_format_compatible           Y 
# 
_pdbx_database_related.db_name        PDB 
_pdbx_database_related.details        
;7OW0 contains DNA/2'OMeRNA heteroduplex with overhangs
;
_pdbx_database_related.db_id          7OW0 
_pdbx_database_related.content_type   unspecified 
# 
loop_
_audit_author.name 
_audit_author.pdbx_ordinal 
_audit_author.identifier_ORCID 
'Dolot, R.M.'   1 0000-0002-2300-5264 
'Maciaszek, A.' 2 0000-0001-8855-7548 
'Nawrot, B.C.'  3 0000-0002-4084-4334 
# 
_citation.abstract                  ? 
_citation.abstract_id_CAS           ? 
_citation.book_id_ISBN              ? 
_citation.book_publisher            ? 
_citation.book_publisher_city       ? 
_citation.book_title                ? 
_citation.coordinate_linkage        ? 
_citation.country                   CH 
_citation.database_id_Medline       ? 
_citation.details                   ? 
_citation.id                        primary 
_citation.journal_abbrev            Crystals 
_citation.journal_id_ASTM           ? 
_citation.journal_id_CSD            ? 
_citation.journal_id_ISSN           2073-4352 
_citation.journal_full              ? 
_citation.journal_issue             ? 
_citation.journal_volume            ? 
_citation.language                  ? 
_citation.page_first                ? 
_citation.page_last                 ? 
_citation.title                     
;First High-Resolution Crystal Structures of DNA:2'-O-Methyl-RNA Heteroduplexes
;
_citation.year                      2022 
_citation.database_id_CSD           ? 
_citation.pdbx_database_id_DOI      10.3390/cryst12060760 
_citation.pdbx_database_id_PubMed   ? 
_citation.pdbx_database_id_patent   ? 
_citation.unpublished_flag          ? 
# 
loop_
_citation_author.citation_id 
_citation_author.name 
_citation_author.ordinal 
_citation_author.identifier_ORCID 
primary 'Dolot, R.'       1 ? 
primary 'Maciaszek, A.'   2 ? 
primary 'Mikolajczyk, B.' 3 ? 
primary 'Nawrot, B.'      4 ? 
# 
loop_
_entity.id 
_entity.type 
_entity.src_method 
_entity.pdbx_description 
_entity.formula_weight 
_entity.pdbx_number_of_molecules 
_entity.pdbx_ec 
_entity.pdbx_mutation 
_entity.pdbx_fragment 
_entity.details 
1 polymer     syn 
;DNA (5'-D(*GP*TP*CP*TP*CP*CP*TP*AP*G)-3')
;
2706.785 2  ? ? ? ? 
2 polymer     syn 
;RNA (5'-R(*(OMC)P*(OMU)P*(A2M)P*(OMG)P*(OMG)P*(A2M)P*(OMG)P*(A2M)P*(OMC))-3')
;
3021.045 2  ? ? ? ? 
3 non-polymer syn 'SULFATE ION'                                                                   96.063   2  ? ? ? ? 
4 water       nat water                                                                           18.015   77 ? ? ? ? 
# 
loop_
_entity_poly.entity_id 
_entity_poly.type 
_entity_poly.nstd_linkage 
_entity_poly.nstd_monomer 
_entity_poly.pdbx_seq_one_letter_code 
_entity_poly.pdbx_seq_one_letter_code_can 
_entity_poly.pdbx_strand_id 
_entity_poly.pdbx_target_identifier 
1 polydeoxyribonucleotide no no  '(DG)(DT)(DC)(DT)(DC)(DC)(DT)(DA)(DG)'          GTCTCCTAG A,C ? 
2 polydeoxyribonucleotide no yes '(OMC)(OMU)(A2M)(OMG)(OMG)(A2M)(OMG)(A2M)(OMC)' CUAGGAGAC B,D ? 
# 
loop_
_pdbx_entity_nonpoly.entity_id 
_pdbx_entity_nonpoly.name 
_pdbx_entity_nonpoly.comp_id 
3 'SULFATE ION' SO4 
4 water         HOH 
# 
loop_
_entity_poly_seq.entity_id 
_entity_poly_seq.num 
_entity_poly_seq.mon_id 
_entity_poly_seq.hetero 
1 1 DG  n 
1 2 DT  n 
1 3 DC  n 
1 4 DT  n 
1 5 DC  n 
1 6 DC  n 
1 7 DT  n 
1 8 DA  n 
1 9 DG  n 
2 1 OMC n 
2 2 OMU n 
2 3 A2M n 
2 4 OMG n 
2 5 OMG n 
2 6 A2M n 
2 7 OMG n 
2 8 A2M n 
2 9 OMC n 
# 
loop_
_pdbx_entity_src_syn.entity_id 
_pdbx_entity_src_syn.pdbx_src_id 
_pdbx_entity_src_syn.pdbx_alt_source_flag 
_pdbx_entity_src_syn.pdbx_beg_seq_num 
_pdbx_entity_src_syn.pdbx_end_seq_num 
_pdbx_entity_src_syn.organism_scientific 
_pdbx_entity_src_syn.organism_common_name 
_pdbx_entity_src_syn.ncbi_taxonomy_id 
_pdbx_entity_src_syn.details 
1 1 sample 1 9 'synthetic construct' ? 32630 ? 
2 1 sample 1 9 'synthetic construct' ? 32630 ? 
# 
loop_
_chem_comp.id 
_chem_comp.type 
_chem_comp.mon_nstd_flag 
_chem_comp.name 
_chem_comp.pdbx_synonyms 
_chem_comp.formula 
_chem_comp.formula_weight 
A2M 'RNA linking' n 
;2'-O-methyladenosine 5'-(dihydrogen phosphate)
;
? 'C11 H16 N5 O7 P' 361.248 
DA  'DNA linking' y "2'-DEOXYADENOSINE-5'-MONOPHOSPHATE"             ? 'C10 H14 N5 O6 P' 331.222 
DC  'DNA linking' y "2'-DEOXYCYTIDINE-5'-MONOPHOSPHATE"              ? 'C9 H14 N3 O7 P'  307.197 
DG  'DNA linking' y "2'-DEOXYGUANOSINE-5'-MONOPHOSPHATE"             ? 'C10 H14 N5 O7 P' 347.221 
DT  'DNA linking' y "THYMIDINE-5'-MONOPHOSPHATE"                     ? 'C10 H15 N2 O8 P' 322.208 
HOH non-polymer   . WATER                                            ? 'H2 O'            18.015  
OMC 'RNA linking' n "O2'-METHYLYCYTIDINE-5'-MONOPHOSPHATE"           ? 'C10 H16 N3 O8 P' 337.223 
OMG 'RNA linking' n "O2'-METHYLGUANOSINE-5'-MONOPHOSPHATE"           ? 'C11 H16 N5 O8 P' 377.247 
OMU 'RNA linking' n 
;O2'-METHYLURIDINE 5'-MONOPHOSPHATE
;
? 'C10 H15 N2 O9 P' 338.208 
SO4 non-polymer   . 'SULFATE ION'                                    ? 'O4 S -2'         96.063  
# 
loop_
_pdbx_poly_seq_scheme.asym_id 
_pdbx_poly_seq_scheme.entity_id 
_pdbx_poly_seq_scheme.seq_id 
_pdbx_poly_seq_scheme.mon_id 
_pdbx_poly_seq_scheme.ndb_seq_num 
_pdbx_poly_seq_scheme.pdb_seq_num 
_pdbx_poly_seq_scheme.auth_seq_num 
_pdbx_poly_seq_scheme.pdb_mon_id 
_pdbx_poly_seq_scheme.auth_mon_id 
_pdbx_poly_seq_scheme.pdb_strand_id 
_pdbx_poly_seq_scheme.pdb_ins_code 
_pdbx_poly_seq_scheme.hetero 
A 1 1 DG  1 1 1 DG  DG  A . n 
A 1 2 DT  2 2 2 DT  DT  A . n 
A 1 3 DC  3 3 3 DC  DC  A . n 
A 1 4 DT  4 4 4 DT  DT  A . n 
A 1 5 DC  5 5 5 DC  DC  A . n 
A 1 6 DC  6 6 6 DC  DC  A . n 
A 1 7 DT  7 7 7 DT  DT  A . n 
A 1 8 DA  8 8 8 DA  DA  A . n 
A 1 9 DG  9 9 9 DG  DG  A . n 
B 2 1 OMC 1 1 1 OMC OMC B . n 
B 2 2 OMU 2 2 2 OMU OMU B . n 
B 2 3 A2M 3 3 3 A2M A2M B . n 
B 2 4 OMG 4 4 4 OMG OMG B . n 
B 2 5 OMG 5 5 5 OMG OMG B . n 
B 2 6 A2M 6 6 6 A2M A2M B . n 
B 2 7 OMG 7 7 7 OMG OMG B . n 
B 2 8 A2M 8 8 8 A2M A2M B . n 
B 2 9 OMC 9 9 9 OMC OMC B . n 
C 1 1 DG  1 1 1 DG  DG  C . n 
C 1 2 DT  2 2 2 DT  DT  C . n 
C 1 3 DC  3 3 3 DC  DC  C . n 
C 1 4 DT  4 4 4 DT  DT  C . n 
C 1 5 DC  5 5 5 DC  DC  C . n 
C 1 6 DC  6 6 6 DC  DC  C . n 
C 1 7 DT  7 7 7 DT  DT  C . n 
C 1 8 DA  8 8 8 DA  DA  C . n 
C 1 9 DG  9 9 9 DG  DG  C . n 
D 2 1 OMC 1 1 1 OMC OMC D . n 
D 2 2 OMU 2 2 2 OMU OMU D . n 
D 2 3 A2M 3 3 3 A2M A2M D . n 
D 2 4 OMG 4 4 4 OMG OMG D . n 
D 2 5 OMG 5 5 5 OMG OMG D . n 
D 2 6 A2M 6 6 6 A2M A2M D . n 
D 2 7 OMG 7 7 7 OMG OMG D . n 
D 2 8 A2M 8 8 8 A2M A2M D . n 
D 2 9 OMC 9 9 9 OMC OMC D . n 
# 
loop_
_pdbx_nonpoly_scheme.asym_id 
_pdbx_nonpoly_scheme.entity_id 
_pdbx_nonpoly_scheme.mon_id 
_pdbx_nonpoly_scheme.ndb_seq_num 
_pdbx_nonpoly_scheme.pdb_seq_num 
_pdbx_nonpoly_scheme.auth_seq_num 
_pdbx_nonpoly_scheme.pdb_mon_id 
_pdbx_nonpoly_scheme.auth_mon_id 
_pdbx_nonpoly_scheme.pdb_strand_id 
_pdbx_nonpoly_scheme.pdb_ins_code 
E 3 SO4 1  101 1  SO4 SO4 A . 
F 3 SO4 1  101 2  SO4 SO4 C . 
G 4 HOH 1  201 9  HOH HOH A . 
G 4 HOH 2  202 19 HOH HOH A . 
G 4 HOH 3  203 1  HOH HOH A . 
G 4 HOH 4  204 30 HOH HOH A . 
G 4 HOH 5  205 13 HOH HOH A . 
G 4 HOH 6  206 20 HOH HOH A . 
G 4 HOH 7  207 32 HOH HOH A . 
G 4 HOH 8  208 18 HOH HOH A . 
G 4 HOH 9  209 7  HOH HOH A . 
G 4 HOH 10 210 33 HOH HOH A . 
G 4 HOH 11 211 29 HOH HOH A . 
G 4 HOH 12 212 15 HOH HOH A . 
G 4 HOH 13 213 74 HOH HOH A . 
G 4 HOH 14 214 50 HOH HOH A . 
G 4 HOH 15 215 12 HOH HOH A . 
G 4 HOH 16 216 63 HOH HOH A . 
G 4 HOH 17 217 17 HOH HOH A . 
G 4 HOH 18 218 14 HOH HOH A . 
G 4 HOH 19 219 49 HOH HOH A . 
G 4 HOH 20 220 31 HOH HOH A . 
G 4 HOH 21 221 65 HOH HOH A . 
G 4 HOH 22 222 34 HOH HOH A . 
G 4 HOH 23 223 72 HOH HOH A . 
H 4 HOH 1  101 10 HOH HOH B . 
H 4 HOH 2  102 25 HOH HOH B . 
H 4 HOH 3  103 35 HOH HOH B . 
H 4 HOH 4  104 55 HOH HOH B . 
H 4 HOH 5  105 38 HOH HOH B . 
H 4 HOH 6  106 36 HOH HOH B . 
H 4 HOH 7  107 56 HOH HOH B . 
H 4 HOH 8  108 70 HOH HOH B . 
H 4 HOH 9  109 61 HOH HOH B . 
H 4 HOH 10 110 23 HOH HOH B . 
H 4 HOH 11 111 41 HOH HOH B . 
H 4 HOH 12 112 52 HOH HOH B . 
H 4 HOH 13 113 73 HOH HOH B . 
H 4 HOH 14 114 21 HOH HOH B . 
H 4 HOH 15 115 22 HOH HOH B . 
H 4 HOH 16 116 37 HOH HOH B . 
H 4 HOH 17 117 27 HOH HOH B . 
H 4 HOH 18 118 67 HOH HOH B . 
H 4 HOH 19 119 24 HOH HOH B . 
H 4 HOH 20 120 5  HOH HOH B . 
H 4 HOH 21 121 11 HOH HOH B . 
H 4 HOH 22 122 39 HOH HOH B . 
H 4 HOH 23 123 53 HOH HOH B . 
H 4 HOH 24 124 40 HOH HOH B . 
H 4 HOH 25 125 28 HOH HOH B . 
H 4 HOH 26 126 66 HOH HOH B . 
H 4 HOH 27 127 51 HOH HOH B . 
H 4 HOH 28 128 68 HOH HOH B . 
H 4 HOH 29 129 26 HOH HOH B . 
H 4 HOH 30 130 69 HOH HOH B . 
I 4 HOH 1  201 58 HOH HOH C . 
I 4 HOH 2  202 75 HOH HOH C . 
I 4 HOH 3  203 47 HOH HOH C . 
I 4 HOH 4  204 2  HOH HOH C . 
I 4 HOH 5  205 64 HOH HOH C . 
I 4 HOH 6  206 46 HOH HOH C . 
I 4 HOH 7  207 48 HOH HOH C . 
I 4 HOH 8  208 4  HOH HOH C . 
I 4 HOH 9  209 59 HOH HOH C . 
I 4 HOH 10 210 43 HOH HOH C . 
I 4 HOH 11 211 54 HOH HOH C . 
I 4 HOH 12 212 45 HOH HOH C . 
I 4 HOH 13 213 71 HOH HOH C . 
J 4 HOH 1  101 77 HOH HOH D . 
J 4 HOH 2  102 44 HOH HOH D . 
J 4 HOH 3  103 76 HOH HOH D . 
J 4 HOH 4  104 3  HOH HOH D . 
J 4 HOH 5  105 6  HOH HOH D . 
J 4 HOH 6  106 8  HOH HOH D . 
J 4 HOH 7  107 16 HOH HOH D . 
J 4 HOH 8  108 60 HOH HOH D . 
J 4 HOH 9  109 62 HOH HOH D . 
J 4 HOH 10 110 57 HOH HOH D . 
J 4 HOH 11 111 42 HOH HOH D . 
# 
loop_
_software.citation_id 
_software.classification 
_software.compiler_name 
_software.compiler_version 
_software.contact_author 
_software.contact_author_email 
_software.date 
_software.description 
_software.dependencies 
_software.hardware 
_software.language 
_software.location 
_software.mods 
_software.name 
_software.os 
_software.os_version 
_software.type 
_software.version 
_software.pdbx_ordinal 
? refinement       ? ? ? ? ? ? ? ? ? ? ? PHENIX ? ? ? 1.19.2_4158 1 
? 'data reduction' ? ? ? ? ? ? ? ? ? ? ? XDS    ? ? ? .           2 
? 'data scaling'   ? ? ? ? ? ? ? ? ? ? ? XDS    ? ? ? .           3 
? phasing          ? ? ? ? ? ? ? ? ? ? ? MOLREP ? ? ? .           4 
# 
_cell.angle_alpha                  90.000 
_cell.angle_alpha_esd              ? 
_cell.angle_beta                   90.000 
_cell.angle_beta_esd               ? 
_cell.angle_gamma                  120.000 
_cell.angle_gamma_esd              ? 
_cell.entry_id                     7OXS 
_cell.details                      ? 
_cell.formula_units_Z              ? 
_cell.length_a                     56.130 
_cell.length_a_esd                 ? 
_cell.length_b                     56.130 
_cell.length_b_esd                 ? 
_cell.length_c                     76.260 
_cell.length_c_esd                 ? 
_cell.volume                       208073.857 
_cell.volume_esd                   ? 
_cell.Z_PDB                        12 
_cell.reciprocal_angle_alpha       ? 
_cell.reciprocal_angle_beta        ? 
_cell.reciprocal_angle_gamma       ? 
_cell.reciprocal_angle_alpha_esd   ? 
_cell.reciprocal_angle_beta_esd    ? 
_cell.reciprocal_angle_gamma_esd   ? 
_cell.reciprocal_length_a          ? 
_cell.reciprocal_length_b          ? 
_cell.reciprocal_length_c          ? 
_cell.reciprocal_length_a_esd      ? 
_cell.reciprocal_length_b_esd      ? 
_cell.reciprocal_length_c_esd      ? 
_cell.pdbx_unique_axis             ? 
# 
_symmetry.entry_id                         7OXS 
_symmetry.cell_setting                     ? 
_symmetry.Int_Tables_number                154 
_symmetry.space_group_name_Hall            
;P 32 2"
;
_symmetry.space_group_name_H-M             'P 32 2 1' 
_symmetry.pdbx_full_space_group_name_H-M   ? 
# 
_exptl.absorpt_coefficient_mu     ? 
_exptl.absorpt_correction_T_max   ? 
_exptl.absorpt_correction_T_min   ? 
_exptl.absorpt_correction_type    ? 
_exptl.absorpt_process_details    ? 
_exptl.entry_id                   7OXS 
_exptl.crystals_number            1 
_exptl.details                    ? 
_exptl.method                     'X-RAY DIFFRACTION' 
_exptl.method_details             ? 
# 
_exptl_crystal.colour                      ? 
_exptl_crystal.density_diffrn              ? 
_exptl_crystal.density_Matthews            3.03 
_exptl_crystal.density_method              ? 
_exptl_crystal.density_percent_sol         59.37 
_exptl_crystal.description                 ? 
_exptl_crystal.F_000                       ? 
_exptl_crystal.id                          1 
_exptl_crystal.preparation                 ? 
_exptl_crystal.size_max                    ? 
_exptl_crystal.size_mid                    ? 
_exptl_crystal.size_min                    ? 
_exptl_crystal.size_rad                    ? 
_exptl_crystal.colour_lustre               ? 
_exptl_crystal.colour_modifier             ? 
_exptl_crystal.colour_primary              ? 
_exptl_crystal.density_meas                ? 
_exptl_crystal.density_meas_esd            ? 
_exptl_crystal.density_meas_gt             ? 
_exptl_crystal.density_meas_lt             ? 
_exptl_crystal.density_meas_temp           ? 
_exptl_crystal.density_meas_temp_esd       ? 
_exptl_crystal.density_meas_temp_gt        ? 
_exptl_crystal.density_meas_temp_lt        ? 
_exptl_crystal.pdbx_crystal_image_url      ? 
_exptl_crystal.pdbx_crystal_image_format   ? 
_exptl_crystal.pdbx_mosaicity              ? 
_exptl_crystal.pdbx_mosaicity_esd          ? 
# 
_exptl_crystal_grow.apparatus       ? 
_exptl_crystal_grow.atmosphere      ? 
_exptl_crystal_grow.crystal_id      1 
_exptl_crystal_grow.details         ? 
_exptl_crystal_grow.method          'VAPOR DIFFUSION, HANGING DROP' 
_exptl_crystal_grow.method_ref      ? 
_exptl_crystal_grow.pH              6.5 
_exptl_crystal_grow.pressure        ? 
_exptl_crystal_grow.pressure_esd    ? 
_exptl_crystal_grow.seeding         ? 
_exptl_crystal_grow.seeding_ref     ? 
_exptl_crystal_grow.temp            293 
_exptl_crystal_grow.temp_details    ? 
_exptl_crystal_grow.temp_esd        ? 
_exptl_crystal_grow.time            ? 
_exptl_crystal_grow.pdbx_details    '2.0 M Li2SO4, 50 mM sodium cacodylate pH 6.5, 10 mM spermine, 15 mM MgCl2' 
_exptl_crystal_grow.pdbx_pH_range   ? 
# 
_diffrn.ambient_environment              ? 
_diffrn.ambient_temp                     100 
_diffrn.ambient_temp_details             ? 
_diffrn.ambient_temp_esd                 ? 
_diffrn.crystal_id                       1 
_diffrn.crystal_support                  ? 
_diffrn.crystal_treatment                ? 
_diffrn.details                          ? 
_diffrn.id                               1 
_diffrn.ambient_pressure                 ? 
_diffrn.ambient_pressure_esd             ? 
_diffrn.ambient_pressure_gt              ? 
_diffrn.ambient_pressure_lt              ? 
_diffrn.ambient_temp_gt                  ? 
_diffrn.ambient_temp_lt                  ? 
_diffrn.pdbx_serial_crystal_experiment   N 
# 
_diffrn_detector.details                      ? 
_diffrn_detector.detector                     PIXEL 
_diffrn_detector.diffrn_id                    1 
_diffrn_detector.type                         'DECTRIS PILATUS3 2M' 
_diffrn_detector.area_resol_mean              ? 
_diffrn_detector.dtime                        ? 
_diffrn_detector.pdbx_frames_total            ? 
_diffrn_detector.pdbx_collection_time_total   ? 
_diffrn_detector.pdbx_collection_date         2019-02-02 
_diffrn_detector.pdbx_frequency               ? 
# 
_diffrn_radiation.collimation                      ? 
_diffrn_radiation.diffrn_id                        1 
_diffrn_radiation.filter_edge                      ? 
_diffrn_radiation.inhomogeneity                    ? 
_diffrn_radiation.monochromator                    'DCM Si(111)' 
_diffrn_radiation.polarisn_norm                    ? 
_diffrn_radiation.polarisn_ratio                   ? 
_diffrn_radiation.probe                            ? 
_diffrn_radiation.type                             ? 
_diffrn_radiation.xray_symbol                      ? 
_diffrn_radiation.wavelength_id                    1 
_diffrn_radiation.pdbx_monochromatic_or_laue_m_l   M 
_diffrn_radiation.pdbx_wavelength_list             ? 
_diffrn_radiation.pdbx_wavelength                  ? 
_diffrn_radiation.pdbx_diffrn_protocol             'SINGLE WAVELENGTH' 
_diffrn_radiation.pdbx_analyzer                    ? 
_diffrn_radiation.pdbx_scattering_type             x-ray 
# 
_diffrn_radiation_wavelength.id           1 
_diffrn_radiation_wavelength.wavelength   0.91840 
_diffrn_radiation_wavelength.wt           1.0 
# 
_diffrn_source.current                     ? 
_diffrn_source.details                     ? 
_diffrn_source.diffrn_id                   1 
_diffrn_source.power                       ? 
_diffrn_source.size                        ? 
_diffrn_source.source                      SYNCHROTRON 
_diffrn_source.target                      ? 
_diffrn_source.type                        'BESSY BEAMLINE 14.2' 
_diffrn_source.voltage                     ? 
_diffrn_source.take-off_angle              ? 
_diffrn_source.pdbx_wavelength_list        0.91840 
_diffrn_source.pdbx_wavelength             ? 
_diffrn_source.pdbx_synchrotron_beamline   14.2 
_diffrn_source.pdbx_synchrotron_site       BESSY 
# 
_reflns.B_iso_Wilson_estimate                          52.00 
_reflns.entry_id                                       7OXS 
_reflns.data_reduction_details                         ? 
_reflns.data_reduction_method                          ? 
_reflns.d_resolution_high                              1.91 
_reflns.d_resolution_low                               48.61 
_reflns.details                                        ? 
_reflns.limit_h_max                                    ? 
_reflns.limit_h_min                                    ? 
_reflns.limit_k_max                                    ? 
_reflns.limit_k_min                                    ? 
_reflns.limit_l_max                                    ? 
_reflns.limit_l_min                                    ? 
_reflns.number_all                                     ? 
_reflns.number_obs                                     20931 
_reflns.observed_criterion                             ? 
_reflns.observed_criterion_F_max                       ? 
_reflns.observed_criterion_F_min                       ? 
_reflns.observed_criterion_I_max                       ? 
_reflns.observed_criterion_I_min                       ? 
_reflns.observed_criterion_sigma_F                     ? 
_reflns.observed_criterion_sigma_I                     ? 
_reflns.percent_possible_obs                           99.6 
_reflns.R_free_details                                 ? 
_reflns.Rmerge_F_all                                   ? 
_reflns.Rmerge_F_obs                                   ? 
_reflns.Friedel_coverage                               ? 
_reflns.number_gt                                      ? 
_reflns.threshold_expression                           ? 
_reflns.pdbx_redundancy                                10.3 
_reflns.pdbx_Rmerge_I_obs                              ? 
_reflns.pdbx_Rmerge_I_all                              ? 
_reflns.pdbx_Rsym_value                                ? 
_reflns.pdbx_netI_over_av_sigmaI                       ? 
_reflns.pdbx_netI_over_sigmaI                          31.56 
_reflns.pdbx_res_netI_over_av_sigmaI_2                 ? 
_reflns.pdbx_res_netI_over_sigmaI_2                    ? 
_reflns.pdbx_chi_squared                               ? 
_reflns.pdbx_scaling_rejects                           ? 
_reflns.pdbx_d_res_high_opt                            ? 
_reflns.pdbx_d_res_low_opt                             ? 
_reflns.pdbx_d_res_opt_method                          ? 
_reflns.phase_calculation_details                      ? 
_reflns.pdbx_Rrim_I_all                                0.033 
_reflns.pdbx_Rpim_I_all                                ? 
_reflns.pdbx_d_opt                                     ? 
_reflns.pdbx_number_measured_all                       ? 
_reflns.pdbx_diffrn_id                                 1 
_reflns.pdbx_ordinal                                   1 
_reflns.pdbx_CC_half                                   1.0 
_reflns.pdbx_CC_star                                   ? 
_reflns.pdbx_R_split                                   ? 
_reflns.pdbx_aniso_diffraction_limit_axis_1_ortho[1]   ? 
_reflns.pdbx_aniso_diffraction_limit_axis_1_ortho[2]   ? 
_reflns.pdbx_aniso_diffraction_limit_axis_1_ortho[3]   ? 
_reflns.pdbx_aniso_diffraction_limit_axis_2_ortho[1]   ? 
_reflns.pdbx_aniso_diffraction_limit_axis_2_ortho[2]   ? 
_reflns.pdbx_aniso_diffraction_limit_axis_2_ortho[3]   ? 
_reflns.pdbx_aniso_diffraction_limit_axis_3_ortho[1]   ? 
_reflns.pdbx_aniso_diffraction_limit_axis_3_ortho[2]   ? 
_reflns.pdbx_aniso_diffraction_limit_axis_3_ortho[3]   ? 
_reflns.pdbx_aniso_diffraction_limit_1                 ? 
_reflns.pdbx_aniso_diffraction_limit_2                 ? 
_reflns.pdbx_aniso_diffraction_limit_3                 ? 
_reflns.pdbx_aniso_B_tensor_eigenvector_1_ortho[1]     ? 
_reflns.pdbx_aniso_B_tensor_eigenvector_1_ortho[2]     ? 
_reflns.pdbx_aniso_B_tensor_eigenvector_1_ortho[3]     ? 
_reflns.pdbx_aniso_B_tensor_eigenvector_2_ortho[1]     ? 
_reflns.pdbx_aniso_B_tensor_eigenvector_2_ortho[2]     ? 
_reflns.pdbx_aniso_B_tensor_eigenvector_2_ortho[3]     ? 
_reflns.pdbx_aniso_B_tensor_eigenvector_3_ortho[1]     ? 
_reflns.pdbx_aniso_B_tensor_eigenvector_3_ortho[2]     ? 
_reflns.pdbx_aniso_B_tensor_eigenvector_3_ortho[3]     ? 
_reflns.pdbx_aniso_B_tensor_eigenvalue_1               ? 
_reflns.pdbx_aniso_B_tensor_eigenvalue_2               ? 
_reflns.pdbx_aniso_B_tensor_eigenvalue_3               ? 
_reflns.pdbx_orthogonalization_convention              ? 
_reflns.pdbx_percent_possible_ellipsoidal              ? 
_reflns.pdbx_percent_possible_spherical                ? 
_reflns.pdbx_percent_possible_ellipsoidal_anomalous    ? 
_reflns.pdbx_percent_possible_spherical_anomalous      ? 
_reflns.pdbx_redundancy_anomalous                      ? 
_reflns.pdbx_CC_half_anomalous                         ? 
_reflns.pdbx_absDiff_over_sigma_anomalous              ? 
_reflns.pdbx_percent_possible_anomalous                ? 
_reflns.pdbx_observed_signal_threshold                 ? 
_reflns.pdbx_signal_type                               ? 
_reflns.pdbx_signal_details                            ? 
_reflns.pdbx_signal_software_id                        ? 
# 
_reflns_shell.d_res_high                                    1.91 
_reflns_shell.d_res_low                                     2.02 
_reflns_shell.meanI_over_sigI_all                           ? 
_reflns_shell.meanI_over_sigI_obs                           ? 
_reflns_shell.number_measured_all                           ? 
_reflns_shell.number_measured_obs                           ? 
_reflns_shell.number_possible                               ? 
_reflns_shell.number_unique_all                             ? 
_reflns_shell.number_unique_obs                             3348 
_reflns_shell.percent_possible_all                          97.9 
_reflns_shell.percent_possible_obs                          ? 
_reflns_shell.Rmerge_F_all                                  ? 
_reflns_shell.Rmerge_F_obs                                  ? 
_reflns_shell.Rmerge_I_all                                  ? 
_reflns_shell.Rmerge_I_obs                                  ? 
_reflns_shell.meanI_over_sigI_gt                            ? 
_reflns_shell.meanI_over_uI_all                             ? 
_reflns_shell.meanI_over_uI_gt                              ? 
_reflns_shell.number_measured_gt                            ? 
_reflns_shell.number_unique_gt                              ? 
_reflns_shell.percent_possible_gt                           ? 
_reflns_shell.Rmerge_F_gt                                   ? 
_reflns_shell.Rmerge_I_gt                                   ? 
_reflns_shell.pdbx_redundancy                               2.01 
_reflns_shell.pdbx_Rsym_value                               ? 
_reflns_shell.pdbx_chi_squared                              ? 
_reflns_shell.pdbx_netI_over_sigmaI_all                     ? 
_reflns_shell.pdbx_netI_over_sigmaI_obs                     ? 
_reflns_shell.pdbx_Rrim_I_all                               1.063 
_reflns_shell.pdbx_Rpim_I_all                               ? 
_reflns_shell.pdbx_rejects                                  ? 
_reflns_shell.pdbx_ordinal                                  1 
_reflns_shell.pdbx_diffrn_id                                1 
_reflns_shell.pdbx_CC_half                                  0.757 
_reflns_shell.pdbx_CC_star                                  ? 
_reflns_shell.pdbx_R_split                                  ? 
_reflns_shell.pdbx_percent_possible_ellipsoidal             ? 
_reflns_shell.pdbx_percent_possible_spherical               ? 
_reflns_shell.pdbx_percent_possible_ellipsoidal_anomalous   ? 
_reflns_shell.pdbx_percent_possible_spherical_anomalous     ? 
_reflns_shell.pdbx_redundancy_anomalous                     ? 
_reflns_shell.pdbx_CC_half_anomalous                        ? 
_reflns_shell.pdbx_absDiff_over_sigma_anomalous             ? 
_reflns_shell.pdbx_percent_possible_anomalous               ? 
# 
_refine.aniso_B[1][1]                            ? 
_refine.aniso_B[1][2]                            ? 
_refine.aniso_B[1][3]                            ? 
_refine.aniso_B[2][2]                            ? 
_refine.aniso_B[2][3]                            ? 
_refine.aniso_B[3][3]                            ? 
_refine.B_iso_max                                ? 
_refine.B_iso_mean                               50.51 
_refine.B_iso_min                                ? 
_refine.correlation_coeff_Fo_to_Fc               ? 
_refine.correlation_coeff_Fo_to_Fc_free          ? 
_refine.details                                  ? 
_refine.diff_density_max                         ? 
_refine.diff_density_max_esd                     ? 
_refine.diff_density_min                         ? 
_refine.diff_density_min_esd                     ? 
_refine.diff_density_rms                         ? 
_refine.diff_density_rms_esd                     ? 
_refine.entry_id                                 7OXS 
_refine.pdbx_refine_id                           'X-RAY DIFFRACTION' 
_refine.ls_abs_structure_details                 ? 
_refine.ls_abs_structure_Flack                   ? 
_refine.ls_abs_structure_Flack_esd               ? 
_refine.ls_abs_structure_Rogers                  ? 
_refine.ls_abs_structure_Rogers_esd              ? 
_refine.ls_d_res_high                            1.91 
_refine.ls_d_res_low                             25.42 
_refine.ls_extinction_coef                       ? 
_refine.ls_extinction_coef_esd                   ? 
_refine.ls_extinction_expression                 ? 
_refine.ls_extinction_method                     ? 
_refine.ls_goodness_of_fit_all                   ? 
_refine.ls_goodness_of_fit_all_esd               ? 
_refine.ls_goodness_of_fit_obs                   ? 
_refine.ls_goodness_of_fit_obs_esd               ? 
_refine.ls_hydrogen_treatment                    ? 
_refine.ls_matrix_type                           ? 
_refine.ls_number_constraints                    ? 
_refine.ls_number_parameters                     ? 
_refine.ls_number_reflns_all                     ? 
_refine.ls_number_reflns_obs                     20911 
_refine.ls_number_reflns_R_free                  1852 
_refine.ls_number_reflns_R_work                  19059 
_refine.ls_number_restraints                     ? 
_refine.ls_percent_reflns_obs                    99.58 
_refine.ls_percent_reflns_R_free                 8.86 
_refine.ls_R_factor_all                          ? 
_refine.ls_R_factor_obs                          0.1848 
_refine.ls_R_factor_R_free                       0.1954 
_refine.ls_R_factor_R_free_error                 ? 
_refine.ls_R_factor_R_free_error_details         ? 
_refine.ls_R_factor_R_work                       0.1837 
_refine.ls_R_Fsqd_factor_obs                     ? 
_refine.ls_R_I_factor_obs                        ? 
_refine.ls_redundancy_reflns_all                 ? 
_refine.ls_redundancy_reflns_obs                 ? 
_refine.ls_restrained_S_all                      ? 
_refine.ls_restrained_S_obs                      ? 
_refine.ls_shift_over_esd_max                    ? 
_refine.ls_shift_over_esd_mean                   ? 
_refine.ls_structure_factor_coef                 ? 
_refine.ls_weighting_details                     ? 
_refine.ls_weighting_scheme                      ? 
_refine.ls_wR_factor_all                         ? 
_refine.ls_wR_factor_obs                         ? 
_refine.ls_wR_factor_R_free                      ? 
_refine.ls_wR_factor_R_work                      ? 
_refine.occupancy_max                            ? 
_refine.occupancy_min                            ? 
_refine.solvent_model_details                    'FLAT BULK SOLVENT MODEL' 
_refine.solvent_model_param_bsol                 ? 
_refine.solvent_model_param_ksol                 ? 
_refine.pdbx_R_complete                          ? 
_refine.ls_R_factor_gt                           ? 
_refine.ls_goodness_of_fit_gt                    ? 
_refine.ls_goodness_of_fit_ref                   ? 
_refine.ls_shift_over_su_max                     ? 
_refine.ls_shift_over_su_max_lt                  ? 
_refine.ls_shift_over_su_mean                    ? 
_refine.ls_shift_over_su_mean_lt                 ? 
_refine.pdbx_ls_sigma_I                          ? 
_refine.pdbx_ls_sigma_F                          1.38 
_refine.pdbx_ls_sigma_Fsqd                       ? 
_refine.pdbx_data_cutoff_high_absF               ? 
_refine.pdbx_data_cutoff_high_rms_absF           ? 
_refine.pdbx_data_cutoff_low_absF                ? 
_refine.pdbx_isotropic_thermal_model             ? 
_refine.pdbx_ls_cross_valid_method               'FREE R-VALUE' 
_refine.pdbx_method_to_determine_struct          'MOLECULAR REPLACEMENT' 
_refine.pdbx_starting_model                      7OW0 
_refine.pdbx_stereochemistry_target_values       'GeoStd + Monomer Library + CDL v1.2' 
_refine.pdbx_R_Free_selection_details            ? 
_refine.pdbx_stereochem_target_val_spec_case     ? 
_refine.pdbx_overall_ESU_R                       ? 
_refine.pdbx_overall_ESU_R_Free                  ? 
_refine.pdbx_solvent_vdw_probe_radii             1.1100 
_refine.pdbx_solvent_ion_probe_radii             ? 
_refine.pdbx_solvent_shrinkage_radii             0.9000 
_refine.pdbx_real_space_R                        ? 
_refine.pdbx_density_correlation                 ? 
_refine.pdbx_pd_number_of_powder_patterns        ? 
_refine.pdbx_pd_number_of_points                 ? 
_refine.pdbx_pd_meas_number_of_points            ? 
_refine.pdbx_pd_proc_ls_prof_R_factor            ? 
_refine.pdbx_pd_proc_ls_prof_wR_factor           ? 
_refine.pdbx_pd_Marquardt_correlation_coeff      ? 
_refine.pdbx_pd_Fsqrd_R_factor                   ? 
_refine.pdbx_pd_ls_matrix_band_width             ? 
_refine.pdbx_overall_phase_error                 25.2683 
_refine.pdbx_overall_SU_R_free_Cruickshank_DPI   ? 
_refine.pdbx_overall_SU_R_free_Blow_DPI          ? 
_refine.pdbx_overall_SU_R_Blow_DPI               ? 
_refine.pdbx_TLS_residual_ADP_flag               ? 
_refine.pdbx_diffrn_id                           1 
_refine.overall_SU_B                             ? 
_refine.overall_SU_ML                            0.2640 
_refine.overall_SU_R_Cruickshank_DPI             ? 
_refine.overall_SU_R_free                        ? 
_refine.overall_FOM_free_R_set                   ? 
_refine.overall_FOM_work_R_set                   ? 
_refine.pdbx_average_fsc_overall                 ? 
_refine.pdbx_average_fsc_work                    ? 
_refine.pdbx_average_fsc_free                    ? 
# 
_refine_hist.pdbx_refine_id                   'X-RAY DIFFRACTION' 
_refine_hist.cycle_id                         LAST 
_refine_hist.details                          ? 
_refine_hist.d_res_high                       1.91 
_refine_hist.d_res_low                        25.42 
_refine_hist.number_atoms_solvent             77 
_refine_hist.number_atoms_total               847 
_refine_hist.number_reflns_all                ? 
_refine_hist.number_reflns_obs                ? 
_refine_hist.number_reflns_R_free             ? 
_refine_hist.number_reflns_R_work             ? 
_refine_hist.R_factor_all                     ? 
_refine_hist.R_factor_obs                     ? 
_refine_hist.R_factor_R_free                  ? 
_refine_hist.R_factor_R_work                  ? 
_refine_hist.pdbx_number_residues_total       ? 
_refine_hist.pdbx_B_iso_mean_ligand           ? 
_refine_hist.pdbx_B_iso_mean_solvent          ? 
_refine_hist.pdbx_number_atoms_protein        0 
_refine_hist.pdbx_number_atoms_nucleic_acid   760 
_refine_hist.pdbx_number_atoms_ligand         10 
_refine_hist.pdbx_number_atoms_lipid          ? 
_refine_hist.pdbx_number_atoms_carb           ? 
_refine_hist.pdbx_pseudo_atom_details         ? 
# 
loop_
_refine_ls_restr.pdbx_refine_id 
_refine_ls_restr.criterion 
_refine_ls_restr.dev_ideal 
_refine_ls_restr.dev_ideal_target 
_refine_ls_restr.number 
_refine_ls_restr.rejects 
_refine_ls_restr.type 
_refine_ls_restr.weight 
_refine_ls_restr.pdbx_restraint_function 
'X-RAY DIFFRACTION' ? 0.0079  ? 854  ? f_bond_d           ? ? 
'X-RAY DIFFRACTION' ? 1.1090  ? 1308 ? f_angle_d          ? ? 
'X-RAY DIFFRACTION' ? 0.0455  ? 142  ? f_chiral_restr     ? ? 
'X-RAY DIFFRACTION' ? 0.0041  ? 258  ? f_plane_restr      ? ? 
'X-RAY DIFFRACTION' ? 10.9942 ? 546  ? f_dihedral_angle_d ? ? 
# 
loop_
_refine_ls_shell.pdbx_refine_id 
_refine_ls_shell.d_res_high 
_refine_ls_shell.d_res_low 
_refine_ls_shell.number_reflns_all 
_refine_ls_shell.number_reflns_obs 
_refine_ls_shell.number_reflns_R_free 
_refine_ls_shell.number_reflns_R_work 
_refine_ls_shell.percent_reflns_obs 
_refine_ls_shell.percent_reflns_R_free 
_refine_ls_shell.R_factor_all 
_refine_ls_shell.R_factor_obs 
_refine_ls_shell.R_factor_R_free 
_refine_ls_shell.R_factor_R_free_error 
_refine_ls_shell.R_factor_R_work 
_refine_ls_shell.redundancy_reflns_all 
_refine_ls_shell.redundancy_reflns_obs 
_refine_ls_shell.wR_factor_all 
_refine_ls_shell.wR_factor_obs 
_refine_ls_shell.wR_factor_R_free 
_refine_ls_shell.wR_factor_R_work 
_refine_ls_shell.pdbx_R_complete 
_refine_ls_shell.pdbx_total_number_of_bins_used 
_refine_ls_shell.pdbx_phase_error 
_refine_ls_shell.pdbx_fsc_work 
_refine_ls_shell.pdbx_fsc_free 
'X-RAY DIFFRACTION' 1.91 1.96  . . 139 1415 95.57  . . . 0.2780 . 0.2864 . . . . . . . . . . . 
'X-RAY DIFFRACTION' 1.96 2.01  . . 140 1466 100.00 . . . 0.2945 . 0.2623 . . . . . . . . . . . 
'X-RAY DIFFRACTION' 2.01 2.08  . . 145 1478 100.00 . . . 0.3350 . 0.2399 . . . . . . . . . . . 
'X-RAY DIFFRACTION' 2.08 2.15  . . 144 1484 100.00 . . . 0.2910 . 0.2479 . . . . . . . . . . . 
'X-RAY DIFFRACTION' 2.15 2.24  . . 141 1450 100.00 . . . 0.2801 . 0.2447 . . . . . . . . . . . 
'X-RAY DIFFRACTION' 2.24 2.34  . . 142 1465 99.94  . . . 0.2477 . 0.2284 . . . . . . . . . . . 
'X-RAY DIFFRACTION' 2.34 2.46  . . 144 1477 100.00 . . . 0.2964 . 0.2321 . . . . . . . . . . . 
'X-RAY DIFFRACTION' 2.47 2.62  . . 145 1477 100.00 . . . 0.2800 . 0.2640 . . . . . . . . . . . 
'X-RAY DIFFRACTION' 2.62 2.82  . . 138 1471 100.00 . . . 0.3151 . 0.2870 . . . . . . . . . . . 
'X-RAY DIFFRACTION' 2.82 3.10  . . 145 1462 99.88  . . . 0.2229 . 0.2273 . . . . . . . . . . . 
'X-RAY DIFFRACTION' 3.11 3.55  . . 141 1477 99.32  . . . 0.1770 . 0.1752 . . . . . . . . . . . 
'X-RAY DIFFRACTION' 3.56 4.47  . . 146 1455 100.00 . . . 0.1625 . 0.1495 . . . . . . . . . . . 
'X-RAY DIFFRACTION' 4.48 25.42 . . 142 1482 99.88  . . . 0.1499 . 0.1381 . . . . . . . . . . . 
# 
_struct.entry_id                     7OXS 
_struct.title                        
;1.91 A crystal structure of DNA/2'-O-methyl-RNA heteroduplex
;
_struct.pdbx_model_details           ? 
_struct.pdbx_formula_weight          ? 
_struct.pdbx_formula_weight_method   ? 
_struct.pdbx_model_type_details      ? 
_struct.pdbx_CASP_flag               N 
# 
_struct_keywords.entry_id        7OXS 
_struct_keywords.text            
;DNA, 2'-O-methyl-RNA, heteroduplex, oligonucleotides, DNA-RNA HYBRID
;
_struct_keywords.pdbx_keywords   'DNA-RNA HYBRID' 
# 
loop_
_struct_asym.id 
_struct_asym.pdbx_blank_PDB_chainid_flag 
_struct_asym.pdbx_modified 
_struct_asym.entity_id 
_struct_asym.details 
A N N 1 ? 
B N N 2 ? 
C N N 1 ? 
D N N 2 ? 
E N N 3 ? 
F N N 3 ? 
G N N 4 ? 
H N N 4 ? 
I N N 4 ? 
J N N 4 ? 
# 
loop_
_struct_ref.id 
_struct_ref.db_name 
_struct_ref.db_code 
_struct_ref.pdbx_db_accession 
_struct_ref.pdbx_db_isoform 
_struct_ref.entity_id 
_struct_ref.pdbx_seq_one_letter_code 
_struct_ref.pdbx_align_begin 
1 PDB 7OXS 7OXS ? 1 ? 1 
2 PDB 7OXS 7OXS ? 2 ? 1 
# 
loop_
_struct_ref_seq.align_id 
_struct_ref_seq.ref_id 
_struct_ref_seq.pdbx_PDB_id_code 
_struct_ref_seq.pdbx_strand_id 
_struct_ref_seq.seq_align_beg 
_struct_ref_seq.pdbx_seq_align_beg_ins_code 
_struct_ref_seq.seq_align_end 
_struct_ref_seq.pdbx_seq_align_end_ins_code 
_struct_ref_seq.pdbx_db_accession 
_struct_ref_seq.db_align_beg 
_struct_ref_seq.pdbx_db_align_beg_ins_code 
_struct_ref_seq.db_align_end 
_struct_ref_seq.pdbx_db_align_end_ins_code 
_struct_ref_seq.pdbx_auth_seq_align_beg 
_struct_ref_seq.pdbx_auth_seq_align_end 
1 1 7OXS A 1 ? 9 ? 7OXS 1 ? 9 ? 1 9 
2 2 7OXS B 1 ? 9 ? 7OXS 1 ? 9 ? 1 9 
3 1 7OXS C 1 ? 9 ? 7OXS 1 ? 9 ? 1 9 
4 2 7OXS D 1 ? 9 ? 7OXS 1 ? 9 ? 1 9 
# 
loop_
_pdbx_struct_assembly.id 
_pdbx_struct_assembly.details 
_pdbx_struct_assembly.method_details 
_pdbx_struct_assembly.oligomeric_details 
_pdbx_struct_assembly.oligomeric_count 
1 author_defined_assembly ? dimeric 2 
2 author_defined_assembly ? dimeric 2 
# 
loop_
_pdbx_struct_assembly_gen.assembly_id 
_pdbx_struct_assembly_gen.oper_expression 
_pdbx_struct_assembly_gen.asym_id_list 
1 1 A,B,E,G,H 
2 1 C,D,F,I,J 
# 
_pdbx_struct_assembly_auth_evidence.id                     1 
_pdbx_struct_assembly_auth_evidence.assembly_id            1 
_pdbx_struct_assembly_auth_evidence.experimental_support   none 
_pdbx_struct_assembly_auth_evidence.details                ? 
# 
_pdbx_struct_oper_list.id                   1 
_pdbx_struct_oper_list.type                 'identity operation' 
_pdbx_struct_oper_list.name                 1_555 
_pdbx_struct_oper_list.symmetry_operation   x,y,z 
_pdbx_struct_oper_list.matrix[1][1]         1.0000000000 
_pdbx_struct_oper_list.matrix[1][2]         0.0000000000 
_pdbx_struct_oper_list.matrix[1][3]         0.0000000000 
_pdbx_struct_oper_list.vector[1]            0.0000000000 
_pdbx_struct_oper_list.matrix[2][1]         0.0000000000 
_pdbx_struct_oper_list.matrix[2][2]         1.0000000000 
_pdbx_struct_oper_list.matrix[2][3]         0.0000000000 
_pdbx_struct_oper_list.vector[2]            0.0000000000 
_pdbx_struct_oper_list.matrix[3][1]         0.0000000000 
_pdbx_struct_oper_list.matrix[3][2]         0.0000000000 
_pdbx_struct_oper_list.matrix[3][3]         1.0000000000 
_pdbx_struct_oper_list.vector[3]            0.0000000000 
# 
loop_
_struct_conn.id 
_struct_conn.conn_type_id 
_struct_conn.pdbx_leaving_atom_flag 
_struct_conn.pdbx_PDB_id 
_struct_conn.ptnr1_label_asym_id 
_struct_conn.ptnr1_label_comp_id 
_struct_conn.ptnr1_label_seq_id 
_struct_conn.ptnr1_label_atom_id 
_struct_conn.pdbx_ptnr1_label_alt_id 
_struct_conn.pdbx_ptnr1_PDB_ins_code 
_struct_conn.pdbx_ptnr1_standard_comp_id 
_struct_conn.ptnr1_symmetry 
_struct_conn.ptnr2_label_asym_id 
_struct_conn.ptnr2_label_comp_id 
_struct_conn.ptnr2_label_seq_id 
_struct_conn.ptnr2_label_atom_id 
_struct_conn.pdbx_ptnr2_label_alt_id 
_struct_conn.pdbx_ptnr2_PDB_ins_code 
_struct_conn.ptnr1_auth_asym_id 
_struct_conn.ptnr1_auth_comp_id 
_struct_conn.ptnr1_auth_seq_id 
_struct_conn.ptnr2_auth_asym_id 
_struct_conn.ptnr2_auth_comp_id 
_struct_conn.ptnr2_auth_seq_id 
_struct_conn.ptnr2_symmetry 
_struct_conn.pdbx_ptnr3_label_atom_id 
_struct_conn.pdbx_ptnr3_label_seq_id 
_struct_conn.pdbx_ptnr3_label_comp_id 
_struct_conn.pdbx_ptnr3_label_asym_id 
_struct_conn.pdbx_ptnr3_label_alt_id 
_struct_conn.pdbx_ptnr3_PDB_ins_code 
_struct_conn.details 
_struct_conn.pdbx_dist_value 
_struct_conn.pdbx_value_order 
_struct_conn.pdbx_role 
covale1  covale both ? B OMC 1 "O3'" ? ? ? 1_555 B OMU 2 P  ? ? B OMC 1 B OMU 2 1_555 ? ? ? ? ? ? ?                1.599 ? ? 
covale2  covale both ? B OMU 2 "O3'" ? ? ? 1_555 B A2M 3 P  ? ? B OMU 2 B A2M 3 1_555 ? ? ? ? ? ? ?                1.603 ? ? 
covale3  covale one  ? B A2M 3 "O3'" ? ? ? 1_555 B OMG 4 P  ? ? B A2M 3 B OMG 4 1_555 ? ? ? ? ? ? ?                1.602 ? ? 
covale4  covale both ? B OMG 4 "O3'" ? ? ? 1_555 B OMG 5 P  ? ? B OMG 4 B OMG 5 1_555 ? ? ? ? ? ? ?                1.598 ? ? 
covale5  covale both ? B OMG 5 "O3'" ? ? ? 1_555 B A2M 6 P  ? ? B OMG 5 B A2M 6 1_555 ? ? ? ? ? ? ?                1.601 ? ? 
covale6  covale one  ? B A2M 6 "O3'" ? ? ? 1_555 B OMG 7 P  ? ? B A2M 6 B OMG 7 1_555 ? ? ? ? ? ? ?                1.605 ? ? 
covale7  covale both ? B OMG 7 "O3'" ? ? ? 1_555 B A2M 8 P  ? ? B OMG 7 B A2M 8 1_555 ? ? ? ? ? ? ?                1.595 ? ? 
covale8  covale one  ? B A2M 8 "O3'" ? ? ? 1_555 B OMC 9 P  ? ? B A2M 8 B OMC 9 1_555 ? ? ? ? ? ? ?                1.598 ? ? 
covale9  covale both ? D OMC 1 "O3'" ? ? ? 1_555 D OMU 2 P  ? ? D OMC 1 D OMU 2 1_555 ? ? ? ? ? ? ?                1.618 ? ? 
covale10 covale both ? D OMU 2 "O3'" ? ? ? 1_555 D A2M 3 P  ? ? D OMU 2 D A2M 3 1_555 ? ? ? ? ? ? ?                1.610 ? ? 
covale11 covale one  ? D A2M 3 "O3'" ? ? ? 1_555 D OMG 4 P  ? ? D A2M 3 D OMG 4 1_555 ? ? ? ? ? ? ?                1.598 ? ? 
covale12 covale both ? D OMG 4 "O3'" ? ? ? 1_555 D OMG 5 P  ? ? D OMG 4 D OMG 5 1_555 ? ? ? ? ? ? ?                1.603 ? ? 
covale13 covale both ? D OMG 5 "O3'" ? ? ? 1_555 D A2M 6 P  ? ? D OMG 5 D A2M 6 1_555 ? ? ? ? ? ? ?                1.606 ? ? 
covale14 covale one  ? D A2M 6 "O3'" ? ? ? 1_555 D OMG 7 P  ? ? D A2M 6 D OMG 7 1_555 ? ? ? ? ? ? ?                1.602 ? ? 
covale15 covale both ? D OMG 7 "O3'" ? ? ? 1_555 D A2M 8 P  ? ? D OMG 7 D A2M 8 1_555 ? ? ? ? ? ? ?                1.603 ? ? 
covale16 covale one  ? D A2M 8 "O3'" ? ? ? 1_555 D OMC 9 P  ? ? D A2M 8 D OMC 9 1_555 ? ? ? ? ? ? ?                1.602 ? ? 
hydrog1  hydrog ?    ? A DG  1 N1    ? ? ? 1_555 B OMC 9 N3 ? ? A DG  1 B OMC 9 1_555 ? ? ? ? ? ? WATSON-CRICK     ?     ? ? 
hydrog2  hydrog ?    ? A DG  1 N2    ? ? ? 1_555 B OMC 9 O2 ? ? A DG  1 B OMC 9 1_555 ? ? ? ? ? ? WATSON-CRICK     ?     ? ? 
hydrog3  hydrog ?    ? A DG  1 O6    ? ? ? 1_555 B OMC 9 N4 ? ? A DG  1 B OMC 9 1_555 ? ? ? ? ? ? WATSON-CRICK     ?     ? ? 
hydrog4  hydrog ?    ? A DG  1 N2    ? ? ? 1_555 D OMC 1 O2 ? ? A DG  1 D OMC 1 1_555 ? ? ? ? ? ? 'DG-OMC MISPAIR' ?     ? ? 
hydrog5  hydrog ?    ? A DT  2 N3    ? ? ? 1_555 B A2M 8 N1 ? ? A DT  2 B A2M 8 1_555 ? ? ? ? ? ? WATSON-CRICK     ?     ? ? 
hydrog6  hydrog ?    ? A DT  2 O4    ? ? ? 1_555 B A2M 8 N6 ? ? A DT  2 B A2M 8 1_555 ? ? ? ? ? ? WATSON-CRICK     ?     ? ? 
hydrog7  hydrog ?    ? A DC  3 N3    ? ? ? 1_555 B OMG 7 N1 ? ? A DC  3 B OMG 7 1_555 ? ? ? ? ? ? WATSON-CRICK     ?     ? ? 
hydrog8  hydrog ?    ? A DC  3 N4    ? ? ? 1_555 B OMG 7 O6 ? ? A DC  3 B OMG 7 1_555 ? ? ? ? ? ? WATSON-CRICK     ?     ? ? 
hydrog9  hydrog ?    ? A DC  3 O2    ? ? ? 1_555 B OMG 7 N2 ? ? A DC  3 B OMG 7 1_555 ? ? ? ? ? ? WATSON-CRICK     ?     ? ? 
hydrog10 hydrog ?    ? A DT  4 N3    ? ? ? 1_555 B A2M 6 N1 ? ? A DT  4 B A2M 6 1_555 ? ? ? ? ? ? WATSON-CRICK     ?     ? ? 
hydrog11 hydrog ?    ? A DT  4 O4    ? ? ? 1_555 B A2M 6 N6 ? ? A DT  4 B A2M 6 1_555 ? ? ? ? ? ? WATSON-CRICK     ?     ? ? 
hydrog12 hydrog ?    ? A DC  5 N3    ? ? ? 1_555 B OMG 5 N1 ? ? A DC  5 B OMG 5 1_555 ? ? ? ? ? ? WATSON-CRICK     ?     ? ? 
hydrog13 hydrog ?    ? A DC  5 N4    ? ? ? 1_555 B OMG 5 O6 ? ? A DC  5 B OMG 5 1_555 ? ? ? ? ? ? WATSON-CRICK     ?     ? ? 
hydrog14 hydrog ?    ? A DC  5 O2    ? ? ? 1_555 B OMG 5 N2 ? ? A DC  5 B OMG 5 1_555 ? ? ? ? ? ? WATSON-CRICK     ?     ? ? 
hydrog15 hydrog ?    ? A DC  6 N3    ? ? ? 1_555 B OMG 4 N1 ? ? A DC  6 B OMG 4 1_555 ? ? ? ? ? ? WATSON-CRICK     ?     ? ? 
hydrog16 hydrog ?    ? A DC  6 N4    ? ? ? 1_555 B OMG 4 O6 ? ? A DC  6 B OMG 4 1_555 ? ? ? ? ? ? WATSON-CRICK     ?     ? ? 
hydrog17 hydrog ?    ? A DC  6 O2    ? ? ? 1_555 B OMG 4 N2 ? ? A DC  6 B OMG 4 1_555 ? ? ? ? ? ? WATSON-CRICK     ?     ? ? 
hydrog18 hydrog ?    ? A DT  7 N3    ? ? ? 1_555 B A2M 3 N1 ? ? A DT  7 B A2M 3 1_555 ? ? ? ? ? ? WATSON-CRICK     ?     ? ? 
hydrog19 hydrog ?    ? A DT  7 O4    ? ? ? 1_555 B A2M 3 N6 ? ? A DT  7 B A2M 3 1_555 ? ? ? ? ? ? WATSON-CRICK     ?     ? ? 
hydrog20 hydrog ?    ? A DA  8 N1    ? ? ? 1_555 B OMU 2 N3 ? ? A DA  8 B OMU 2 1_555 ? ? ? ? ? ? WATSON-CRICK     ?     ? ? 
hydrog21 hydrog ?    ? A DA  8 N6    ? ? ? 1_555 B OMU 2 O4 ? ? A DA  8 B OMU 2 1_555 ? ? ? ? ? ? WATSON-CRICK     ?     ? ? 
hydrog22 hydrog ?    ? A DG  9 N1    ? ? ? 1_555 B OMC 1 N3 ? ? A DG  9 B OMC 1 1_555 ? ? ? ? ? ? WATSON-CRICK     ?     ? ? 
hydrog23 hydrog ?    ? A DG  9 N2    ? ? ? 1_555 B OMC 1 O2 ? ? A DG  9 B OMC 1 1_555 ? ? ? ? ? ? WATSON-CRICK     ?     ? ? 
hydrog24 hydrog ?    ? A DG  9 O6    ? ? ? 1_555 B OMC 1 N4 ? ? A DG  9 B OMC 1 1_555 ? ? ? ? ? ? WATSON-CRICK     ?     ? ? 
hydrog25 hydrog ?    ? C DG  1 N1    ? ? ? 1_555 D OMC 9 N3 ? ? C DG  1 D OMC 9 1_555 ? ? ? ? ? ? WATSON-CRICK     ?     ? ? 
hydrog26 hydrog ?    ? C DG  1 N2    ? ? ? 1_555 D OMC 9 O2 ? ? C DG  1 D OMC 9 1_555 ? ? ? ? ? ? WATSON-CRICK     ?     ? ? 
hydrog27 hydrog ?    ? C DG  1 O6    ? ? ? 1_555 D OMC 9 N4 ? ? C DG  1 D OMC 9 1_555 ? ? ? ? ? ? WATSON-CRICK     ?     ? ? 
hydrog28 hydrog ?    ? C DT  2 N3    ? ? ? 1_555 D A2M 8 N1 ? ? C DT  2 D A2M 8 1_555 ? ? ? ? ? ? WATSON-CRICK     ?     ? ? 
hydrog29 hydrog ?    ? C DT  2 O4    ? ? ? 1_555 D A2M 8 N6 ? ? C DT  2 D A2M 8 1_555 ? ? ? ? ? ? WATSON-CRICK     ?     ? ? 
hydrog30 hydrog ?    ? C DC  3 N3    ? ? ? 1_555 D OMG 7 N1 ? ? C DC  3 D OMG 7 1_555 ? ? ? ? ? ? WATSON-CRICK     ?     ? ? 
hydrog31 hydrog ?    ? C DC  3 N4    ? ? ? 1_555 D OMG 7 O6 ? ? C DC  3 D OMG 7 1_555 ? ? ? ? ? ? WATSON-CRICK     ?     ? ? 
hydrog32 hydrog ?    ? C DC  3 O2    ? ? ? 1_555 D OMG 7 N2 ? ? C DC  3 D OMG 7 1_555 ? ? ? ? ? ? WATSON-CRICK     ?     ? ? 
hydrog33 hydrog ?    ? C DT  4 N3    ? ? ? 1_555 D A2M 6 N1 ? ? C DT  4 D A2M 6 1_555 ? ? ? ? ? ? WATSON-CRICK     ?     ? ? 
hydrog34 hydrog ?    ? C DT  4 O4    ? ? ? 1_555 D A2M 6 N6 ? ? C DT  4 D A2M 6 1_555 ? ? ? ? ? ? WATSON-CRICK     ?     ? ? 
hydrog35 hydrog ?    ? C DC  5 N3    ? ? ? 1_555 D OMG 5 N1 ? ? C DC  5 D OMG 5 1_555 ? ? ? ? ? ? WATSON-CRICK     ?     ? ? 
hydrog36 hydrog ?    ? C DC  5 N4    ? ? ? 1_555 D OMG 5 O6 ? ? C DC  5 D OMG 5 1_555 ? ? ? ? ? ? WATSON-CRICK     ?     ? ? 
hydrog37 hydrog ?    ? C DC  5 O2    ? ? ? 1_555 D OMG 5 N2 ? ? C DC  5 D OMG 5 1_555 ? ? ? ? ? ? WATSON-CRICK     ?     ? ? 
hydrog38 hydrog ?    ? C DC  6 N3    ? ? ? 1_555 D OMG 4 N1 ? ? C DC  6 D OMG 4 1_555 ? ? ? ? ? ? WATSON-CRICK     ?     ? ? 
hydrog39 hydrog ?    ? C DC  6 N4    ? ? ? 1_555 D OMG 4 O6 ? ? C DC  6 D OMG 4 1_555 ? ? ? ? ? ? WATSON-CRICK     ?     ? ? 
hydrog40 hydrog ?    ? C DC  6 O2    ? ? ? 1_555 D OMG 4 N2 ? ? C DC  6 D OMG 4 1_555 ? ? ? ? ? ? WATSON-CRICK     ?     ? ? 
hydrog41 hydrog ?    ? C DT  7 N3    ? ? ? 1_555 D A2M 3 N1 ? ? C DT  7 D A2M 3 1_555 ? ? ? ? ? ? WATSON-CRICK     ?     ? ? 
hydrog42 hydrog ?    ? C DT  7 O4    ? ? ? 1_555 D A2M 3 N6 ? ? C DT  7 D A2M 3 1_555 ? ? ? ? ? ? WATSON-CRICK     ?     ? ? 
hydrog43 hydrog ?    ? C DA  8 N1    ? ? ? 1_555 D OMU 2 N3 ? ? C DA  8 D OMU 2 1_555 ? ? ? ? ? ? WATSON-CRICK     ?     ? ? 
hydrog44 hydrog ?    ? C DA  8 N6    ? ? ? 1_555 D OMU 2 O4 ? ? C DA  8 D OMU 2 1_555 ? ? ? ? ? ? WATSON-CRICK     ?     ? ? 
hydrog45 hydrog ?    ? C DG  9 N1    ? ? ? 1_555 D OMC 1 N3 ? ? C DG  9 D OMC 1 1_555 ? ? ? ? ? ? WATSON-CRICK     ?     ? ? 
hydrog46 hydrog ?    ? C DG  9 N2    ? ? ? 1_555 D OMC 1 O2 ? ? C DG  9 D OMC 1 1_555 ? ? ? ? ? ? WATSON-CRICK     ?     ? ? 
hydrog47 hydrog ?    ? C DG  9 O6    ? ? ? 1_555 D OMC 1 N4 ? ? C DG  9 D OMC 1 1_555 ? ? ? ? ? ? WATSON-CRICK     ?     ? ? 
# 
loop_
_struct_conn_type.id 
_struct_conn_type.criteria 
_struct_conn_type.reference 
covale ? ? 
hydrog ? ? 
# 
loop_
_space_group_symop.id 
_space_group_symop.operation_xyz 
1 x,y,z          
2 -y,x-y,z+2/3   
3 -x+y,-x,z+1/3  
4 x-y,-y,-z+1/3  
5 -x,-x+y,-z+2/3 
6 y,x,-z         
# 
_pdbx_entry_details.entry_id                 7OXS 
_pdbx_entry_details.nonpolymer_details       ? 
_pdbx_entry_details.sequence_details         ? 
_pdbx_entry_details.compound_details         ? 
_pdbx_entry_details.source_details           ? 
_pdbx_entry_details.has_ligand_of_interest   Y 
# 
_pdbx_distant_solvent_atoms.id                                1 
_pdbx_distant_solvent_atoms.PDB_model_num                     1 
_pdbx_distant_solvent_atoms.auth_atom_id                      O 
_pdbx_distant_solvent_atoms.label_alt_id                      ? 
_pdbx_distant_solvent_atoms.auth_asym_id                      B 
_pdbx_distant_solvent_atoms.auth_comp_id                      HOH 
_pdbx_distant_solvent_atoms.auth_seq_id                       130 
_pdbx_distant_solvent_atoms.PDB_ins_code                      ? 
_pdbx_distant_solvent_atoms.neighbor_macromolecule_distance   5.82 
_pdbx_distant_solvent_atoms.neighbor_ligand_distance          . 
# 
loop_
_chem_comp_atom.comp_id 
_chem_comp_atom.atom_id 
_chem_comp_atom.type_symbol 
_chem_comp_atom.pdbx_aromatic_flag 
_chem_comp_atom.pdbx_stereo_config 
_chem_comp_atom.pdbx_ordinal 
A2M P      P N N 1   
A2M OP1    O N N 2   
A2M OP3    O N N 3   
A2M "O5'"  O N N 4   
A2M "C5'"  C N N 5   
A2M "C4'"  C N R 6   
A2M "O4'"  O N N 7   
A2M "C3'"  C N R 8   
A2M "O3'"  O N N 9   
A2M "C2'"  C N R 10  
A2M "O2'"  O N N 11  
A2M "C1'"  C N R 12  
A2M "CM'"  C N N 13  
A2M N9     N Y N 14  
A2M C8     C Y N 15  
A2M N7     N Y N 16  
A2M C5     C Y N 17  
A2M C6     C Y N 18  
A2M N6     N N N 19  
A2M N1     N Y N 20  
A2M C2     C Y N 21  
A2M N3     N Y N 22  
A2M C4     C Y N 23  
A2M HOP3   H N N 24  
A2M "H5'"  H N N 25  
A2M "H5''" H N N 26  
A2M "H4'"  H N N 27  
A2M "H3'"  H N N 28  
A2M "HO3'" H N N 29  
A2M "H2'"  H N N 30  
A2M "H1'"  H N N 31  
A2M "HM'1" H N N 32  
A2M "HM'2" H N N 33  
A2M "HM'3" H N N 34  
A2M H8     H N N 35  
A2M H61    H N N 36  
A2M H62    H N N 37  
A2M H2     H N N 38  
A2M OP2    O N N 39  
A2M HOP2   H N N 40  
DA  OP3    O N N 41  
DA  P      P N N 42  
DA  OP1    O N N 43  
DA  OP2    O N N 44  
DA  "O5'"  O N N 45  
DA  "C5'"  C N N 46  
DA  "C4'"  C N R 47  
DA  "O4'"  O N N 48  
DA  "C3'"  C N S 49  
DA  "O3'"  O N N 50  
DA  "C2'"  C N N 51  
DA  "C1'"  C N R 52  
DA  N9     N Y N 53  
DA  C8     C Y N 54  
DA  N7     N Y N 55  
DA  C5     C Y N 56  
DA  C6     C Y N 57  
DA  N6     N N N 58  
DA  N1     N Y N 59  
DA  C2     C Y N 60  
DA  N3     N Y N 61  
DA  C4     C Y N 62  
DA  HOP3   H N N 63  
DA  HOP2   H N N 64  
DA  "H5'"  H N N 65  
DA  "H5''" H N N 66  
DA  "H4'"  H N N 67  
DA  "H3'"  H N N 68  
DA  "HO3'" H N N 69  
DA  "H2'"  H N N 70  
DA  "H2''" H N N 71  
DA  "H1'"  H N N 72  
DA  H8     H N N 73  
DA  H61    H N N 74  
DA  H62    H N N 75  
DA  H2     H N N 76  
DC  OP3    O N N 77  
DC  P      P N N 78  
DC  OP1    O N N 79  
DC  OP2    O N N 80  
DC  "O5'"  O N N 81  
DC  "C5'"  C N N 82  
DC  "C4'"  C N R 83  
DC  "O4'"  O N N 84  
DC  "C3'"  C N S 85  
DC  "O3'"  O N N 86  
DC  "C2'"  C N N 87  
DC  "C1'"  C N R 88  
DC  N1     N N N 89  
DC  C2     C N N 90  
DC  O2     O N N 91  
DC  N3     N N N 92  
DC  C4     C N N 93  
DC  N4     N N N 94  
DC  C5     C N N 95  
DC  C6     C N N 96  
DC  HOP3   H N N 97  
DC  HOP2   H N N 98  
DC  "H5'"  H N N 99  
DC  "H5''" H N N 100 
DC  "H4'"  H N N 101 
DC  "H3'"  H N N 102 
DC  "HO3'" H N N 103 
DC  "H2'"  H N N 104 
DC  "H2''" H N N 105 
DC  "H1'"  H N N 106 
DC  H41    H N N 107 
DC  H42    H N N 108 
DC  H5     H N N 109 
DC  H6     H N N 110 
DG  OP3    O N N 111 
DG  P      P N N 112 
DG  OP1    O N N 113 
DG  OP2    O N N 114 
DG  "O5'"  O N N 115 
DG  "C5'"  C N N 116 
DG  "C4'"  C N R 117 
DG  "O4'"  O N N 118 
DG  "C3'"  C N S 119 
DG  "O3'"  O N N 120 
DG  "C2'"  C N N 121 
DG  "C1'"  C N R 122 
DG  N9     N Y N 123 
DG  C8     C Y N 124 
DG  N7     N Y N 125 
DG  C5     C Y N 126 
DG  C6     C N N 127 
DG  O6     O N N 128 
DG  N1     N N N 129 
DG  C2     C N N 130 
DG  N2     N N N 131 
DG  N3     N N N 132 
DG  C4     C Y N 133 
DG  HOP3   H N N 134 
DG  HOP2   H N N 135 
DG  "H5'"  H N N 136 
DG  "H5''" H N N 137 
DG  "H4'"  H N N 138 
DG  "H3'"  H N N 139 
DG  "HO3'" H N N 140 
DG  "H2'"  H N N 141 
DG  "H2''" H N N 142 
DG  "H1'"  H N N 143 
DG  H8     H N N 144 
DG  H1     H N N 145 
DG  H21    H N N 146 
DG  H22    H N N 147 
DT  OP3    O N N 148 
DT  P      P N N 149 
DT  OP1    O N N 150 
DT  OP2    O N N 151 
DT  "O5'"  O N N 152 
DT  "C5'"  C N N 153 
DT  "C4'"  C N R 154 
DT  "O4'"  O N N 155 
DT  "C3'"  C N S 156 
DT  "O3'"  O N N 157 
DT  "C2'"  C N N 158 
DT  "C1'"  C N R 159 
DT  N1     N N N 160 
DT  C2     C N N 161 
DT  O2     O N N 162 
DT  N3     N N N 163 
DT  C4     C N N 164 
DT  O4     O N N 165 
DT  C5     C N N 166 
DT  C7     C N N 167 
DT  C6     C N N 168 
DT  HOP3   H N N 169 
DT  HOP2   H N N 170 
DT  "H5'"  H N N 171 
DT  "H5''" H N N 172 
DT  "H4'"  H N N 173 
DT  "H3'"  H N N 174 
DT  "HO3'" H N N 175 
DT  "H2'"  H N N 176 
DT  "H2''" H N N 177 
DT  "H1'"  H N N 178 
DT  H3     H N N 179 
DT  H71    H N N 180 
DT  H72    H N N 181 
DT  H73    H N N 182 
DT  H6     H N N 183 
HOH O      O N N 184 
HOH H1     H N N 185 
HOH H2     H N N 186 
OMC N1     N N N 187 
OMC C2     C N N 188 
OMC N3     N N N 189 
OMC C4     C N N 190 
OMC C5     C N N 191 
OMC C6     C N N 192 
OMC O2     O N N 193 
OMC N4     N N N 194 
OMC "C1'"  C N R 195 
OMC "C2'"  C N R 196 
OMC "O2'"  O N N 197 
OMC CM2    C N N 198 
OMC "C3'"  C N R 199 
OMC "C4'"  C N R 200 
OMC "O4'"  O N N 201 
OMC "O3'"  O N N 202 
OMC "C5'"  C N N 203 
OMC "O5'"  O N N 204 
OMC P      P N N 205 
OMC OP1    O N N 206 
OMC OP2    O N N 207 
OMC OP3    O N N 208 
OMC H5     H N N 209 
OMC H6     H N N 210 
OMC HN41   H N N 211 
OMC HN42   H N N 212 
OMC "H1'"  H N N 213 
OMC "H2'"  H N N 214 
OMC HM21   H N N 215 
OMC HM22   H N N 216 
OMC HM23   H N N 217 
OMC "H3'"  H N N 218 
OMC "H4'"  H N N 219 
OMC "HO3'" H N N 220 
OMC "H5'"  H N N 221 
OMC "H5''" H N N 222 
OMC HOP2   H N N 223 
OMC HOP3   H N N 224 
OMG P      P N N 225 
OMG OP1    O N N 226 
OMG OP2    O N N 227 
OMG OP3    O N N 228 
OMG "O5'"  O N N 229 
OMG "C5'"  C N N 230 
OMG "C4'"  C N R 231 
OMG "O4'"  O N N 232 
OMG "C3'"  C N R 233 
OMG "O3'"  O N N 234 
OMG "C2'"  C N R 235 
OMG "O2'"  O N N 236 
OMG CM2    C N N 237 
OMG "C1'"  C N R 238 
OMG N9     N Y N 239 
OMG C8     C Y N 240 
OMG N7     N Y N 241 
OMG C5     C Y N 242 
OMG C6     C N N 243 
OMG O6     O N N 244 
OMG N1     N N N 245 
OMG C2     C N N 246 
OMG N2     N N N 247 
OMG N3     N N N 248 
OMG C4     C Y N 249 
OMG HOP2   H N N 250 
OMG HOP3   H N N 251 
OMG "H5'"  H N N 252 
OMG "H5''" H N N 253 
OMG "H4'"  H N N 254 
OMG "H3'"  H N N 255 
OMG "HO3'" H N N 256 
OMG "H2'"  H N N 257 
OMG HM21   H N N 258 
OMG HM22   H N N 259 
OMG HM23   H N N 260 
OMG "H1'"  H N N 261 
OMG H8     H N N 262 
OMG HN1    H N N 263 
OMG HN21   H N N 264 
OMG HN22   H N N 265 
OMU N1     N N N 266 
OMU C2     C N N 267 
OMU N3     N N N 268 
OMU C4     C N N 269 
OMU C5     C N N 270 
OMU C6     C N N 271 
OMU O2     O N N 272 
OMU O4     O N N 273 
OMU "C1'"  C N R 274 
OMU "C2'"  C N R 275 
OMU "O2'"  O N N 276 
OMU CM2    C N N 277 
OMU "C3'"  C N R 278 
OMU "C4'"  C N R 279 
OMU "O3'"  O N N 280 
OMU "O4'"  O N N 281 
OMU "C5'"  C N N 282 
OMU "O5'"  O N N 283 
OMU P      P N N 284 
OMU OP1    O N N 285 
OMU OP2    O N N 286 
OMU OP3    O N N 287 
OMU HN3    H N N 288 
OMU H5     H N N 289 
OMU H6     H N N 290 
OMU "H1'"  H N N 291 
OMU "H2'"  H N N 292 
OMU HM21   H N N 293 
OMU HM22   H N N 294 
OMU HM23   H N N 295 
OMU "H3'"  H N N 296 
OMU "H4'"  H N N 297 
OMU "HO3'" H N N 298 
OMU "H5'"  H N N 299 
OMU "H5''" H N N 300 
OMU HOP2   H N N 301 
OMU HOP3   H N N 302 
SO4 S      S N N 303 
SO4 O1     O N N 304 
SO4 O2     O N N 305 
SO4 O3     O N N 306 
SO4 O4     O N N 307 
# 
loop_
_chem_comp_bond.comp_id 
_chem_comp_bond.atom_id_1 
_chem_comp_bond.atom_id_2 
_chem_comp_bond.value_order 
_chem_comp_bond.pdbx_aromatic_flag 
_chem_comp_bond.pdbx_stereo_config 
_chem_comp_bond.pdbx_ordinal 
A2M P     OP1    doub N N 1   
A2M P     OP3    sing N N 2   
A2M P     "O5'"  sing N N 3   
A2M OP3   HOP3   sing N N 4   
A2M "O5'" "C5'"  sing N N 5   
A2M "C5'" "C4'"  sing N N 6   
A2M "C5'" "H5'"  sing N N 7   
A2M "C5'" "H5''" sing N N 8   
A2M "C4'" "O4'"  sing N N 9   
A2M "C4'" "C3'"  sing N N 10  
A2M "C4'" "H4'"  sing N N 11  
A2M "O4'" "C1'"  sing N N 12  
A2M "C3'" "O3'"  sing N N 13  
A2M "C3'" "C2'"  sing N N 14  
A2M "C3'" "H3'"  sing N N 15  
A2M "O3'" "HO3'" sing N N 16  
A2M "C2'" "O2'"  sing N N 17  
A2M "C2'" "C1'"  sing N N 18  
A2M "C2'" "H2'"  sing N N 19  
A2M "O2'" "CM'"  sing N N 20  
A2M "C1'" N9     sing N N 21  
A2M "C1'" "H1'"  sing N N 22  
A2M "CM'" "HM'1" sing N N 23  
A2M "CM'" "HM'2" sing N N 24  
A2M "CM'" "HM'3" sing N N 25  
A2M N9    C8     sing Y N 26  
A2M N9    C4     sing Y N 27  
A2M C8    N7     doub Y N 28  
A2M C8    H8     sing N N 29  
A2M N7    C5     sing Y N 30  
A2M C5    C6     sing Y N 31  
A2M C5    C4     doub Y N 32  
A2M C6    N6     sing N N 33  
A2M C6    N1     doub Y N 34  
A2M N6    H61    sing N N 35  
A2M N6    H62    sing N N 36  
A2M N1    C2     sing Y N 37  
A2M C2    N3     doub Y N 38  
A2M C2    H2     sing N N 39  
A2M N3    C4     sing Y N 40  
A2M P     OP2    sing N N 41  
A2M OP2   HOP2   sing N N 42  
DA  OP3   P      sing N N 43  
DA  OP3   HOP3   sing N N 44  
DA  P     OP1    doub N N 45  
DA  P     OP2    sing N N 46  
DA  P     "O5'"  sing N N 47  
DA  OP2   HOP2   sing N N 48  
DA  "O5'" "C5'"  sing N N 49  
DA  "C5'" "C4'"  sing N N 50  
DA  "C5'" "H5'"  sing N N 51  
DA  "C5'" "H5''" sing N N 52  
DA  "C4'" "O4'"  sing N N 53  
DA  "C4'" "C3'"  sing N N 54  
DA  "C4'" "H4'"  sing N N 55  
DA  "O4'" "C1'"  sing N N 56  
DA  "C3'" "O3'"  sing N N 57  
DA  "C3'" "C2'"  sing N N 58  
DA  "C3'" "H3'"  sing N N 59  
DA  "O3'" "HO3'" sing N N 60  
DA  "C2'" "C1'"  sing N N 61  
DA  "C2'" "H2'"  sing N N 62  
DA  "C2'" "H2''" sing N N 63  
DA  "C1'" N9     sing N N 64  
DA  "C1'" "H1'"  sing N N 65  
DA  N9    C8     sing Y N 66  
DA  N9    C4     sing Y N 67  
DA  C8    N7     doub Y N 68  
DA  C8    H8     sing N N 69  
DA  N7    C5     sing Y N 70  
DA  C5    C6     sing Y N 71  
DA  C5    C4     doub Y N 72  
DA  C6    N6     sing N N 73  
DA  C6    N1     doub Y N 74  
DA  N6    H61    sing N N 75  
DA  N6    H62    sing N N 76  
DA  N1    C2     sing Y N 77  
DA  C2    N3     doub Y N 78  
DA  C2    H2     sing N N 79  
DA  N3    C4     sing Y N 80  
DC  OP3   P      sing N N 81  
DC  OP3   HOP3   sing N N 82  
DC  P     OP1    doub N N 83  
DC  P     OP2    sing N N 84  
DC  P     "O5'"  sing N N 85  
DC  OP2   HOP2   sing N N 86  
DC  "O5'" "C5'"  sing N N 87  
DC  "C5'" "C4'"  sing N N 88  
DC  "C5'" "H5'"  sing N N 89  
DC  "C5'" "H5''" sing N N 90  
DC  "C4'" "O4'"  sing N N 91  
DC  "C4'" "C3'"  sing N N 92  
DC  "C4'" "H4'"  sing N N 93  
DC  "O4'" "C1'"  sing N N 94  
DC  "C3'" "O3'"  sing N N 95  
DC  "C3'" "C2'"  sing N N 96  
DC  "C3'" "H3'"  sing N N 97  
DC  "O3'" "HO3'" sing N N 98  
DC  "C2'" "C1'"  sing N N 99  
DC  "C2'" "H2'"  sing N N 100 
DC  "C2'" "H2''" sing N N 101 
DC  "C1'" N1     sing N N 102 
DC  "C1'" "H1'"  sing N N 103 
DC  N1    C2     sing N N 104 
DC  N1    C6     sing N N 105 
DC  C2    O2     doub N N 106 
DC  C2    N3     sing N N 107 
DC  N3    C4     doub N N 108 
DC  C4    N4     sing N N 109 
DC  C4    C5     sing N N 110 
DC  N4    H41    sing N N 111 
DC  N4    H42    sing N N 112 
DC  C5    C6     doub N N 113 
DC  C5    H5     sing N N 114 
DC  C6    H6     sing N N 115 
DG  OP3   P      sing N N 116 
DG  OP3   HOP3   sing N N 117 
DG  P     OP1    doub N N 118 
DG  P     OP2    sing N N 119 
DG  P     "O5'"  sing N N 120 
DG  OP2   HOP2   sing N N 121 
DG  "O5'" "C5'"  sing N N 122 
DG  "C5'" "C4'"  sing N N 123 
DG  "C5'" "H5'"  sing N N 124 
DG  "C5'" "H5''" sing N N 125 
DG  "C4'" "O4'"  sing N N 126 
DG  "C4'" "C3'"  sing N N 127 
DG  "C4'" "H4'"  sing N N 128 
DG  "O4'" "C1'"  sing N N 129 
DG  "C3'" "O3'"  sing N N 130 
DG  "C3'" "C2'"  sing N N 131 
DG  "C3'" "H3'"  sing N N 132 
DG  "O3'" "HO3'" sing N N 133 
DG  "C2'" "C1'"  sing N N 134 
DG  "C2'" "H2'"  sing N N 135 
DG  "C2'" "H2''" sing N N 136 
DG  "C1'" N9     sing N N 137 
DG  "C1'" "H1'"  sing N N 138 
DG  N9    C8     sing Y N 139 
DG  N9    C4     sing Y N 140 
DG  C8    N7     doub Y N 141 
DG  C8    H8     sing N N 142 
DG  N7    C5     sing Y N 143 
DG  C5    C6     sing N N 144 
DG  C5    C4     doub Y N 145 
DG  C6    O6     doub N N 146 
DG  C6    N1     sing N N 147 
DG  N1    C2     sing N N 148 
DG  N1    H1     sing N N 149 
DG  C2    N2     sing N N 150 
DG  C2    N3     doub N N 151 
DG  N2    H21    sing N N 152 
DG  N2    H22    sing N N 153 
DG  N3    C4     sing N N 154 
DT  OP3   P      sing N N 155 
DT  OP3   HOP3   sing N N 156 
DT  P     OP1    doub N N 157 
DT  P     OP2    sing N N 158 
DT  P     "O5'"  sing N N 159 
DT  OP2   HOP2   sing N N 160 
DT  "O5'" "C5'"  sing N N 161 
DT  "C5'" "C4'"  sing N N 162 
DT  "C5'" "H5'"  sing N N 163 
DT  "C5'" "H5''" sing N N 164 
DT  "C4'" "O4'"  sing N N 165 
DT  "C4'" "C3'"  sing N N 166 
DT  "C4'" "H4'"  sing N N 167 
DT  "O4'" "C1'"  sing N N 168 
DT  "C3'" "O3'"  sing N N 169 
DT  "C3'" "C2'"  sing N N 170 
DT  "C3'" "H3'"  sing N N 171 
DT  "O3'" "HO3'" sing N N 172 
DT  "C2'" "C1'"  sing N N 173 
DT  "C2'" "H2'"  sing N N 174 
DT  "C2'" "H2''" sing N N 175 
DT  "C1'" N1     sing N N 176 
DT  "C1'" "H1'"  sing N N 177 
DT  N1    C2     sing N N 178 
DT  N1    C6     sing N N 179 
DT  C2    O2     doub N N 180 
DT  C2    N3     sing N N 181 
DT  N3    C4     sing N N 182 
DT  N3    H3     sing N N 183 
DT  C4    O4     doub N N 184 
DT  C4    C5     sing N N 185 
DT  C5    C7     sing N N 186 
DT  C5    C6     doub N N 187 
DT  C7    H71    sing N N 188 
DT  C7    H72    sing N N 189 
DT  C7    H73    sing N N 190 
DT  C6    H6     sing N N 191 
HOH O     H1     sing N N 192 
HOH O     H2     sing N N 193 
OMC N1    C2     sing N N 194 
OMC N1    C6     sing N N 195 
OMC N1    "C1'"  sing N N 196 
OMC C2    N3     sing N N 197 
OMC C2    O2     doub N N 198 
OMC N3    C4     doub N N 199 
OMC C4    C5     sing N N 200 
OMC C4    N4     sing N N 201 
OMC C5    C6     doub N N 202 
OMC C5    H5     sing N N 203 
OMC C6    H6     sing N N 204 
OMC N4    HN41   sing N N 205 
OMC N4    HN42   sing N N 206 
OMC "C1'" "C2'"  sing N N 207 
OMC "C1'" "O4'"  sing N N 208 
OMC "C1'" "H1'"  sing N N 209 
OMC "C2'" "O2'"  sing N N 210 
OMC "C2'" "C3'"  sing N N 211 
OMC "C2'" "H2'"  sing N N 212 
OMC "O2'" CM2    sing N N 213 
OMC CM2   HM21   sing N N 214 
OMC CM2   HM22   sing N N 215 
OMC CM2   HM23   sing N N 216 
OMC "C3'" "C4'"  sing N N 217 
OMC "C3'" "O3'"  sing N N 218 
OMC "C3'" "H3'"  sing N N 219 
OMC "C4'" "O4'"  sing N N 220 
OMC "C4'" "C5'"  sing N N 221 
OMC "C4'" "H4'"  sing N N 222 
OMC "O3'" "HO3'" sing N N 223 
OMC "C5'" "O5'"  sing N N 224 
OMC "C5'" "H5'"  sing N N 225 
OMC "C5'" "H5''" sing N N 226 
OMC "O5'" P      sing N N 227 
OMC P     OP1    doub N N 228 
OMC P     OP2    sing N N 229 
OMC P     OP3    sing N N 230 
OMC OP2   HOP2   sing N N 231 
OMC OP3   HOP3   sing N N 232 
OMG P     OP1    doub N N 233 
OMG P     OP2    sing N N 234 
OMG P     OP3    sing N N 235 
OMG P     "O5'"  sing N N 236 
OMG OP2   HOP2   sing N N 237 
OMG OP3   HOP3   sing N N 238 
OMG "O5'" "C5'"  sing N N 239 
OMG "C5'" "C4'"  sing N N 240 
OMG "C5'" "H5'"  sing N N 241 
OMG "C5'" "H5''" sing N N 242 
OMG "C4'" "O4'"  sing N N 243 
OMG "C4'" "C3'"  sing N N 244 
OMG "C4'" "H4'"  sing N N 245 
OMG "O4'" "C1'"  sing N N 246 
OMG "C3'" "O3'"  sing N N 247 
OMG "C3'" "C2'"  sing N N 248 
OMG "C3'" "H3'"  sing N N 249 
OMG "O3'" "HO3'" sing N N 250 
OMG "C2'" "O2'"  sing N N 251 
OMG "C2'" "C1'"  sing N N 252 
OMG "C2'" "H2'"  sing N N 253 
OMG "O2'" CM2    sing N N 254 
OMG CM2   HM21   sing N N 255 
OMG CM2   HM22   sing N N 256 
OMG CM2   HM23   sing N N 257 
OMG "C1'" N9     sing N N 258 
OMG "C1'" "H1'"  sing N N 259 
OMG N9    C8     sing Y N 260 
OMG N9    C4     sing Y N 261 
OMG C8    N7     doub Y N 262 
OMG C8    H8     sing N N 263 
OMG N7    C5     sing Y N 264 
OMG C5    C6     sing N N 265 
OMG C5    C4     doub Y N 266 
OMG C6    O6     doub N N 267 
OMG C6    N1     sing N N 268 
OMG N1    C2     sing N N 269 
OMG N1    HN1    sing N N 270 
OMG C2    N2     sing N N 271 
OMG C2    N3     doub N N 272 
OMG N2    HN21   sing N N 273 
OMG N2    HN22   sing N N 274 
OMG N3    C4     sing N N 275 
OMU N1    C2     sing N N 276 
OMU N1    C6     sing N N 277 
OMU N1    "C1'"  sing N N 278 
OMU C2    N3     sing N N 279 
OMU C2    O2     doub N N 280 
OMU N3    C4     sing N N 281 
OMU N3    HN3    sing N N 282 
OMU C4    C5     sing N N 283 
OMU C4    O4     doub N N 284 
OMU C5    C6     doub N N 285 
OMU C5    H5     sing N N 286 
OMU C6    H6     sing N N 287 
OMU "C1'" "C2'"  sing N N 288 
OMU "C1'" "O4'"  sing N N 289 
OMU "C1'" "H1'"  sing N N 290 
OMU "C2'" "O2'"  sing N N 291 
OMU "C2'" "C3'"  sing N N 292 
OMU "C2'" "H2'"  sing N N 293 
OMU "O2'" CM2    sing N N 294 
OMU CM2   HM21   sing N N 295 
OMU CM2   HM22   sing N N 296 
OMU CM2   HM23   sing N N 297 
OMU "C3'" "C4'"  sing N N 298 
OMU "C3'" "O3'"  sing N N 299 
OMU "C3'" "H3'"  sing N N 300 
OMU "C4'" "O4'"  sing N N 301 
OMU "C4'" "C5'"  sing N N 302 
OMU "C4'" "H4'"  sing N N 303 
OMU "O3'" "HO3'" sing N N 304 
OMU "C5'" "O5'"  sing N N 305 
OMU "C5'" "H5'"  sing N N 306 
OMU "C5'" "H5''" sing N N 307 
OMU "O5'" P      sing N N 308 
OMU P     OP1    doub N N 309 
OMU P     OP2    sing N N 310 
OMU P     OP3    sing N N 311 
OMU OP2   HOP2   sing N N 312 
OMU OP3   HOP3   sing N N 313 
SO4 S     O1     doub N N 314 
SO4 S     O2     doub N N 315 
SO4 S     O3     sing N N 316 
SO4 S     O4     sing N N 317 
# 
loop_
_ndb_struct_conf_na.entry_id 
_ndb_struct_conf_na.feature 
7OXS 'double helix'        
7OXS 'a-form double helix' 
# 
loop_
_ndb_struct_na_base_pair.model_number 
_ndb_struct_na_base_pair.i_label_asym_id 
_ndb_struct_na_base_pair.i_label_comp_id 
_ndb_struct_na_base_pair.i_label_seq_id 
_ndb_struct_na_base_pair.i_symmetry 
_ndb_struct_na_base_pair.j_label_asym_id 
_ndb_struct_na_base_pair.j_label_comp_id 
_ndb_struct_na_base_pair.j_label_seq_id 
_ndb_struct_na_base_pair.j_symmetry 
_ndb_struct_na_base_pair.shear 
_ndb_struct_na_base_pair.stretch 
_ndb_struct_na_base_pair.stagger 
_ndb_struct_na_base_pair.buckle 
_ndb_struct_na_base_pair.propeller 
_ndb_struct_na_base_pair.opening 
_ndb_struct_na_base_pair.pair_number 
_ndb_struct_na_base_pair.pair_name 
_ndb_struct_na_base_pair.i_auth_asym_id 
_ndb_struct_na_base_pair.i_auth_seq_id 
_ndb_struct_na_base_pair.i_PDB_ins_code 
_ndb_struct_na_base_pair.j_auth_asym_id 
_ndb_struct_na_base_pair.j_auth_seq_id 
_ndb_struct_na_base_pair.j_PDB_ins_code 
_ndb_struct_na_base_pair.hbond_type_28 
_ndb_struct_na_base_pair.hbond_type_12 
1 A DG 1 1_555 B OMC 9 1_555 -0.218 -0.026 0.035  -3.306 -2.890  1.273  1  A_DG1:OMC9_B A 1 ? B 9 ? 19 1 
1 A DT 2 1_555 B A2M 8 1_555 -0.129 -0.121 0.006  1.395  -8.819  -3.015 2  A_DT2:A2M8_B A 2 ? B 8 ? 20 1 
1 A DC 3 1_555 B OMG 7 1_555 0.207  -0.044 0.129  4.590  -10.341 2.547  3  A_DC3:OMG7_B A 3 ? B 7 ? 19 1 
1 A DT 4 1_555 B A2M 6 1_555 -0.121 -0.104 0.030  8.911  -10.617 -0.873 4  A_DT4:A2M6_B A 4 ? B 6 ? 20 1 
1 A DC 5 1_555 B OMG 5 1_555 0.389  -0.110 -0.048 5.279  -11.463 1.528  5  A_DC5:OMG5_B A 5 ? B 5 ? 19 1 
1 A DC 6 1_555 B OMG 4 1_555 0.336  -0.160 -0.051 3.987  -8.158  2.115  6  A_DC6:OMG4_B A 6 ? B 4 ? 19 1 
1 A DT 7 1_555 B A2M 3 1_555 0.010  -0.143 0.030  2.903  -10.617 5.598  7  A_DT7:A2M3_B A 7 ? B 3 ? 20 1 
1 A DA 8 1_555 B OMU 2 1_555 0.109  -0.118 -0.047 9.743  -6.671  1.126  8  A_DA8:OMU2_B A 8 ? B 2 ? 20 1 
1 A DG 9 1_555 B OMC 1 1_555 -0.069 -0.145 -0.014 2.990  -9.542  1.260  9  A_DG9:OMC1_B A 9 ? B 1 ? 19 1 
1 C DG 1 1_555 D OMC 9 1_555 -0.495 -0.099 0.285  -3.363 -7.830  -0.436 10 C_DG1:OMC9_D C 1 ? D 9 ? 19 1 
1 C DT 2 1_555 D A2M 8 1_555 -0.170 -0.181 0.071  1.409  -12.012 0.496  11 C_DT2:A2M8_D C 2 ? D 8 ? 20 1 
1 C DC 3 1_555 D OMG 7 1_555 0.137  -0.153 0.303  1.331  -12.280 2.878  12 C_DC3:OMG7_D C 3 ? D 7 ? 19 1 
1 C DT 4 1_555 D A2M 6 1_555 -0.170 -0.038 -0.235 12.590 -9.325  -0.182 13 C_DT4:A2M6_D C 4 ? D 6 ? 20 1 
1 C DC 5 1_555 D OMG 5 1_555 0.320  -0.122 -0.411 15.138 -14.221 2.564  14 C_DC5:OMG5_D C 5 ? D 5 ? 19 1 
1 C DC 6 1_555 D OMG 4 1_555 0.383  -0.246 -0.202 7.214  -14.468 -0.161 15 C_DC6:OMG4_D C 6 ? D 4 ? 19 1 
1 C DT 7 1_555 D A2M 3 1_555 -0.047 -0.117 0.149  -1.619 -17.259 6.355  16 C_DT7:A2M3_D C 7 ? D 3 ? 20 1 
1 C DA 8 1_555 D OMU 2 1_555 0.024  -0.189 0.210  1.337  -5.143  1.767  17 C_DA8:OMU2_D C 8 ? D 2 ? 20 1 
1 C DG 9 1_555 D OMC 1 1_555 -0.187 0.061  0.436  21.844 -2.797  -0.959 18 C_DG9:OMC1_D C 9 ? D 1 ? 19 1 
# 
loop_
_ndb_struct_na_base_pair_step.model_number 
_ndb_struct_na_base_pair_step.i_label_asym_id_1 
_ndb_struct_na_base_pair_step.i_label_comp_id_1 
_ndb_struct_na_base_pair_step.i_label_seq_id_1 
_ndb_struct_na_base_pair_step.i_symmetry_1 
_ndb_struct_na_base_pair_step.j_label_asym_id_1 
_ndb_struct_na_base_pair_step.j_label_comp_id_1 
_ndb_struct_na_base_pair_step.j_label_seq_id_1 
_ndb_struct_na_base_pair_step.j_symmetry_1 
_ndb_struct_na_base_pair_step.i_label_asym_id_2 
_ndb_struct_na_base_pair_step.i_label_comp_id_2 
_ndb_struct_na_base_pair_step.i_label_seq_id_2 
_ndb_struct_na_base_pair_step.i_symmetry_2 
_ndb_struct_na_base_pair_step.j_label_asym_id_2 
_ndb_struct_na_base_pair_step.j_label_comp_id_2 
_ndb_struct_na_base_pair_step.j_label_seq_id_2 
_ndb_struct_na_base_pair_step.j_symmetry_2 
_ndb_struct_na_base_pair_step.shift 
_ndb_struct_na_base_pair_step.slide 
_ndb_struct_na_base_pair_step.rise 
_ndb_struct_na_base_pair_step.tilt 
_ndb_struct_na_base_pair_step.roll 
_ndb_struct_na_base_pair_step.twist 
_ndb_struct_na_base_pair_step.x_displacement 
_ndb_struct_na_base_pair_step.y_displacement 
_ndb_struct_na_base_pair_step.helical_rise 
_ndb_struct_na_base_pair_step.inclination 
_ndb_struct_na_base_pair_step.tip 
_ndb_struct_na_base_pair_step.helical_twist 
_ndb_struct_na_base_pair_step.step_number 
_ndb_struct_na_base_pair_step.step_name 
_ndb_struct_na_base_pair_step.i_auth_asym_id_1 
_ndb_struct_na_base_pair_step.i_auth_seq_id_1 
_ndb_struct_na_base_pair_step.i_PDB_ins_code_1 
_ndb_struct_na_base_pair_step.j_auth_asym_id_1 
_ndb_struct_na_base_pair_step.j_auth_seq_id_1 
_ndb_struct_na_base_pair_step.j_PDB_ins_code_1 
_ndb_struct_na_base_pair_step.i_auth_asym_id_2 
_ndb_struct_na_base_pair_step.i_auth_seq_id_2 
_ndb_struct_na_base_pair_step.i_PDB_ins_code_2 
_ndb_struct_na_base_pair_step.j_auth_asym_id_2 
_ndb_struct_na_base_pair_step.j_auth_seq_id_2 
_ndb_struct_na_base_pair_step.j_PDB_ins_code_2 
1 A DG 1 1_555 B OMC 9 1_555 A DT 2 1_555 B A2M 8 1_555 -0.662 -1.473 3.199 0.092  4.330  31.755 -3.408 1.215  2.975 7.868  -0.167 
32.042 1  AA_DG1DT2:A2M8OMC9_BB A 1 ? B 9 ? A 2 ? B 8 ? 
1 A DT 2 1_555 B A2M 8 1_555 A DC 3 1_555 B OMG 7 1_555 1.041  -1.373 3.215 -0.269 2.598  35.087 -2.645 -1.761 3.101 4.303  0.445  
35.181 2  AA_DT2DC3:OMG7A2M8_BB A 2 ? B 8 ? A 3 ? B 7 ? 
1 A DC 3 1_555 B OMG 7 1_555 A DT 4 1_555 B A2M 6 1_555 -1.040 -2.138 3.136 -2.590 4.030  25.904 -5.690 1.642  2.865 8.893  5.715  
26.335 3  AA_DC3DT4:A2M6OMG7_BB A 3 ? B 7 ? A 4 ? B 6 ? 
1 A DT 4 1_555 B A2M 6 1_555 A DC 5 1_555 B OMG 5 1_555 0.138  -1.554 3.412 -0.618 3.151  34.920 -3.063 -0.324 3.261 5.237  1.027  
35.063 4  AA_DT4DC5:OMG5A2M6_BB A 4 ? B 6 ? A 5 ? B 5 ? 
1 A DC 5 1_555 B OMG 5 1_555 A DC 6 1_555 B OMG 4 1_555 0.891  -2.342 3.194 2.327  7.624  27.659 -6.242 -1.327 2.536 15.544 -4.743 
28.763 5  AA_DC5DC6:OMG4OMG5_BB A 5 ? B 5 ? A 6 ? B 4 ? 
1 A DC 6 1_555 B OMG 4 1_555 A DT 7 1_555 B A2M 3 1_555 -0.725 -2.243 3.340 -1.654 4.579  24.789 -6.420 1.192  2.926 10.536 3.806  
25.255 6  AA_DC6DT7:A2M3OMG4_BB A 6 ? B 4 ? A 7 ? B 3 ? 
1 A DT 7 1_555 B A2M 3 1_555 A DA 8 1_555 B OMU 2 1_555 -0.615 -1.055 3.065 0.292  12.696 32.934 -3.405 1.054  2.496 21.428 -0.492 
35.234 7  AA_DT7DA8:OMU2A2M3_BB A 7 ? B 3 ? A 8 ? B 2 ? 
1 A DA 8 1_555 B OMU 2 1_555 A DG 9 1_555 B OMC 1 1_555 0.118  -1.212 3.395 -1.666 6.007  33.070 -3.080 -0.477 3.123 10.438 2.895  
33.636 8  AA_DA8DG9:OMC1OMU2_BB A 8 ? B 2 ? A 9 ? B 1 ? 
1 C DG 1 1_555 D OMC 9 1_555 C DT 2 1_555 D A2M 8 1_555 -0.516 -1.405 3.179 -0.640 4.766  33.897 -3.097 0.781  2.969 8.124  1.091  
34.227 9  CC_DG1DT2:A2M8OMC9_DD C 1 ? D 9 ? C 2 ? D 8 ? 
1 C DT 2 1_555 D A2M 8 1_555 C DC 3 1_555 D OMG 7 1_555 0.577  -1.434 3.223 -2.000 4.709  34.262 -3.098 -1.262 2.968 7.939  3.372  
34.631 10 CC_DT2DC3:OMG7A2M8_DD C 2 ? D 8 ? C 3 ? D 7 ? 
1 C DC 3 1_555 D OMG 7 1_555 C DT 4 1_555 D A2M 6 1_555 -1.057 -1.988 2.978 -0.283 5.585  26.957 -5.344 2.162  2.533 11.820 0.600  
27.521 11 CC_DC3DT4:A2M6OMG7_DD C 3 ? D 7 ? C 4 ? D 6 ? 
1 C DT 4 1_555 D A2M 6 1_555 C DC 5 1_555 D OMG 5 1_555 0.022  -1.130 3.235 -0.054 6.079  34.504 -2.755 -0.045 2.999 10.151 0.091  
35.019 12 CC_DT4DC5:OMG5A2M6_DD C 4 ? D 6 ? C 5 ? D 5 ? 
1 C DC 5 1_555 D OMG 5 1_555 C DC 6 1_555 D OMG 4 1_555 -0.226 -1.621 3.463 -1.727 12.119 31.379 -4.729 0.117  2.680 21.414 3.051  
33.627 13 CC_DC5DC6:OMG4OMG5_DD C 5 ? D 5 ? C 6 ? D 4 ? 
1 C DC 6 1_555 D OMG 4 1_555 C DT 7 1_555 D A2M 3 1_555 0.597  -1.455 3.403 1.591  9.938  32.547 -4.044 -0.770 2.873 17.226 -2.758 
34.027 14 CC_DC6DT7:A2M3OMG4_DD C 6 ? D 4 ? C 7 ? D 3 ? 
1 C DT 7 1_555 D A2M 3 1_555 C DA 8 1_555 D OMU 2 1_555 -0.582 -1.499 3.065 -0.311 19.300 28.129 -5.047 0.955  1.719 34.979 0.563  
34.005 15 CC_DT7DA8:OMU2A2M3_DD C 7 ? D 3 ? C 8 ? D 2 ? 
1 C DA 8 1_555 D OMU 2 1_555 C DG 9 1_555 D OMC 1 1_555 -0.497 -0.388 3.114 2.099  14.939 29.970 -2.952 1.183  2.596 26.854 -3.773 
33.474 16 CC_DA8DG9:OMC1OMU2_DD C 8 ? D 2 ? C 9 ? D 1 ? 
# 
loop_
_pdbx_entity_instance_feature.ordinal 
_pdbx_entity_instance_feature.comp_id 
_pdbx_entity_instance_feature.asym_id 
_pdbx_entity_instance_feature.seq_num 
_pdbx_entity_instance_feature.auth_comp_id 
_pdbx_entity_instance_feature.auth_asym_id 
_pdbx_entity_instance_feature.auth_seq_num 
_pdbx_entity_instance_feature.feature_type 
_pdbx_entity_instance_feature.details 
1 A2M ? ? A2M ? ? 'SUBJECT OF INVESTIGATION' ? 
2 OMC ? ? OMC ? ? 'SUBJECT OF INVESTIGATION' ? 
3 OMG ? ? OMG ? ? 'SUBJECT OF INVESTIGATION' ? 
4 OMU ? ? OMU ? ? 'SUBJECT OF INVESTIGATION' ? 
5 SO4 ? ? SO4 ? ? 'SUBJECT OF INVESTIGATION' ? 
# 
_pdbx_initial_refinement_model.id               1 
_pdbx_initial_refinement_model.entity_id_list   ? 
_pdbx_initial_refinement_model.type             'experimental model' 
_pdbx_initial_refinement_model.source_name      PDB 
_pdbx_initial_refinement_model.accession_code   7OW0 
_pdbx_initial_refinement_model.details          ? 
# 
_space_group.name_H-M_alt     'P 32 2 1' 
_space_group.name_Hall        
;P 32 2"
;
_space_group.IT_number        154 
_space_group.crystal_system   trigonal 
_space_group.id               1 
# 
_atom_sites.entry_id                    7OXS 
_atom_sites.Cartn_transf_matrix[1][1]   ? 
_atom_sites.Cartn_transf_matrix[1][2]   ? 
_atom_sites.Cartn_transf_matrix[1][3]   ? 
_atom_sites.Cartn_transf_matrix[2][1]   ? 
_atom_sites.Cartn_transf_matrix[2][2]   ? 
_atom_sites.Cartn_transf_matrix[2][3]   ? 
_atom_sites.Cartn_transf_matrix[3][1]   ? 
_atom_sites.Cartn_transf_matrix[3][2]   ? 
_atom_sites.Cartn_transf_matrix[3][3]   ? 
_atom_sites.Cartn_transf_vector[1]      ? 
_atom_sites.Cartn_transf_vector[2]      ? 
_atom_sites.Cartn_transf_vector[3]      ? 
_atom_sites.fract_transf_matrix[1][1]   0.01598646 
_atom_sites.fract_transf_matrix[1][2]   0.00940500 
_atom_sites.fract_transf_matrix[1][3]   0.00889891 
_atom_sites.fract_transf_matrix[2][1]   -0.00262996 
_atom_sites.fract_transf_matrix[2][2]   0.01814924 
_atom_sites.fract_transf_matrix[2][3]   0.00932177 
_atom_sites.fract_transf_matrix[3][1]   -0.00264174 
_atom_sites.fract_transf_matrix[3][2]   -0.00616904 
_atom_sites.fract_transf_matrix[3][3]   0.01126565 
_atom_sites.fract_transf_vector[1]      0.528353 
_atom_sites.fract_transf_vector[2]      -0.166198 
_atom_sites.fract_transf_vector[3]      -0.010221 
_atom_sites.solution_primary            ? 
_atom_sites.solution_secondary          ? 
_atom_sites.solution_hydrogens          ? 
_atom_sites.special_details             ? 
# 
loop_
_atom_type.symbol 
_atom_type.scat_dispersion_real 
_atom_type.scat_dispersion_imag 
_atom_type.scat_Cromer_Mann_a1 
_atom_type.scat_Cromer_Mann_a2 
_atom_type.scat_Cromer_Mann_a3 
_atom_type.scat_Cromer_Mann_a4 
_atom_type.scat_Cromer_Mann_b1 
_atom_type.scat_Cromer_Mann_b2 
_atom_type.scat_Cromer_Mann_b3 
_atom_type.scat_Cromer_Mann_b4 
_atom_type.scat_Cromer_Mann_c 
_atom_type.scat_source 
_atom_type.scat_dispersion_source 
C ? ? 3.54356 2.42580 ? ? 25.62398 1.50364  ? ? 0.0 
;2-Gaussian fit: Grosse-Kunstleve RW, Sauter NK, Adams PD: Newsletter of the IUCr Commission on Crystallographic Computing 2004, 3, 22-31.
;
? 
N ? ? 4.01032 2.96436 ? ? 19.97189 1.75589  ? ? 0.0 
;2-Gaussian fit: Grosse-Kunstleve RW, Sauter NK, Adams PD: Newsletter of the IUCr Commission on Crystallographic Computing 2004, 3, 22-31.
;
? 
O ? ? 4.49882 3.47563 ? ? 15.80542 1.70748  ? ? 0.0 
;2-Gaussian fit: Grosse-Kunstleve RW, Sauter NK, Adams PD: Newsletter of the IUCr Commission on Crystallographic Computing 2004, 3, 22-31.
;
? 
P ? ? 9.51135 5.44231 ? ? 1.42069  35.72801 ? ? 0.0 
;2-Gaussian fit: Grosse-Kunstleve RW, Sauter NK, Adams PD: Newsletter of the IUCr Commission on Crystallographic Computing 2004, 3, 22-31.
;
? 
S ? ? 9.55732 6.39887 ? ? 1.23737  29.19336 ? ? 0.0 
;2-Gaussian fit: Grosse-Kunstleve RW, Sauter NK, Adams PD: Newsletter of the IUCr Commission on Crystallographic Computing 2004, 3, 22-31.
;
? 
# 
loop_
_atom_site.group_PDB 
_atom_site.id 
_atom_site.type_symbol 
_atom_site.label_atom_id 
_atom_site.label_alt_id 
_atom_site.label_comp_id 
_atom_site.label_asym_id 
_atom_site.label_entity_id 
_atom_site.label_seq_id 
_atom_site.pdbx_PDB_ins_code 
_atom_site.Cartn_x 
_atom_site.Cartn_y 
_atom_site.Cartn_z 
_atom_site.occupancy 
_atom_site.B_iso_or_equiv 
_atom_site.pdbx_formal_charge 
_atom_site.auth_seq_id 
_atom_site.auth_comp_id 
_atom_site.auth_asym_id 
_atom_site.auth_atom_id 
_atom_site.pdbx_PDB_model_num 
ATOM   1   O "O5'" . DG  A 1 1 ? 3.24013   -5.52349  -8.42930  1.000 45.75586 ? 1   DG  A "O5'" 1 
ATOM   2   C "C5'" . DG  A 1 1 ? 4.57675   -5.19510  -8.09428  1.000 48.29798 ? 1   DG  A "C5'" 1 
ATOM   3   C "C4'" . DG  A 1 1 ? 4.64337   -3.81806  -7.45752  1.000 48.13081 ? 1   DG  A "C4'" 1 
ATOM   4   O "O4'" . DG  A 1 1 ? 4.31283   -2.81398  -8.44877  1.000 46.29055 ? 1   DG  A "O4'" 1 
ATOM   5   C "C3'" . DG  A 1 1 ? 3.67890   -3.59208  -6.30381  1.000 43.20688 ? 1   DG  A "C3'" 1 
ATOM   6   O "O3'" . DG  A 1 1 ? 4.30972   -3.98097  -5.05863  1.000 43.24299 ? 1   DG  A "O3'" 1 
ATOM   7   C "C2'" . DG  A 1 1 ? 3.46591   -2.08216  -6.35568  1.000 42.35857 ? 1   DG  A "C2'" 1 
ATOM   8   C "C1'" . DG  A 1 1 ? 3.48955   -1.82076  -7.87188  1.000 43.93998 ? 1   DG  A "C1'" 1 
ATOM   9   N N9    . DG  A 1 1 ? 2.17961   -1.89474  -8.51167  1.000 42.94425 ? 1   DG  A N9    1 
ATOM   10  C C8    . DG  A 1 1 ? 1.72554   -2.86992  -9.36877  1.000 42.30136 ? 1   DG  A C8    1 
ATOM   11  N N7    . DG  A 1 1 ? 0.49235   -2.65577  -9.79750  1.000 42.10064 ? 1   DG  A N7    1 
ATOM   12  C C5    . DG  A 1 1 ? 0.12018   -1.46320  -9.18668  1.000 41.54317 ? 1   DG  A C5    1 
ATOM   13  C C6    . DG  A 1 1 ? -1.08797  -0.72943  -9.27105  1.000 42.60280 ? 1   DG  A C6    1 
ATOM   14  O O6    . DG  A 1 1 ? -2.10932  -1.00163  -9.91145  1.000 39.20300 ? 1   DG  A O6    1 
ATOM   15  N N1    . DG  A 1 1 ? -1.05358  0.41552   -8.48450  1.000 42.68866 ? 1   DG  A N1    1 
ATOM   16  C C2    . DG  A 1 1 ? 0.01057   0.80907   -7.71748  1.000 43.49194 ? 1   DG  A C2    1 
ATOM   17  N N2    . DG  A 1 1 ? -0.14950  1.95849   -7.01708  1.000 43.25047 ? 1   DG  A N2    1 
ATOM   18  N N3    . DG  A 1 1 ? 1.15467   0.13188   -7.63769  1.000 42.75992 ? 1   DG  A N3    1 
ATOM   19  C C4    . DG  A 1 1 ? 1.14004   -0.98227  -8.39039  1.000 43.28307 ? 1   DG  A C4    1 
ATOM   20  P P     . DT  A 1 2 ? 3.45132   -4.55779  -3.83675  1.000 47.83016 ? 2   DT  A P     1 
ATOM   21  O OP1   . DT  A 1 2 ? 4.44007   -5.00979  -2.82880  1.000 44.82250 ? 2   DT  A OP1   1 
ATOM   22  O OP2   . DT  A 1 2 ? 2.38701   -5.47074  -4.28846  1.000 44.49301 ? 2   DT  A OP2   1 
ATOM   23  O "O5'" . DT  A 1 2 ? 2.69958   -3.26622  -3.24694  1.000 45.16580 ? 2   DT  A "O5'" 1 
ATOM   24  C "C5'" . DT  A 1 2 ? 3.43743   -2.26476  -2.56906  1.000 43.95563 ? 2   DT  A "C5'" 1 
ATOM   25  C "C4'" . DT  A 1 2 ? 2.53964   -1.08570  -2.25741  1.000 45.69125 ? 2   DT  A "C4'" 1 
ATOM   26  O "O4'" . DT  A 1 2 ? 2.09893   -0.47080  -3.49155  1.000 42.83927 ? 2   DT  A "O4'" 1 
ATOM   27  C "C3'" . DT  A 1 2 ? 1.24384   -1.43288  -1.53931  1.000 45.30335 ? 2   DT  A "C3'" 1 
ATOM   28  O "O3'" . DT  A 1 2 ? 1.46399   -1.55843  -0.14872  1.000 45.25741 ? 2   DT  A "O3'" 1 
ATOM   29  C "C2'" . DT  A 1 2 ? 0.40399   -0.20121  -1.84887  1.000 43.56040 ? 2   DT  A "C2'" 1 
ATOM   30  C "C1'" . DT  A 1 2 ? 0.76967   0.04983   -3.29948  1.000 44.28257 ? 2   DT  A "C1'" 1 
ATOM   31  N N1    . DT  A 1 2 ? -0.16899  -0.59962  -4.25714  1.000 43.26214 ? 2   DT  A N1    1 
ATOM   32  C C2    . DT  A 1 2 ? -1.37165  0.01736   -4.52668  1.000 43.39525 ? 2   DT  A C2    1 
ATOM   33  O O2    . DT  A 1 2 ? -1.70548  1.05242   -4.00567  1.000 43.71444 ? 2   DT  A O2    1 
ATOM   34  N N3    . DT  A 1 2 ? -2.18404  -0.64032  -5.40884  1.000 41.19751 ? 2   DT  A N3    1 
ATOM   35  C C4    . DT  A 1 2 ? -1.90985  -1.82917  -6.05036  1.000 42.26649 ? 2   DT  A C4    1 
ATOM   36  O O4    . DT  A 1 2 ? -2.68824  -2.33112  -6.84927  1.000 42.49724 ? 2   DT  A O4    1 
ATOM   37  C C5    . DT  A 1 2 ? -0.63132  -2.44306  -5.71868  1.000 43.69007 ? 2   DT  A C5    1 
ATOM   38  C C7    . DT  A 1 2 ? -0.22735  -3.75036  -6.35923  1.000 41.43354 ? 2   DT  A C7    1 
ATOM   39  C C6    . DT  A 1 2 ? 0.16594   -1.80863  -4.83679  1.000 40.65284 ? 2   DT  A C6    1 
ATOM   40  P P     . DC  A 1 3 ? 0.61189   -2.61094  0.69969   1.000 50.65383 ? 3   DC  A P     1 
ATOM   41  O OP1   . DC  A 1 3 ? 1.19015   -2.59080  2.05920   1.000 49.14146 ? 3   DC  A OP1   1 
ATOM   42  O OP2   . DC  A 1 3 ? 0.52150   -3.87929  -0.05410  1.000 47.22310 ? 3   DC  A OP2   1 
ATOM   43  O "O5'" . DC  A 1 3 ? -0.86374  -1.98319  0.73567   1.000 46.39244 ? 3   DC  A "O5'" 1 
ATOM   44  C "C5'" . DC  A 1 3 ? -1.08177  -0.75225  1.44097   1.000 44.44357 ? 3   DC  A "C5'" 1 
ATOM   45  C "C4'" . DC  A 1 3 ? -2.35469  -0.07545  0.97101   1.000 45.38608 ? 3   DC  A "C4'" 1 
ATOM   46  O "O4'" . DC  A 1 3 ? -2.33924  0.10316   -0.46891  1.000 44.87852 ? 3   DC  A "O4'" 1 
ATOM   47  C "C3'" . DC  A 1 3 ? -3.64157  -0.83824  1.23667   1.000 43.10750 ? 3   DC  A "C3'" 1 
ATOM   48  O "O3'" . DC  A 1 3 ? -4.01191  -0.64463  2.57934   1.000 46.51995 ? 3   DC  A "O3'" 1 
ATOM   49  C "C2'" . DC  A 1 3 ? -4.58199  -0.10974  0.28411   1.000 40.21092 ? 3   DC  A "C2'" 1 
ATOM   50  C "C1'" . DC  A 1 3 ? -3.68222  0.09137   -0.94379  1.000 45.99715 ? 3   DC  A "C1'" 1 
ATOM   51  N N1    . DC  A 1 3 ? -3.81523  -1.00955  -1.91319  1.000 43.18319 ? 3   DC  A N1    1 
ATOM   52  C C2    . DC  A 1 3 ? -4.94288  -1.07216  -2.74623  1.000 45.34013 ? 3   DC  A C2    1 
ATOM   53  O O2    . DC  A 1 3 ? -5.80078  -0.18624  -2.67499  1.000 45.94237 ? 3   DC  A O2    1 
ATOM   54  N N3    . DC  A 1 3 ? -5.06842  -2.10695  -3.60371  1.000 43.83223 ? 3   DC  A N3    1 
ATOM   55  C C4    . DC  A 1 3 ? -4.12793  -3.03884  -3.66204  1.000 41.30080 ? 3   DC  A C4    1 
ATOM   56  N N4    . DC  A 1 3 ? -4.28005  -4.02583  -4.56031  1.000 41.38638 ? 3   DC  A N4    1 
ATOM   57  C C5    . DC  A 1 3 ? -2.96601  -2.98825  -2.83640  1.000 41.52514 ? 3   DC  A C5    1 
ATOM   58  C C6    . DC  A 1 3 ? -2.86370  -1.97495  -1.96425  1.000 42.44954 ? 3   DC  A C6    1 
ATOM   59  P P     . DT  A 1 4 ? -5.13077  -1.55108  3.29196   1.000 49.85183 ? 4   DT  A P     1 
ATOM   60  O OP1   . DT  A 1 4 ? -5.15626  -1.11853  4.69910   1.000 52.35276 ? 4   DT  A OP1   1 
ATOM   61  O OP2   . DT  A 1 4 ? -4.91457  -2.96339  2.94862   1.000 47.23925 ? 4   DT  A OP2   1 
ATOM   62  O "O5'" . DT  A 1 4 ? -6.50181  -1.13139  2.55909   1.000 44.32782 ? 4   DT  A "O5'" 1 
ATOM   63  C "C5'" . DT  A 1 4 ? -7.11281  0.13378   2.79874   1.000 45.72035 ? 4   DT  A "C5'" 1 
ATOM   64  C "C4'" . DT  A 1 4 ? -8.42053  0.23903   2.03045   1.000 49.14702 ? 4   DT  A "C4'" 1 
ATOM   65  O "O4'" . DT  A 1 4 ? -8.16586  0.11229   0.60932   1.000 46.40083 ? 4   DT  A "O4'" 1 
ATOM   66  C "C3'" . DT  A 1 4 ? -9.42161  -0.86700  2.31645   1.000 48.14458 ? 4   DT  A "C3'" 1 
ATOM   67  O "O3'" . DT  A 1 4 ? -10.16426 -0.56222  3.44781   1.000 48.81287 ? 4   DT  A "O3'" 1 
ATOM   68  C "C2'" . DT  A 1 4 ? -10.30744 -0.82236  1.07679   1.000 44.87992 ? 4   DT  A "C2'" 1 
ATOM   69  C "C1'" . DT  A 1 4 ? -9.28690  -0.53318  0.00053   1.000 47.01293 ? 4   DT  A "C1'" 1 
ATOM   70  N N1    . DT  A 1 4 ? -8.81602  -1.73309  -0.71225  1.000 43.81057 ? 4   DT  A N1    1 
ATOM   71  C C2    . DT  A 1 4 ? -9.59939  -2.23881  -1.71212  1.000 45.30152 ? 4   DT  A C2    1 
ATOM   72  O O2    . DT  A 1 4 ? -10.67264 -1.75975  -1.99403  1.000 43.34851 ? 4   DT  A O2    1 
ATOM   73  N N3    . DT  A 1 4 ? -9.08394  -3.33542  -2.36285  1.000 39.55224 ? 4   DT  A N3    1 
ATOM   74  C C4    . DT  A 1 4 ? -7.85790  -3.93462  -2.12003  1.000 43.57950 ? 4   DT  A C4    1 
ATOM   75  O O4    . DT  A 1 4 ? -7.45716  -4.89610  -2.76905  1.000 41.62017 ? 4   DT  A O4    1 
ATOM   76  C C5    . DT  A 1 4 ? -7.08682  -3.35907  -1.03612  1.000 43.24972 ? 4   DT  A C5    1 
ATOM   77  C C7    . DT  A 1 4 ? -5.75609  -3.95069  -0.65910  1.000 44.44790 ? 4   DT  A C7    1 
ATOM   78  C C6    . DT  A 1 4 ? -7.59928  -2.29773  -0.38664  1.000 43.32149 ? 4   DT  A C6    1 
ATOM   79  P P     . DC  A 1 5 ? -10.82550 -1.74220  4.30702   1.000 49.62234 ? 5   DC  A P     1 
ATOM   80  O OP1   . DC  A 1 5 ? -11.46258 -1.02906  5.44840   1.000 50.17474 ? 5   DC  A OP1   1 
ATOM   81  O OP2   . DC  A 1 5 ? -9.87161  -2.84416  4.50496   1.000 48.65575 ? 5   DC  A OP2   1 
ATOM   82  O "O5'" . DC  A 1 5 ? -12.01729 -2.31467  3.38408   1.000 48.43486 ? 5   DC  A "O5'" 1 
ATOM   83  C "C5'" . DC  A 1 5 ? -13.06877 -1.44850  2.96559   1.000 50.61515 ? 5   DC  A "C5'" 1 
ATOM   84  C "C4'" . DC  A 1 5 ? -13.97541 -2.14078  1.96115   1.000 48.88079 ? 5   DC  A "C4'" 1 
ATOM   85  O "O4'" . DC  A 1 5 ? -13.28908 -2.29491  0.69620   1.000 49.77707 ? 5   DC  A "O4'" 1 
ATOM   86  C "C3'" . DC  A 1 5 ? -14.39096 -3.53830  2.33632   1.000 47.61153 ? 5   DC  A "C3'" 1 
ATOM   87  O "O3'" . DC  A 1 5 ? -15.50449 -3.47840  3.23892   1.000 48.93785 ? 5   DC  A "O3'" 1 
ATOM   88  C "C2'" . DC  A 1 5 ? -14.79377 -4.10985  0.97513   1.000 45.52801 ? 5   DC  A "C2'" 1 
ATOM   89  C "C1'" . DC  A 1 5 ? -13.72597 -3.49084  0.07008   1.000 50.19219 ? 5   DC  A "C1'" 1 
ATOM   90  N N1    . DC  A 1 5 ? -12.54615 -4.38106  -0.16032  1.000 44.64584 ? 5   DC  A N1    1 
ATOM   91  C C2    . DC  A 1 5 ? -12.62495 -5.34694  -1.16397  1.000 45.60313 ? 5   DC  A C2    1 
ATOM   92  O O2    . DC  A 1 5 ? -13.66558 -5.43147  -1.82948  1.000 42.89245 ? 5   DC  A O2    1 
ATOM   93  N N3    . DC  A 1 5 ? -11.56141 -6.15705  -1.38935  1.000 42.92976 ? 5   DC  A N3    1 
ATOM   94  C C4    . DC  A 1 5 ? -10.46512 -6.04259  -0.64018  1.000 45.13601 ? 5   DC  A C4    1 
ATOM   95  N N4    . DC  A 1 5 ? -9.44197  -6.86596  -0.90609  1.000 43.48566 ? 5   DC  A N4    1 
ATOM   96  C C5    . DC  A 1 5 ? -10.36725 -5.06948  0.41303   1.000 44.48818 ? 5   DC  A C5    1 
ATOM   97  C C6    . DC  A 1 5 ? -11.42324 -4.26407  0.61090   1.000 43.56054 ? 5   DC  A C6    1 
ATOM   98  P P     . DC  A 1 6 ? -15.84723 -4.73584  4.14917   1.000 53.54567 ? 6   DC  A P     1 
ATOM   99  O OP1   . DC  A 1 6 ? -17.10096 -4.40531  4.89952   1.000 57.40560 ? 6   DC  A OP1   1 
ATOM   100 O OP2   . DC  A 1 6 ? -14.59721 -5.20584  4.80186   1.000 46.62136 ? 6   DC  A OP2   1 
ATOM   101 O "O5'" . DC  A 1 6 ? -16.28079 -5.85035  3.06407   1.000 49.67655 ? 6   DC  A "O5'" 1 
ATOM   102 C "C5'" . DC  A 1 6 ? -15.86833 -7.19076  3.21773   1.000 46.36306 ? 6   DC  A "C5'" 1 
ATOM   103 C "C4'" . DC  A 1 6 ? -16.27261 -7.97102  1.97930   1.000 43.97022 ? 6   DC  A "C4'" 1 
ATOM   104 O "O4'" . DC  A 1 6 ? -15.43923 -7.56329  0.85382   1.000 44.36788 ? 6   DC  A "O4'" 1 
ATOM   105 C "C3'" . DC  A 1 6 ? -16.11493 -9.47296  2.07735   1.000 42.85701 ? 6   DC  A "C3'" 1 
ATOM   106 O "O3'" . DC  A 1 6 ? -17.31624 -10.01860 2.61471   1.000 44.01706 ? 6   DC  A "O3'" 1 
ATOM   107 C "C2'" . DC  A 1 6 ? -15.97136 -9.84960  0.60980   1.000 41.05223 ? 6   DC  A "C2'" 1 
ATOM   108 C "C1'" . DC  A 1 6 ? -15.12651 -8.70655  0.07063   1.000 45.10325 ? 6   DC  A "C1'" 1 
ATOM   109 N N1    . DC  A 1 6 ? -13.67630 -8.98208  0.17363   1.000 40.64717 ? 6   DC  A N1    1 
ATOM   110 C C2    . DC  A 1 6 ? -13.11251 -9.94779  -0.66569  1.000 44.25407 ? 6   DC  A C2    1 
ATOM   111 O O2    . DC  A 1 6 ? -13.83864 -10.53913 -1.48420  1.000 41.08342 ? 6   DC  A O2    1 
ATOM   112 N N3    . DC  A 1 6 ? -11.79490 -10.20810 -0.57299  1.000 43.62707 ? 6   DC  A N3    1 
ATOM   113 C C4    . DC  A 1 6 ? -11.04441 -9.56201  0.31681   1.000 43.93901 ? 6   DC  A C4    1 
ATOM   114 N N4    . DC  A 1 6 ? -9.73927  -9.85714  0.34963   1.000 43.54237 ? 6   DC  A N4    1 
ATOM   115 C C5    . DC  A 1 6 ? -11.59499 -8.55933  1.19380   1.000 44.89294 ? 6   DC  A C5    1 
ATOM   116 C C6    . DC  A 1 6 ? -12.91298 -8.31464  1.09443   1.000 42.47570 ? 6   DC  A C6    1 
ATOM   117 P P     . DT  A 1 7 ? -17.34129 -11.41190 3.40764   1.000 47.17660 ? 7   DT  A P     1 
ATOM   118 O OP1   . DT  A 1 7 ? -18.71746 -11.56649 3.91740   1.000 48.41527 ? 7   DT  A OP1   1 
ATOM   119 O OP2   . DT  A 1 7 ? -16.14685 -11.52133 4.28812   1.000 45.18111 ? 7   DT  A OP2   1 
ATOM   120 O "O5'" . DT  A 1 7 ? -17.14155 -12.52218 2.27864   1.000 46.48456 ? 7   DT  A "O5'" 1 
ATOM   121 C "C5'" . DT  A 1 7 ? -18.11049 -12.67787 1.24747   1.000 49.88853 ? 7   DT  A "C5'" 1 
ATOM   122 C "C4'" . DT  A 1 7 ? -17.66375 -13.76665 0.29439   1.000 46.05588 ? 7   DT  A "C4'" 1 
ATOM   123 O "O4'" . DT  A 1 7 ? -16.44885 -13.34896 -0.35729  1.000 45.74323 ? 7   DT  A "O4'" 1 
ATOM   124 C "C3'" . DT  A 1 7 ? -17.32443 -15.08255 0.96799   1.000 48.27858 ? 7   DT  A "C3'" 1 
ATOM   125 O "O3'" . DT  A 1 7 ? -18.48045 -15.88106 1.01834   1.000 50.36063 ? 7   DT  A "O3'" 1 
ATOM   126 C "C2'" . DT  A 1 7 ? -16.29279 -15.69196 0.04151   1.000 49.12729 ? 7   DT  A "C2'" 1 
ATOM   127 C "C1'" . DT  A 1 7 ? -15.61748 -14.46793 -0.55903  1.000 50.09838 ? 7   DT  A "C1'" 1 
ATOM   128 N N1    . DT  A 1 7 ? -14.27474 -14.18587 0.00401   1.000 46.78142 ? 7   DT  A N1    1 
ATOM   129 C C2    . DT  A 1 7 ? -13.22151 -14.92844 -0.46964  1.000 48.77131 ? 7   DT  A C2    1 
ATOM   130 O O2    . DT  A 1 7 ? -13.36032 -15.80051 -1.30362  1.000 45.77028 ? 7   DT  A O2    1 
ATOM   131 N N3    . DT  A 1 7 ? -12.00470 -14.61183 0.05418   1.000 44.24902 ? 7   DT  A N3    1 
ATOM   132 C C4    . DT  A 1 7 ? -11.74189 -13.65086 1.00478   1.000 45.14417 ? 7   DT  A C4    1 
ATOM   133 O O4    . DT  A 1 7 ? -10.60528 -13.42800 1.39982   1.000 44.17344 ? 7   DT  A O4    1 
ATOM   134 C C5    . DT  A 1 7 ? -12.89432 -12.90850 1.48271   1.000 42.90540 ? 7   DT  A C5    1 
ATOM   135 C C7    . DT  A 1 7 ? -12.71698 -11.84413 2.52366   1.000 44.64302 ? 7   DT  A C7    1 
ATOM   136 C C6    . DT  A 1 7 ? -14.10385 -13.21010 0.96499   1.000 43.13326 ? 7   DT  A C6    1 
ATOM   137 P P     . DA  A 1 8 ? -18.58022 -17.07762 2.07318   1.000 55.38405 ? 8   DA  A P     1 
ATOM   138 O OP1   . DA  A 1 8 ? -19.97070 -17.58395 2.01407   1.000 57.86318 ? 8   DA  A OP1   1 
ATOM   139 O OP2   . DA  A 1 8 ? -18.00191 -16.65357 3.36237   1.000 50.24235 ? 8   DA  A OP2   1 
ATOM   140 O "O5'" . DA  A 1 8 ? -17.59258 -18.17321 1.46000   1.000 52.19976 ? 8   DA  A "O5'" 1 
ATOM   141 C "C5'" . DA  A 1 8 ? -17.87844 -18.78876 0.20517   1.000 53.16569 ? 8   DA  A "C5'" 1 
ATOM   142 C "C4'" . DA  A 1 8 ? -16.87717 -19.89735 -0.05753  1.000 52.36621 ? 8   DA  A "C4'" 1 
ATOM   143 O "O4'" . DA  A 1 8 ? -15.54064 -19.33086 -0.08867  1.000 53.31483 ? 8   DA  A "O4'" 1 
ATOM   144 C "C3'" . DA  A 1 8 ? -16.83409 -20.98110 1.01795   1.000 52.69577 ? 8   DA  A "C3'" 1 
ATOM   145 O "O3'" . DA  A 1 8 ? -16.55257 -22.24673 0.41744   1.000 57.58153 ? 8   DA  A "O3'" 1 
ATOM   146 C "C2'" . DA  A 1 8 ? -15.68702 -20.51749 1.91553   1.000 51.16200 ? 8   DA  A "C2'" 1 
ATOM   147 C "C1'" . DA  A 1 8 ? -14.72823 -19.95568 0.88698   1.000 50.62243 ? 8   DA  A "C1'" 1 
ATOM   148 N N9    . DA  A 1 8 ? -13.80953 -18.95492 1.41995   1.000 49.25653 ? 8   DA  A N9    1 
ATOM   149 C C8    . DA  A 1 8 ? -14.14011 -17.80185 2.08983   1.000 49.56637 ? 8   DA  A C8    1 
ATOM   150 N N7    . DA  A 1 8 ? -13.09580 -17.07225 2.43968   1.000 47.08937 ? 8   DA  A N7    1 
ATOM   151 C C5    . DA  A 1 8 ? -12.00995 -17.79816 1.96661   1.000 47.50481 ? 8   DA  A C5    1 
ATOM   152 C C6    . DA  A 1 8 ? -10.62586 -17.56390 2.02528   1.000 47.31366 ? 8   DA  A C6    1 
ATOM   153 N N6    . DA  A 1 8 ? -10.09400 -16.48818 2.62113   1.000 45.42568 ? 8   DA  A N6    1 
ATOM   154 N N1    . DA  A 1 8 ? -9.81030  -18.47317 1.45134   1.000 43.59208 ? 8   DA  A N1    1 
ATOM   155 C C2    . DA  A 1 8 ? -10.35262 -19.55028 0.87029   1.000 49.22619 ? 8   DA  A C2    1 
ATOM   156 N N3    . DA  A 1 8 ? -11.64588 -19.88417 0.75717   1.000 48.94938 ? 8   DA  A N3    1 
ATOM   157 C C4    . DA  A 1 8 ? -12.42745 -18.95802 1.33383   1.000 47.73636 ? 8   DA  A C4    1 
ATOM   158 P P     . DG  A 1 9 ? -16.62278 -23.58277 1.30931   1.000 57.07299 ? 9   DG  A P     1 
ATOM   159 O OP1   . DG  A 1 9 ? -17.14290 -24.66802 0.43533   1.000 64.32050 ? 9   DG  A OP1   1 
ATOM   160 O OP2   . DG  A 1 9 ? -17.27085 -23.22703 2.59135   1.000 54.20151 ? 9   DG  A OP2   1 
ATOM   161 O "O5'" . DG  A 1 9 ? -15.09588 -23.88470 1.69345   1.000 55.29662 ? 9   DG  A "O5'" 1 
ATOM   162 C "C5'" . DG  A 1 9 ? -14.13126 -24.06950 0.68599   1.000 53.74692 ? 9   DG  A "C5'" 1 
ATOM   163 C "C4'" . DG  A 1 9 ? -12.79179 -24.43442 1.30304   1.000 56.91025 ? 9   DG  A "C4'" 1 
ATOM   164 O "O4'" . DG  A 1 9 ? -12.09002 -23.23023 1.70383   1.000 55.41144 ? 9   DG  A "O4'" 1 
ATOM   165 C "C3'" . DG  A 1 9 ? -12.86204 -25.31104 2.55502   1.000 53.92857 ? 9   DG  A "C3'" 1 
ATOM   166 O "O3'" . DG  A 1 9 ? -11.81730 -26.25966 2.51907   1.000 56.18235 ? 9   DG  A "O3'" 1 
ATOM   167 C "C2'" . DG  A 1 9 ? -12.64633 -24.30473 3.68278   1.000 53.32055 ? 9   DG  A "C2'" 1 
ATOM   168 C "C1'" . DG  A 1 9 ? -11.64070 -23.38190 3.02656   1.000 50.64141 ? 9   DG  A "C1'" 1 
ATOM   169 N N9    . DG  A 1 9 ? -11.54216 -22.05578 3.63346   1.000 48.97407 ? 9   DG  A N9    1 
ATOM   170 C C8    . DG  A 1 9 ? -12.56897 -21.20415 3.98390   1.000 47.63604 ? 9   DG  A C8    1 
ATOM   171 N N7    . DG  A 1 9 ? -12.14466 -20.07135 4.50322   1.000 48.14923 ? 9   DG  A N7    1 
ATOM   172 C C5    . DG  A 1 9 ? -10.75552 -20.18799 4.47016   1.000 45.18716 ? 9   DG  A C5    1 
ATOM   173 C C6    . DG  A 1 9 ? -9.75245  -19.28593 4.88971   1.000 46.66740 ? 9   DG  A C6    1 
ATOM   174 O O6    . DG  A 1 9 ? -9.90016  -18.16771 5.40024   1.000 46.73076 ? 9   DG  A O6    1 
ATOM   175 N N1    . DG  A 1 9 ? -8.46079  -19.81042 4.69677   1.000 45.08234 ? 9   DG  A N1    1 
ATOM   176 C C2    . DG  A 1 9 ? -8.19726  -21.04590 4.14567   1.000 46.02322 ? 9   DG  A C2    1 
ATOM   177 N N2    . DG  A 1 9 ? -6.91077  -21.38500 4.02298   1.000 43.44120 ? 9   DG  A N2    1 
ATOM   178 N N3    . DG  A 1 9 ? -9.13781  -21.89668 3.74591   1.000 45.83065 ? 9   DG  A N3    1 
ATOM   179 C C4    . DG  A 1 9 ? -10.38182 -21.40248 3.93848   1.000 47.78534 ? 9   DG  A C4    1 
HETATM 180 N N1    . OMC B 2 1 ? -3.87273  -18.18810 6.01511   1.000 43.91503 ? 1   OMC B N1    1 
HETATM 181 C C2    . OMC B 2 1 ? -4.98434  -18.92917 5.61132   1.000 45.12910 ? 1   OMC B C2    1 
HETATM 182 N N3    . OMC B 2 1 ? -6.21095  -18.32605 5.59550   1.000 40.98159 ? 1   OMC B N3    1 
HETATM 183 C C4    . OMC B 2 1 ? -6.34399  -17.04937 5.99029   1.000 43.67256 ? 1   OMC B C4    1 
HETATM 184 C C5    . OMC B 2 1 ? -5.21351  -16.27124 6.38896   1.000 45.88785 ? 1   OMC B C5    1 
HETATM 185 C C6    . OMC B 2 1 ? -4.01213  -16.87240 6.38530   1.000 44.08895 ? 1   OMC B C6    1 
HETATM 186 O O2    . OMC B 2 1 ? -4.83383  -20.11527 5.33957   1.000 44.36068 ? 1   OMC B O2    1 
HETATM 187 N N4    . OMC B 2 1 ? -7.58124  -16.54348 6.08432   1.000 43.63867 ? 1   OMC B N4    1 
HETATM 188 C "C1'" . OMC B 2 1 ? -2.55093  -18.86397 6.08958   1.000 44.93552 ? 1   OMC B "C1'" 1 
HETATM 189 C "C2'" . OMC B 2 1 ? -1.91750  -19.10781 4.71122   1.000 45.11519 ? 1   OMC B "C2'" 1 
HETATM 190 O "O2'" . OMC B 2 1 ? -0.98247  -20.16801 4.85279   1.000 48.77916 ? 1   OMC B "O2'" 1 
HETATM 191 C CM2   . OMC B 2 1 ? -1.52808  -21.48041 4.74129   1.000 46.65534 ? 1   OMC B CM2   1 
HETATM 192 C "C3'" . OMC B 2 1 ? -1.15029  -17.81708 4.52485   1.000 45.46252 ? 1   OMC B "C3'" 1 
HETATM 193 C "C4'" . OMC B 2 1 ? -0.59132  -17.59277 5.92155   1.000 47.18462 ? 1   OMC B "C4'" 1 
HETATM 194 O "O4'" . OMC B 2 1 ? -1.67496  -18.00372 6.79531   1.000 45.30685 ? 1   OMC B "O4'" 1 
HETATM 195 O "O3'" . OMC B 2 1 ? -0.10607  -17.91980 3.58199   1.000 51.65799 ? 1   OMC B "O3'" 1 
HETATM 196 C "C5'" . OMC B 2 1 ? -0.13591  -16.19342 6.24207   1.000 48.34697 ? 1   OMC B "C5'" 1 
HETATM 197 O "O5'" . OMC B 2 1 ? -1.20542  -15.26493 6.15705   1.000 50.76829 ? 1   OMC B "O5'" 1 
HETATM 198 N N1    . OMU B 2 2 ? -5.00547  -19.68715 1.59020   1.000 45.26719 ? 2   OMU B N1    1 
HETATM 199 C C2    . OMU B 2 2 ? -6.37685  -19.69202 1.39786   1.000 47.22733 ? 2   OMU B C2    1 
HETATM 200 N N3    . OMU B 2 2 ? -7.02519  -18.55417 1.80663   1.000 46.91434 ? 2   OMU B N3    1 
HETATM 201 C C4    . OMU B 2 2 ? -6.44893  -17.42201 2.34141   1.000 45.63474 ? 2   OMU B C4    1 
HETATM 202 C C5    . OMU B 2 2 ? -5.02576  -17.47820 2.48089   1.000 46.94453 ? 2   OMU B C5    1 
HETATM 203 C C6    . OMU B 2 2 ? -4.36227  -18.58772 2.10864   1.000 47.06264 ? 2   OMU B C6    1 
HETATM 204 O O2    . OMU B 2 2 ? -6.96915  -20.60658 0.84558   1.000 46.48130 ? 2   OMU B O2    1 
HETATM 205 O O4    . OMU B 2 2 ? -7.16477  -16.45959 2.64899   1.000 43.53249 ? 2   OMU B O4    1 
HETATM 206 C "C1'" . OMU B 2 2 ? -4.24434  -20.91575 1.24508   1.000 45.86904 ? 2   OMU B "C1'" 1 
HETATM 207 C "C2'" . OMU B 2 2 ? -4.00252  -21.02548 -0.25834  1.000 48.78914 ? 2   OMU B "C2'" 1 
HETATM 208 O "O2'" . OMU B 2 2 ? -3.87228  -22.39596 -0.60396  1.000 50.62515 ? 2   OMU B "O2'" 1 
HETATM 209 C CM2   . OMU B 2 2 ? -5.08367  -23.14541 -0.56032  1.000 48.92321 ? 2   OMU B CM2   1 
HETATM 210 C "C3'" . OMU B 2 2 ? -2.65754  -20.34286 -0.38162  1.000 51.29253 ? 2   OMU B "C3'" 1 
HETATM 211 C "C4'" . OMU B 2 2 ? -1.93106  -20.82927 0.86264   1.000 49.52656 ? 2   OMU B "C4'" 1 
HETATM 212 O "O3'" . OMU B 2 2 ? -1.98194  -20.66047 -1.57678  1.000 53.30447 ? 2   OMU B "O3'" 1 
HETATM 213 O "O4'" . OMU B 2 2 ? -2.97369  -20.85399 1.86912   1.000 48.05331 ? 2   OMU B "O4'" 1 
HETATM 214 C "C5'" . OMU B 2 2 ? -0.79229  -19.96233 1.33271   1.000 48.43731 ? 2   OMU B "C5'" 1 
HETATM 215 O "O5'" . OMU B 2 2 ? -1.21441  -18.61136 1.42463   1.000 50.66252 ? 2   OMU B "O5'" 1 
HETATM 216 P P     . OMU B 2 2 ? -0.30931  -17.47894 2.05826   1.000 52.15156 ? 2   OMU B P     1 
HETATM 217 O OP1   . OMU B 2 2 ? 1.06291   -17.53733 1.45141   1.000 53.11929 ? 2   OMU B OP1   1 
HETATM 218 O OP2   . OMU B 2 2 ? -1.13289  -16.20073 2.00135   1.000 50.73970 ? 2   OMU B OP2   1 
HETATM 219 P P     . A2M B 2 3 ? -1.97364  -19.61741 -2.79437  1.000 54.55247 ? 3   A2M B P     1 
HETATM 220 O OP1   . A2M B 2 3 ? -0.93618  -20.10981 -3.75619  1.000 63.69696 ? 3   A2M B OP1   1 
HETATM 221 O "O5'" . A2M B 2 3 ? -3.46567  -19.70475 -3.38646  1.000 53.91035 ? 3   A2M B "O5'" 1 
HETATM 222 C "C5'" . A2M B 2 3 ? -3.94678  -21.00737 -3.77649  1.000 54.39563 ? 3   A2M B "C5'" 1 
HETATM 223 C "C4'" . A2M B 2 3 ? -5.42277  -20.92504 -4.08151  1.000 55.67660 ? 3   A2M B "C4'" 1 
HETATM 224 O "O4'" . A2M B 2 3 ? -6.18618  -20.80594 -2.85856  1.000 55.72263 ? 3   A2M B "O4'" 1 
HETATM 225 C "C3'" . A2M B 2 3 ? -5.84376  -19.72588 -4.91902  1.000 54.81591 ? 3   A2M B "C3'" 1 
HETATM 226 O "O3'" . A2M B 2 3 ? -5.56709  -19.96875 -6.29314  1.000 59.34152 ? 3   A2M B "O3'" 1 
HETATM 227 C "C2'" . A2M B 2 3 ? -7.33464  -19.72743 -4.60525  1.000 54.92105 ? 3   A2M B "C2'" 1 
HETATM 228 O "O2'" . A2M B 2 3 ? -8.00902  -20.77399 -5.29067  1.000 53.40462 ? 3   A2M B "O2'" 1 
HETATM 229 C "C1'" . A2M B 2 3 ? -7.33393  -20.01318 -3.10398  1.000 52.20214 ? 3   A2M B "C1'" 1 
HETATM 230 C "CM'" . A2M B 2 3 ? -9.42178  -20.73640 -5.16106  1.000 56.61477 ? 3   A2M B "CM'" 1 
HETATM 231 N N9    . A2M B 2 3 ? -7.24638  -18.80489 -2.29433  1.000 49.94054 ? 3   A2M B N9    1 
HETATM 232 C C8    . A2M B 2 3 ? -6.11923  -18.18600 -1.81660  1.000 50.46648 ? 3   A2M B C8    1 
HETATM 233 N N7    . A2M B 2 3 ? -6.35858  -17.09684 -1.12750  1.000 49.70205 ? 3   A2M B N7    1 
HETATM 234 C C5    . A2M B 2 3 ? -7.74390  -16.98534 -1.15606  1.000 46.24739 ? 3   A2M B C5    1 
HETATM 235 C C6    . A2M B 2 3 ? -8.63303  -16.02766 -0.62740  1.000 46.60917 ? 3   A2M B C6    1 
HETATM 236 N N6    . A2M B 2 3 ? -8.24960  -14.95942 0.07601   1.000 46.13218 ? 3   A2M B N6    1 
HETATM 237 N N1    . A2M B 2 3 ? -9.95082  -16.19301 -0.86903  1.000 42.41025 ? 3   A2M B N1    1 
HETATM 238 C C2    . A2M B 2 3 ? -10.34557 -17.24753 -1.58920  1.000 46.60888 ? 3   A2M B C2    1 
HETATM 239 N N3    . A2M B 2 3 ? -9.60368  -18.21711 -2.13025  1.000 49.15946 ? 3   A2M B N3    1 
HETATM 240 C C4    . A2M B 2 3 ? -8.30000  -18.02847 -1.87503  1.000 49.76712 ? 3   A2M B C4    1 
HETATM 241 O OP2   . A2M B 2 3 ? -1.75043  -18.19048 -2.33468  1.000 52.00367 ? 3   A2M B OP2   1 
HETATM 242 P P     . OMG B 2 4 ? -5.57226  -18.75103 -7.33436  1.000 58.19807 ? 4   OMG B P     1 
HETATM 243 O OP1   . OMG B 2 4 ? -5.24018  -19.32143 -8.67273  1.000 64.68994 ? 4   OMG B OP1   1 
HETATM 244 O OP2   . OMG B 2 4 ? -4.74664  -17.59207 -6.84657  1.000 53.77570 ? 4   OMG B OP2   1 
HETATM 245 O "O5'" . OMG B 2 4 ? -7.11289  -18.38502 -7.37931  1.000 57.24342 ? 4   OMG B "O5'" 1 
HETATM 246 C "C5'" . OMG B 2 4 ? -7.55148  -17.06838 -7.61495  1.000 55.59882 ? 4   OMG B "C5'" 1 
HETATM 247 C "C4'" . OMG B 2 4 ? -9.00064  -16.97966 -7.26534  1.000 53.27959 ? 4   OMG B "C4'" 1 
HETATM 248 O "O4'" . OMG B 2 4 ? -9.16004  -17.17346 -5.83946  1.000 53.68134 ? 4   OMG B "O4'" 1 
HETATM 249 C "C3'" . OMG B 2 4 ? -9.66621  -15.64377 -7.54125  1.000 51.18864 ? 4   OMG B "C3'" 1 
HETATM 250 O "O3'" . OMG B 2 4 ? -10.06013 -15.52744 -8.89188  1.000 52.41804 ? 4   OMG B "O3'" 1 
HETATM 251 C "C2'" . OMG B 2 4 ? -10.83286 -15.65102 -6.57052  1.000 47.98785 ? 4   OMG B "C2'" 1 
HETATM 252 O "O2'" . OMG B 2 4 ? -11.87921 -16.47617 -7.08078  1.000 48.01860 ? 4   OMG B "O2'" 1 
HETATM 253 C CM2   . OMG B 2 4 ? -13.08502 -16.45356 -6.32815  1.000 46.89505 ? 4   OMG B CM2   1 
HETATM 254 C "C1'" . OMG B 2 4 ? -10.19011 -16.33285 -5.35446  1.000 49.88564 ? 4   OMG B "C1'" 1 
HETATM 255 N N9    . OMG B 2 4 ? -9.56233  -15.35754 -4.45283  1.000 47.89526 ? 4   OMG B N9    1 
HETATM 256 C C8    . OMG B 2 4 ? -8.22542  -15.24101 -4.15496  1.000 47.58743 ? 4   OMG B C8    1 
HETATM 257 N N7    . OMG B 2 4 ? -7.95830  -14.23591 -3.34159  1.000 48.99033 ? 4   OMG B N7    1 
HETATM 258 C C5    . OMG B 2 4 ? -9.19296  -13.66700 -3.08634  1.000 47.93027 ? 4   OMG B C5    1 
HETATM 259 C C6    . OMG B 2 4 ? -9.55226  -12.58883 -2.25971  1.000 44.16589 ? 4   OMG B C6    1 
HETATM 260 O O6    . OMG B 2 4 ? -8.80214  -11.87607 -1.60070  1.000 43.72654 ? 4   OMG B O6    1 
HETATM 261 N N1    . OMG B 2 4 ? -10.91481 -12.37723 -2.24309  1.000 44.02127 ? 4   OMG B N1    1 
HETATM 262 C C2    . OMG B 2 4 ? -11.83657 -13.10077 -2.94795  1.000 46.13400 ? 4   OMG B C2    1 
HETATM 263 N N2    . OMG B 2 4 ? -13.10885 -12.71063 -2.85453  1.000 42.29499 ? 4   OMG B N2    1 
HETATM 264 N N3    . OMG B 2 4 ? -11.51439 -14.12535 -3.73913  1.000 45.02829 ? 4   OMG B N3    1 
HETATM 265 C C4    . OMG B 2 4 ? -10.19432 -14.35161 -3.76154  1.000 46.74831 ? 4   OMG B C4    1 
HETATM 266 P P     . OMG B 2 5 ? -9.93746  -14.11084 -9.62007  1.000 55.25772 ? 5   OMG B P     1 
HETATM 267 O OP1   . OMG B 2 5 ? -10.16310 -14.44838 -11.07029 1.000 56.85611 ? 5   OMG B OP1   1 
HETATM 268 O OP2   . OMG B 2 5 ? -8.67401  -13.39414 -9.15200  1.000 53.34708 ? 5   OMG B OP2   1 
HETATM 269 O "O5'" . OMG B 2 5 ? -11.20131 -13.29856 -9.08368  1.000 48.88883 ? 5   OMG B "O5'" 1 
HETATM 270 C "C5'" . OMG B 2 5 ? -12.51145 -13.79327 -9.30571  1.000 48.45859 ? 5   OMG B "C5'" 1 
HETATM 271 C "C4'" . OMG B 2 5 ? -13.53916 -12.91002 -8.64976  1.000 48.85399 ? 5   OMG B "C4'" 1 
HETATM 272 O "O4'" . OMG B 2 5 ? -13.44336 -13.01671 -7.19639  1.000 48.11433 ? 5   OMG B "O4'" 1 
HETATM 273 C "C3'" . OMG B 2 5 ? -13.39806 -11.41703 -8.89258  1.000 48.46752 ? 5   OMG B "C3'" 1 
HETATM 274 O "O3'" . OMG B 2 5 ? -13.86397 -11.01284 -10.16636 1.000 49.00106 ? 5   OMG B "O3'" 1 
HETATM 275 C "C2'" . OMG B 2 5 ? -14.22084 -10.85547 -7.75159  1.000 44.88282 ? 5   OMG B "C2'" 1 
HETATM 276 O "O2'" . OMG B 2 5 ? -15.58676 -11.12490 -8.00073  1.000 47.03102 ? 5   OMG B "O2'" 1 
HETATM 277 C CM2   . OMG B 2 5 ? -16.48581 -10.53103 -7.07273  1.000 48.85115 ? 5   OMG B CM2   1 
HETATM 278 C "C1'" . OMG B 2 5 ? -13.77663 -11.76853 -6.61716  1.000 46.12605 ? 5   OMG B "C1'" 1 
HETATM 279 N N9    . OMG B 2 5 ? -12.59211 -11.22751 -5.93046  1.000 44.75532 ? 5   OMG B N9    1 
HETATM 280 C C8    . OMG B 2 5 ? -11.30167 -11.67990 -5.98313  1.000 47.67427 ? 5   OMG B C8    1 
HETATM 281 N N7    . OMG B 2 5 ? -10.48288 -10.98631 -5.22198  1.000 45.71717 ? 5   OMG B N7    1 
HETATM 282 C C5    . OMG B 2 5 ? -11.29165 -10.02452 -4.63805  1.000 43.93735 ? 5   OMG B C5    1 
HETATM 283 C C6    . OMG B 2 5 ? -10.98537 -8.99379  -3.71379  1.000 42.87923 ? 5   OMG B C6    1 
HETATM 284 O O6    . OMG B 2 5 ? -9.88188  -8.72309  -3.24485  1.000 41.81911 ? 5   OMG B O6    1 
HETATM 285 N N1    . OMG B 2 5 ? -12.09851 -8.25019  -3.37086  1.000 43.33813 ? 5   OMG B N1    1 
HETATM 286 C C2    . OMG B 2 5 ? -13.35972 -8.45224  -3.86060  1.000 45.99320 ? 5   OMG B C2    1 
HETATM 287 N N2    . OMG B 2 5 ? -14.31781 -7.60731  -3.45091  1.000 43.05836 ? 5   OMG B N2    1 
HETATM 288 N N3    . OMG B 2 5 ? -13.65941 -9.41997  -4.72747  1.000 44.35951 ? 5   OMG B N3    1 
HETATM 289 C C4    . OMG B 2 5 ? -12.58698 -10.15825 -5.06681  1.000 42.76056 ? 5   OMG B C4    1 
HETATM 290 P P     . A2M B 2 6 ? -13.20060 -9.75347  -10.89908 1.000 47.34455 ? 6   A2M B P     1 
HETATM 291 O OP1   . A2M B 2 6 ? -13.71622 -9.82057  -12.36865 1.000 50.72701 ? 6   A2M B OP1   1 
HETATM 292 O "O5'" . A2M B 2 6 ? -13.81229 -8.46694  -10.16617 1.000 45.29500 ? 6   A2M B "O5'" 1 
HETATM 293 C "C5'" . A2M B 2 6 ? -15.24280 -8.36338  -10.02075 1.000 48.39104 ? 6   A2M B "C5'" 1 
HETATM 294 C "C4'" . A2M B 2 6 ? -15.55787 -7.24561  -9.06141  1.000 44.07574 ? 6   A2M B "C4'" 1 
HETATM 295 O "O4'" . A2M B 2 6 ? -15.07015 -7.57160  -7.74403  1.000 46.88387 ? 6   A2M B "O4'" 1 
HETATM 296 C "C3'" . A2M B 2 6 ? -14.93340 -5.89683  -9.38603  1.000 46.68445 ? 6   A2M B "C3'" 1 
HETATM 297 O "O3'" . A2M B 2 6 ? -15.69199 -5.25558  -10.40604 1.000 46.94310 ? 6   A2M B "O3'" 1 
HETATM 298 C "C2'" . A2M B 2 6 ? -15.06035 -5.23706  -8.01609  1.000 45.25154 ? 6   A2M B "C2'" 1 
HETATM 299 O "O2'" . A2M B 2 6 ? -16.40602 -4.85826  -7.75201  1.000 52.01381 ? 6   A2M B "O2'" 1 
HETATM 300 C "C1'" . A2M B 2 6 ? -14.67556 -6.38176  -7.07779  1.000 45.42105 ? 6   A2M B "C1'" 1 
HETATM 301 C "CM'" . A2M B 2 6 ? -16.69822 -3.47644  -7.93856  1.000 48.82579 ? 6   A2M B "CM'" 1 
HETATM 302 N N9    . A2M B 2 6 ? -13.24013 -6.46385  -6.79997  1.000 42.82734 ? 6   A2M B N9    1 
HETATM 303 C C8    . A2M B 2 6 ? -12.35876 -7.37083  -7.32922  1.000 44.87609 ? 6   A2M B C8    1 
HETATM 304 N N7    . A2M B 2 6 ? -11.13818 -7.26766  -6.86194  1.000 46.33372 ? 6   A2M B N7    1 
HETATM 305 C C5    . A2M B 2 6 ? -11.21686 -6.20834  -5.96655  1.000 43.78111 ? 6   A2M B C5    1 
HETATM 306 C C6    . A2M B 2 6 ? -10.25693 -5.58790  -5.14258  1.000 44.93374 ? 6   A2M B C6    1 
HETATM 307 N N6    . A2M B 2 6 ? -8.96685  -5.95195  -5.08864  1.000 42.04413 ? 6   A2M B N6    1 
HETATM 308 N N1    . A2M B 2 6 ? -10.66510 -4.55820  -4.36936  1.000 42.34262 ? 6   A2M B N1    1 
HETATM 309 C C2    . A2M B 2 6 ? -11.94902 -4.18544  -4.42172  1.000 45.00730 ? 6   A2M B C2    1 
HETATM 310 N N3    . A2M B 2 6 ? -12.93867 -4.68913  -5.16454  1.000 42.85711 ? 6   A2M B N3    1 
HETATM 311 C C4    . A2M B 2 6 ? -12.50604 -5.70331  -5.92102  1.000 41.95393 ? 6   A2M B C4    1 
HETATM 312 O OP2   . A2M B 2 6 ? -11.73377 -9.73912  -10.74930 1.000 46.97829 ? 6   A2M B OP2   1 
HETATM 313 P P     . OMG B 2 7 ? -15.03262 -4.11799  -11.32656 1.000 48.53863 ? 7   OMG B P     1 
HETATM 314 O OP1   . OMG B 2 7 ? -16.15066 -3.64379  -12.28691 1.000 51.62831 ? 7   OMG B OP1   1 
HETATM 315 O OP2   . OMG B 2 7 ? -13.72572 -4.57033  -11.87202 1.000 45.07044 ? 7   OMG B OP2   1 
HETATM 316 O "O5'" . OMG B 2 7 ? -14.77875 -2.93989  -10.29253 1.000 48.73781 ? 7   OMG B "O5'" 1 
HETATM 317 C "C5'" . OMG B 2 7 ? -13.63110 -2.12073  -10.35268 1.000 47.83247 ? 7   OMG B "C5'" 1 
HETATM 318 C "C4'" . OMG B 2 7 ? -13.50998 -1.36334  -9.05724  1.000 47.66976 ? 7   OMG B "C4'" 1 
HETATM 319 O "O4'" . OMG B 2 7 ? -13.14753 -2.28261  -7.99380  1.000 48.11842 ? 7   OMG B "O4'" 1 
HETATM 320 C "C3'" . OMG B 2 7 ? -12.44783 -0.27766  -9.01012  1.000 47.21654 ? 7   OMG B "C3'" 1 
HETATM 321 O "O3'" . OMG B 2 7 ? -12.94735 0.94248   -9.51651  1.000 47.54278 ? 7   OMG B "O3'" 1 
HETATM 322 C "C2'" . OMG B 2 7 ? -12.10958 -0.20027  -7.53044  1.000 46.86076 ? 7   OMG B "C2'" 1 
HETATM 323 O "O2'" . OMG B 2 7 ? -13.10681 0.55022   -6.85131  1.000 48.06077 ? 7   OMG B "O2'" 1 
HETATM 324 C CM2   . OMG B 2 7 ? -12.86716 0.71681   -5.45504  1.000 51.28919 ? 7   OMG B CM2   1 
HETATM 325 C "C1'" . OMG B 2 7 ? -12.23909 -1.66468  -7.10861  1.000 46.26760 ? 7   OMG B "C1'" 1 
HETATM 326 N N9    . OMG B 2 7 ? -10.95934 -2.39164  -7.19935  1.000 44.91681 ? 7   OMG B N9    1 
HETATM 327 C C8    . OMG B 2 7 ? -10.65077 -3.42296  -8.04957  1.000 43.91335 ? 7   OMG B C8    1 
HETATM 328 N N7    . OMG B 2 7 ? -9.42575  -3.87929  -7.88996  1.000 45.70129 ? 7   OMG B N7    1 
HETATM 329 C C5    . OMG B 2 7 ? -8.90133  -3.09924  -6.86798  1.000 46.69890 ? 7   OMG B C5    1 
HETATM 330 C C6    . OMG B 2 7 ? -7.60796  -3.11486  -6.23226  1.000 43.97838 ? 7   OMG B C6    1 
HETATM 331 O O6    . OMG B 2 7 ? -6.64951  -3.85888  -6.47705  1.000 41.68734 ? 7   OMG B O6    1 
HETATM 332 N N1    . OMG B 2 7 ? -7.51495  -2.14964  -5.24625  1.000 40.89357 ? 7   OMG B N1    1 
HETATM 333 C C2    . OMG B 2 7 ? -8.51316  -1.27627  -4.89401  1.000 43.44241 ? 7   OMG B C2    1 
HETATM 334 N N2    . OMG B 2 7 ? -8.24160  -0.40937  -3.91906  1.000 43.02465 ? 7   OMG B N2    1 
HETATM 335 N N3    . OMG B 2 7 ? -9.71236  -1.25594  -5.47269  1.000 40.72002 ? 7   OMG B N3    1 
HETATM 336 C C4    . OMG B 2 7 ? -9.83659  -2.17767  -6.43522  1.000 42.63653 ? 7   OMG B C4    1 
HETATM 337 P P     . A2M B 2 8 ? -11.99084 1.95860   -10.28859 1.000 50.17126 ? 8   A2M B P     1 
HETATM 338 O OP1   . A2M B 2 8 ? -12.94834 2.91924   -10.97139 1.000 51.24562 ? 8   A2M B OP1   1 
HETATM 339 O "O5'" . A2M B 2 8 ? -11.25855 2.76886   -9.11340  1.000 47.64924 ? 8   A2M B "O5'" 1 
HETATM 340 C "C5'" . A2M B 2 8 ? -11.92979 3.69591   -8.24440  1.000 49.12934 ? 8   A2M B "C5'" 1 
HETATM 341 C "C4'" . A2M B 2 8 ? -10.89478 4.15084   -7.24999  1.000 47.95588 ? 8   A2M B "C4'" 1 
HETATM 342 O "O4'" . A2M B 2 8 ? -10.45388 3.03114   -6.45506  1.000 47.34472 ? 8   A2M B "O4'" 1 
HETATM 343 C "C3'" . A2M B 2 8 ? -9.61878  4.68276   -7.87963  1.000 48.67325 ? 8   A2M B "C3'" 1 
HETATM 344 O "O3'" . A2M B 2 8 ? -9.81129  6.03027   -8.27330  1.000 48.99899 ? 8   A2M B "O3'" 1 
HETATM 345 C "C2'" . A2M B 2 8 ? -8.70433  4.59036   -6.66468  1.000 47.59194 ? 8   A2M B "C2'" 1 
HETATM 346 O "O2'" . A2M B 2 8 ? -9.05148  5.60472   -5.73401  1.000 48.54438 ? 8   A2M B "O2'" 1 
HETATM 347 C "C1'" . A2M B 2 8 ? -9.09076  3.21677   -6.11528  1.000 46.41920 ? 8   A2M B "C1'" 1 
HETATM 348 C "CM'" . A2M B 2 8 ? -8.32481  5.57223   -4.50798  1.000 48.52118 ? 8   A2M B "CM'" 1 
HETATM 349 N N9    . A2M B 2 8 ? -8.32612  2.13024   -6.71699  1.000 44.12416 ? 8   A2M B N9    1 
HETATM 350 C C8    . A2M B 2 8 ? -8.70708  1.30693   -7.74293  1.000 43.60349 ? 8   A2M B C8    1 
HETATM 351 N N7    . A2M B 2 8 ? -7.81655  0.39471   -8.05312  1.000 44.65872 ? 8   A2M B N7    1 
HETATM 352 C C5    . A2M B 2 8 ? -6.77617  0.63692   -7.16906  1.000 42.72923 ? 8   A2M B C5    1 
HETATM 353 C C6    . A2M B 2 8 ? -5.54193  -0.00707  -6.95646  1.000 44.68287 ? 8   A2M B C6    1 
HETATM 354 N N6    . A2M B 2 8 ? -5.16383  -1.11668  -7.59909  1.000 42.95424 ? 8   A2M B N6    1 
HETATM 355 N N1    . A2M B 2 8 ? -4.73160  0.48861   -5.99498  1.000 43.79723 ? 8   A2M B N1    1 
HETATM 356 C C2    . A2M B 2 8 ? -5.14785  1.53939   -5.28540  1.000 45.37503 ? 8   A2M B C2    1 
HETATM 357 N N3    . A2M B 2 8 ? -6.29506  2.21364   -5.38453  1.000 45.21375 ? 8   A2M B N3    1 
HETATM 358 C C4    . A2M B 2 8 ? -7.06971  1.70950   -6.34751  1.000 43.98312 ? 8   A2M B C4    1 
HETATM 359 O OP2   . A2M B 2 8 ? -11.08770 1.19096   -11.19138 1.000 48.12803 ? 8   A2M B OP2   1 
HETATM 360 N N1    . OMC B 2 9 ? -4.46382  4.21898   -7.85169  1.000 45.98383 ? 9   OMC B N1    1 
HETATM 361 C C2    . OMC B 2 9 ? -3.38348  3.33091   -7.82744  1.000 45.59256 ? 9   OMC B C2    1 
HETATM 362 N N3    . OMC B 2 9 ? -3.43430  2.21078   -8.59879  1.000 43.78799 ? 9   OMC B N3    1 
HETATM 363 C C4    . OMC B 2 9 ? -4.49891  1.97155   -9.38228  1.000 44.81839 ? 9   OMC B C4    1 
HETATM 364 C C5    . OMC B 2 9 ? -5.60844  2.86903   -9.42729  1.000 47.10354 ? 9   OMC B C5    1 
HETATM 365 C C6    . OMC B 2 9 ? -5.55389  3.96818   -8.64805  1.000 45.18814 ? 9   OMC B C6    1 
HETATM 366 O O2    . OMC B 2 9 ? -2.40273  3.61037   -7.13039  1.000 45.50163 ? 9   OMC B O2    1 
HETATM 367 N N4    . OMC B 2 9 ? -4.48999  0.86976   -10.13298 1.000 44.89537 ? 9   OMC B N4    1 
HETATM 368 C "C1'" . OMC B 2 9 ? -4.35604  5.45096   -7.02922  1.000 46.32831 ? 9   OMC B "C1'" 1 
HETATM 369 C "C2'" . OMC B 2 9 ? -3.54251  6.52839   -7.74854  1.000 48.23769 ? 9   OMC B "C2'" 1 
HETATM 370 O "O2'" . OMC B 2 9 ? -2.97131  7.38529   -6.77315  1.000 48.95869 ? 9   OMC B "O2'" 1 
HETATM 371 C CM2   . OMC B 2 9 ? -1.88074  6.83187   -6.04510  1.000 48.77830 ? 9   OMC B CM2   1 
HETATM 372 C "C3'" . OMC B 2 9 ? -4.64533  7.28184   -8.46634  1.000 49.60857 ? 9   OMC B "C3'" 1 
HETATM 373 C "C4'" . OMC B 2 9 ? -5.74034  7.30351   -7.40670  1.000 49.42306 ? 9   OMC B "C4'" 1 
HETATM 374 O "O4'" . OMC B 2 9 ? -5.64574  5.98194   -6.80015  1.000 47.55951 ? 9   OMC B "O4'" 1 
HETATM 375 O "O3'" . OMC B 2 9 ? -4.23011  8.56637   -8.89007  1.000 52.25431 ? 9   OMC B "O3'" 1 
HETATM 376 C "C5'" . OMC B 2 9 ? -7.15235  7.56324   -7.87921  1.000 47.15081 ? 9   OMC B "C5'" 1 
HETATM 377 O "O5'" . OMC B 2 9 ? -7.49107  6.73220   -8.98166  1.000 48.97110 ? 9   OMC B "O5'" 1 
HETATM 378 P P     . OMC B 2 9 ? -8.99274  6.61823   -9.51396  1.000 51.32575 ? 9   OMC B P     1 
HETATM 379 O OP1   . OMC B 2 9 ? -9.55482  8.01974   -9.71752  1.000 50.08315 ? 9   OMC B OP1   1 
HETATM 380 O OP2   . OMC B 2 9 ? -9.04154  5.60407   -10.65194 1.000 48.15085 ? 9   OMC B OP2   1 
ATOM   381 O "O5'" . DG  C 1 1 ? 17.16944  13.39422  -5.86049  1.000 57.98403 ? 1   DG  C "O5'" 1 
ATOM   382 C "C5'" . DG  C 1 1 ? 17.92948  12.99369  -7.00286  1.000 56.05263 ? 1   DG  C "C5'" 1 
ATOM   383 C "C4'" . DG  C 1 1 ? 19.11231  12.11595  -6.61630  1.000 59.53790 ? 1   DG  C "C4'" 1 
ATOM   384 O "O4'" . DG  C 1 1 ? 20.13389  12.90690  -5.95377  1.000 58.97996 ? 1   DG  C "O4'" 1 
ATOM   385 C "C3'" . DG  C 1 1 ? 18.79800  10.98037  -5.66108  1.000 62.22815 ? 1   DG  C "C3'" 1 
ATOM   386 O "O3'" . DG  C 1 1 ? 18.42488  9.84226   -6.40586  1.000 63.95570 ? 1   DG  C "O3'" 1 
ATOM   387 C "C2'" . DG  C 1 1 ? 20.13697  10.76554  -4.95421  1.000 60.52098 ? 1   DG  C "C2'" 1 
ATOM   388 C "C1'" . DG  C 1 1 ? 20.66651  12.19225  -4.84755  1.000 58.43949 ? 1   DG  C "C1'" 1 
ATOM   389 N N9    . DG  C 1 1 ? 20.26926  12.89073  -3.61950  1.000 54.05693 ? 1   DG  C N9    1 
ATOM   390 C C8    . DG  C 1 1 ? 19.44444  13.98170  -3.52535  1.000 54.99828 ? 1   DG  C C8    1 
ATOM   391 N N7    . DG  C 1 1 ? 19.27192  14.40133  -2.29795  1.000 54.28843 ? 1   DG  C N7    1 
ATOM   392 C C5    . DG  C 1 1 ? 20.03337  13.53940  -1.53505  1.000 53.86293 ? 1   DG  C C5    1 
ATOM   393 C C6    . DG  C 1 1 ? 20.22886  13.50665  -0.13988  1.000 55.24695 ? 1   DG  C C6    1 
ATOM   394 O O6    . DG  C 1 1 ? 19.75237  14.27196  0.71630   1.000 54.97621 ? 1   DG  C O6    1 
ATOM   395 N N1    . DG  C 1 1 ? 21.08350  12.47372  0.23634   1.000 51.90233 ? 1   DG  C N1    1 
ATOM   396 C C2    . DG  C 1 1 ? 21.65943  11.58039  -0.63452  1.000 56.28063 ? 1   DG  C C2    1 
ATOM   397 N N2    . DG  C 1 1 ? 22.44703  10.64891  -0.09177  1.000 53.91321 ? 1   DG  C N2    1 
ATOM   398 N N3    . DG  C 1 1 ? 21.47421  11.59844  -1.95050  1.000 54.64069 ? 1   DG  C N3    1 
ATOM   399 C C4    . DG  C 1 1 ? 20.65688  12.60168  -2.32742  1.000 54.64035 ? 1   DG  C C4    1 
ATOM   400 P P     . DT  C 1 2 ? 17.33533  8.82115   -5.81722  1.000 64.60130 ? 2   DT  C P     1 
ATOM   401 O OP1   . DT  C 1 2 ? 17.08397  7.86063   -6.91068  1.000 65.22150 ? 2   DT  C OP1   1 
ATOM   402 O OP2   . DT  C 1 2 ? 16.21931  9.57646   -5.19259  1.000 62.81282 ? 2   DT  C OP2   1 
ATOM   403 O "O5'" . DT  C 1 2 ? 18.11901  8.08384   -4.64561  1.000 62.69428 ? 2   DT  C "O5'" 1 
ATOM   404 C "C5'" . DT  C 1 2 ? 19.25134  7.32855   -4.93919  1.000 61.50733 ? 2   DT  C "C5'" 1 
ATOM   405 C "C4'" . DT  C 1 2 ? 19.79438  6.72403   -3.67430  1.000 63.38237 ? 2   DT  C "C4'" 1 
ATOM   406 O "O4'" . DT  C 1 2 ? 20.41636  7.75530   -2.89242  1.000 61.86700 ? 2   DT  C "O4'" 1 
ATOM   407 C "C3'" . DT  C 1 2 ? 18.73193  6.13883   -2.76202  1.000 66.41832 ? 2   DT  C "C3'" 1 
ATOM   408 O "O3'" . DT  C 1 2 ? 18.45521  4.80232   -3.14862  1.000 72.53012 ? 2   DT  C "O3'" 1 
ATOM   409 C "C2'" . DT  C 1 2 ? 19.40672  6.20992   -1.40247  1.000 61.22032 ? 2   DT  C "C2'" 1 
ATOM   410 C "C1'" . DT  C 1 2 ? 20.17777  7.52584   -1.51260  1.000 61.86278 ? 2   DT  C "C1'" 1 
ATOM   411 N N1    . DT  C 1 2 ? 19.45012  8.71011   -0.95201  1.000 56.87456 ? 2   DT  C N1    1 
ATOM   412 C C2    . DT  C 1 2 ? 19.55753  8.98149   0.38370   1.000 58.30822 ? 2   DT  C C2    1 
ATOM   413 O O2    . DT  C 1 2 ? 20.21671  8.30525   1.14809   1.000 61.40191 ? 2   DT  C O2    1 
ATOM   414 N N3    . DT  C 1 2 ? 18.86792  10.08027  0.80201   1.000 55.32003 ? 2   DT  C N3    1 
ATOM   415 C C4    . DT  C 1 2 ? 18.09580  10.92692  0.03426   1.000 54.35862 ? 2   DT  C C4    1 
ATOM   416 O O4    . DT  C 1 2 ? 17.52110  11.90350  0.51017   1.000 54.28147 ? 2   DT  C O4    1 
ATOM   417 C C5    . DT  C 1 2 ? 18.01864  10.59274  -1.36105  1.000 57.68115 ? 2   DT  C C5    1 
ATOM   418 C C7    . DT  C 1 2 ? 17.20715  11.44455  -2.29423  1.000 59.74797 ? 2   DT  C C7    1 
ATOM   419 C C6    . DT  C 1 2 ? 18.69384  9.50909   -1.78709  1.000 59.15046 ? 2   DT  C C6    1 
ATOM   420 P P     . DC  C 1 3 ? 17.14400  4.05373   -2.60595  1.000 72.91082 ? 3   DC  C P     1 
ATOM   421 O OP1   . DC  C 1 3 ? 17.00110  2.80308   -3.39751  1.000 75.89506 ? 3   DC  C OP1   1 
ATOM   422 O OP2   . DC  C 1 3 ? 16.02041  5.00996   -2.56254  1.000 66.05978 ? 3   DC  C OP2   1 
ATOM   423 O "O5'" . DC  C 1 3 ? 17.54699  3.68214   -1.11756  1.000 66.21500 ? 3   DC  C "O5'" 1 
ATOM   424 C "C5'" . DC  C 1 3 ? 16.66741  3.92987   -0.09372  1.000 62.92588 ? 3   DC  C "C5'" 1 
ATOM   425 C "C4'" . DC  C 1 3 ? 17.37286  3.80816   1.22652   1.000 64.55178 ? 3   DC  C "C4'" 1 
ATOM   426 O "O4'" . DC  C 1 3 ? 18.23979  4.96141   1.40169   1.000 61.83317 ? 3   DC  C "O4'" 1 
ATOM   427 C "C3'" . DC  C 1 3 ? 16.42731  3.80618   2.42123   1.000 63.03412 ? 3   DC  C "C3'" 1 
ATOM   428 O "O3'" . DC  C 1 3 ? 16.16868  2.47744   2.82121   1.000 66.89064 ? 3   DC  C "O3'" 1 
ATOM   429 C "C2'" . DC  C 1 3 ? 17.19453  4.58302   3.47880   1.000 56.49830 ? 3   DC  C "C2'" 1 
ATOM   430 C "C1'" . DC  C 1 3 ? 17.90947  5.61884   2.61241   1.000 60.39913 ? 3   DC  C "C1'" 1 
ATOM   431 N N1    . DC  C 1 3 ? 17.08711  6.85964   2.28607   1.000 55.78960 ? 3   DC  C N1    1 
ATOM   432 C C2    . DC  C 1 3 ? 16.75767  7.75469   3.30209   1.000 53.68573 ? 3   DC  C C2    1 
ATOM   433 O O2    . DC  C 1 3 ? 17.11623  7.49932   4.45962   1.000 56.27182 ? 3   DC  C O2    1 
ATOM   434 N N3    . DC  C 1 3 ? 16.04552  8.88230   2.99352   1.000 50.82138 ? 3   DC  C N3    1 
ATOM   435 C C4    . DC  C 1 3 ? 15.67129  9.11107   1.74072   1.000 53.51906 ? 3   DC  C C4    1 
ATOM   436 N N4    . DC  C 1 3 ? 14.97378  10.22873  1.48069   1.000 55.43033 ? 3   DC  C N4    1 
ATOM   437 C C5    . DC  C 1 3 ? 16.00584  8.20782   0.68136   1.000 59.55039 ? 3   DC  C C5    1 
ATOM   438 C C6    . DC  C 1 3 ? 16.70909  7.11235   0.99776   1.000 55.33002 ? 3   DC  C C6    1 
ATOM   439 P P     . DT  C 1 4 ? 14.65085  2.00796   3.05281   1.000 68.62599 ? 4   DT  C P     1 
ATOM   440 O OP1   . DT  C 1 4 ? 14.63057  0.52010   3.08286   1.000 73.97980 ? 4   DT  C OP1   1 
ATOM   441 O OP2   . DT  C 1 4 ? 13.76341  2.67547   2.08887   1.000 54.50455 ? 4   DT  C OP2   1 
ATOM   442 O "O5'" . DT  C 1 4 ? 14.33348  2.57573   4.50464   1.000 63.10664 ? 4   DT  C "O5'" 1 
ATOM   443 C "C5'" . DT  C 1 4 ? 15.11090  2.17069   5.61121   1.000 59.84226 ? 4   DT  C "C5'" 1 
ATOM   444 C "C4'" . DT  C 1 4 ? 14.73774  2.97629   6.82890   1.000 62.45200 ? 4   DT  C "C4'" 1 
ATOM   445 O "O4'" . DT  C 1 4 ? 15.19368  4.33700   6.64635   1.000 61.55606 ? 4   DT  C "O4'" 1 
ATOM   446 C "C3'" . DT  C 1 4 ? 13.23809  3.10806   7.07283   1.000 60.02382 ? 4   DT  C "C3'" 1 
ATOM   447 O "O3'" . DT  C 1 4 ? 12.74273  1.97743   7.80261   1.000 59.20639 ? 4   DT  C "O3'" 1 
ATOM   448 C "C2'" . DT  C 1 4 ? 13.17640  4.37646   7.91461   1.000 58.04215 ? 4   DT  C "C2'" 1 
ATOM   449 C "C1'" . DT  C 1 4 ? 14.30670  5.21821   7.31641   1.000 59.10319 ? 4   DT  C "C1'" 1 
ATOM   450 N N1    . DT  C 1 4 ? 13.84307  6.25109   6.36439   1.000 51.62597 ? 4   DT  C N1    1 
ATOM   451 C C2    . DT  C 1 4 ? 13.44974  7.47475   6.85767   1.000 52.22524 ? 4   DT  C C2    1 
ATOM   452 O O2    . DT  C 1 4 ? 13.46215  7.74712   8.03928   1.000 50.82886 ? 4   DT  C O2    1 
ATOM   453 N N3    . DT  C 1 4 ? 13.04962  8.37148   5.91626   1.000 48.43639 ? 4   DT  C N3    1 
ATOM   454 C C4    . DT  C 1 4 ? 12.99686  8.17417   4.55310   1.000 50.32728 ? 4   DT  C C4    1 
ATOM   455 O O4    . DT  C 1 4 ? 12.62918  9.04423   3.78169   1.000 47.91462 ? 4   DT  C O4    1 
ATOM   456 C C5    . DT  C 1 4 ? 13.40860  6.86866   4.09827   1.000 53.56232 ? 4   DT  C C5    1 
ATOM   457 C C7    . DT  C 1 4 ? 13.38663  6.54767   2.63748   1.000 57.38651 ? 4   DT  C C7    1 
ATOM   458 C C6    . DT  C 1 4 ? 13.80971  5.97614   5.01877   1.000 53.77915 ? 4   DT  C C6    1 
ATOM   459 P P     . DC  C 1 5 ? 11.18056  1.58287   7.74543   1.000 62.34909 ? 5   DC  C P     1 
ATOM   460 O OP1   . DC  C 1 5 ? 11.11730  0.27044   8.42483   1.000 63.59644 ? 5   DC  C OP1   1 
ATOM   461 O OP2   . DC  C 1 5 ? 10.61716  1.78283   6.38201   1.000 55.93354 ? 5   DC  C OP2   1 
ATOM   462 O "O5'" . DC  C 1 5 ? 10.45265  2.68586   8.65426   1.000 58.58969 ? 5   DC  C "O5'" 1 
ATOM   463 C "C5'" . DC  C 1 5 ? 10.73641  2.79130   10.05013  1.000 57.03809 ? 5   DC  C "C5'" 1 
ATOM   464 C "C4'" . DC  C 1 5 ? 10.13545  4.06999   10.61529  1.000 54.54752 ? 5   DC  C "C4'" 1 
ATOM   465 O "O4'" . DC  C 1 5 ? 10.80986  5.21930   10.03454  1.000 56.09289 ? 5   DC  C "O4'" 1 
ATOM   466 C "C3'" . DC  C 1 5 ? 8.68231   4.29322   10.25425  1.000 55.03817 ? 5   DC  C "C3'" 1 
ATOM   467 O "O3'" . DC  C 1 5 ? 7.82893   3.55840   11.10926  1.000 53.73346 ? 5   DC  C "O3'" 1 
ATOM   468 C "C2'" . DC  C 1 5 ? 8.53924   5.79701   10.45146  1.000 55.33086 ? 5   DC  C "C2'" 1 
ATOM   469 C "C1'" . DC  C 1 5 ? 9.87595   6.29042   9.89848   1.000 54.72219 ? 5   DC  C "C1'" 1 
ATOM   470 N N1    . DC  C 1 5 ? 9.82191   6.70088   8.46896   1.000 50.85405 ? 5   DC  C N1    1 
ATOM   471 C C2    . DC  C 1 5 ? 9.47716   8.01909   8.15271   1.000 50.78838 ? 5   DC  C C2    1 
ATOM   472 O O2    . DC  C 1 5 ? 9.20724   8.80419   9.06988   1.000 47.76146 ? 5   DC  C O2    1 
ATOM   473 N N3    . DC  C 1 5 ? 9.44814   8.39628   6.85419   1.000 49.27816 ? 5   DC  C N3    1 
ATOM   474 C C4    . DC  C 1 5 ? 9.74125   7.50656   5.89276   1.000 51.14701 ? 5   DC  C C4    1 
ATOM   475 N N4    . DC  C 1 5 ? 9.68855   7.91817   4.62323   1.000 49.93233 ? 5   DC  C N4    1 
ATOM   476 C C5    . DC  C 1 5 ? 10.09442  6.15872   6.19778   1.000 52.15570 ? 5   DC  C C5    1 
ATOM   477 C C6    . DC  C 1 5 ? 10.11612  5.80217   7.48549   1.000 53.36942 ? 5   DC  C C6    1 
ATOM   478 P P     . DC  C 1 6 ? 6.40658   3.07493   10.55348  1.000 56.83956 ? 6   DC  C P     1 
ATOM   479 O OP1   . DC  C 1 6 ? 5.83916   2.19978   11.60764  1.000 63.54625 ? 6   DC  C OP1   1 
ATOM   480 O OP2   . DC  C 1 6 ? 6.54040   2.62327   9.15481   1.000 56.14014 ? 6   DC  C OP2   1 
ATOM   481 O "O5'" . DC  C 1 6 ? 5.54529   4.42557   10.50074  1.000 56.13703 ? 6   DC  C "O5'" 1 
ATOM   482 C "C5'" . DC  C 1 6 ? 5.23275   5.11618   11.70011  1.000 51.00147 ? 6   DC  C "C5'" 1 
ATOM   483 C "C4'" . DC  C 1 6 ? 4.56875   6.43964   11.38733  1.000 51.12930 ? 6   DC  C "C4'" 1 
ATOM   484 O "O4'" . DC  C 1 6 ? 5.48995   7.25037   10.62528  1.000 51.00348 ? 6   DC  C "O4'" 1 
ATOM   485 C "C3'" . DC  C 1 6 ? 3.35725   6.35265   10.48033  1.000 50.42876 ? 6   DC  C "C3'" 1 
ATOM   486 O "O3'" . DC  C 1 6 ? 2.21365   6.01883   11.20077  1.000 48.17984 ? 6   DC  C "O3'" 1 
ATOM   487 C "C2'" . DC  C 1 6 ? 3.27799   7.77727   9.95232   1.000 52.27369 ? 6   DC  C "C2'" 1 
ATOM   488 C "C1'" . DC  C 1 6 ? 4.75809   8.08913   9.75431   1.000 51.71916 ? 6   DC  C "C1'" 1 
ATOM   489 N N1    . DC  C 1 6 ? 5.23363   7.87759   8.35839   1.000 50.85766 ? 6   DC  C N1    1 
ATOM   490 C C2    . DC  C 1 6 ? 5.02045   8.88736   7.43766   1.000 47.55075 ? 6   DC  C C2    1 
ATOM   491 O O2    . DC  C 1 6 ? 4.43058   9.91062   7.82066   1.000 51.40568 ? 6   DC  C O2    1 
ATOM   492 N N3    . DC  C 1 6 ? 5.45065   8.72058   6.16381   1.000 48.70261 ? 6   DC  C N3    1 
ATOM   493 C C4    . DC  C 1 6 ? 6.08586   7.58999   5.81668   1.000 50.19130 ? 6   DC  C C4    1 
ATOM   494 N N4    . DC  C 1 6 ? 6.50750   7.46148   4.55158   1.000 47.47563 ? 6   DC  C N4    1 
ATOM   495 C C5    . DC  C 1 6 ? 6.32424   6.54643   6.75926   1.000 49.64186 ? 6   DC  C C5    1 
ATOM   496 C C6    . DC  C 1 6 ? 5.88265   6.73074   8.00825   1.000 51.41380 ? 6   DC  C C6    1 
ATOM   497 P P     . DT  C 1 7 ? 1.00285   5.28224   10.44969  1.000 50.88192 ? 7   DT  C P     1 
ATOM   498 O OP1   . DT  C 1 7 ? 0.00280   5.01913   11.51767  1.000 51.55571 ? 7   DT  C OP1   1 
ATOM   499 O OP2   . DT  C 1 7 ? 1.54430   4.18771   9.61820   1.000 48.26182 ? 7   DT  C OP2   1 
ATOM   500 O "O5'" . DT  C 1 7 ? 0.44031   6.37185   9.42304   1.000 47.73119 ? 7   DT  C "O5'" 1 
ATOM   501 C "C5'" . DT  C 1 7 ? -0.32890  7.47530   9.91091   1.000 47.18952 ? 7   DT  C "C5'" 1 
ATOM   502 C "C4'" . DT  C 1 7 ? -0.69898  8.42206   8.77772   1.000 45.13939 ? 7   DT  C "C4'" 1 
ATOM   503 O "O4'" . DT  C 1 7 ? 0.50521   8.94779   8.15596   1.000 45.18469 ? 7   DT  C "O4'" 1 
ATOM   504 C "C3'" . DT  C 1 7 ? -1.44523  7.78482   7.63612   1.000 47.76781 ? 7   DT  C "C3'" 1 
ATOM   505 O "O3'" . DT  C 1 7 ? -2.81185  7.66847   7.96747   1.000 48.03908 ? 7   DT  C "O3'" 1 
ATOM   506 C "C2'" . DT  C 1 7 ? -1.21800  8.82963   6.54686   1.000 45.63876 ? 7   DT  C "C2'" 1 
ATOM   507 C "C1'" . DT  C 1 7 ? 0.24907   9.17745   6.78174   1.000 44.85910 ? 7   DT  C "C1'" 1 
ATOM   508 N N1    . DT  C 1 7 ? 1.18241   8.35341   5.95437   1.000 44.92375 ? 7   DT  C N1    1 
ATOM   509 C C2    . DT  C 1 7 ? 1.44406   8.75508   4.67070   1.000 46.35254 ? 7   DT  C C2    1 
ATOM   510 O O2    . DT  C 1 7 ? 0.95446   9.75440   4.18388   1.000 45.41804 ? 7   DT  C O2    1 
ATOM   511 N N3    . DT  C 1 7 ? 2.29677   7.94011   3.96317   1.000 44.27274 ? 7   DT  C N3    1 
ATOM   512 C C4    . DT  C 1 7 ? 2.88715   6.78208   4.40762   1.000 48.00257 ? 7   DT  C C4    1 
ATOM   513 O O4    . DT  C 1 7 ? 3.63603   6.12340   3.69371   1.000 47.36680 ? 7   DT  C O4    1 
ATOM   514 C C5    . DT  C 1 7 ? 2.56468   6.40494   5.77525   1.000 50.10292 ? 7   DT  C C5    1 
ATOM   515 C C7    . DT  C 1 7 ? 3.14660   5.15897   6.37600   1.000 47.76829 ? 7   DT  C C7    1 
ATOM   516 C C6    . DT  C 1 7 ? 1.73285   7.20122   6.47528   1.000 46.18813 ? 7   DT  C C6    1 
ATOM   517 P P     . DA  C 1 8 ? -3.69270  6.49475   7.33457   1.000 52.32695 ? 8   DA  C P     1 
ATOM   518 O OP1   . DA  C 1 8 ? -5.00775  6.57241   8.00515   1.000 50.91003 ? 8   DA  C OP1   1 
ATOM   519 O OP2   . DA  C 1 8 ? -2.88018  5.25874   7.38436   1.000 52.50179 ? 8   DA  C OP2   1 
ATOM   520 O "O5'" . DA  C 1 8 ? -3.86789  6.90329   5.81663   1.000 48.65217 ? 8   DA  C "O5'" 1 
ATOM   521 C "C5'" . DA  C 1 8 ? -4.61002  8.04644   5.46507   1.000 48.63252 ? 8   DA  C "C5'" 1 
ATOM   522 C "C4'" . DA  C 1 8 ? -4.66500  8.16951   3.96065   1.000 48.70291 ? 8   DA  C "C4'" 1 
ATOM   523 O "O4'" . DA  C 1 8 ? -3.35954  8.48671   3.46898   1.000 48.43685 ? 8   DA  C "O4'" 1 
ATOM   524 C "C3'" . DA  C 1 8 ? -5.02933  6.87425   3.25273   1.000 50.53479 ? 8   DA  C "C3'" 1 
ATOM   525 O "O3'" . DA  C 1 8 ? -6.42374  6.75016   3.19794   1.000 54.28478 ? 8   DA  C "O3'" 1 
ATOM   526 C "C2'" . DA  C 1 8 ? -4.43408  7.07968   1.86257   1.000 50.46743 ? 8   DA  C "C2'" 1 
ATOM   527 C "C1'" . DA  C 1 8 ? -3.19973  7.93816   2.16502   1.000 48.59299 ? 8   DA  C "C1'" 1 
ATOM   528 N N9    . DA  C 1 8 ? -1.93306  7.21224   2.11909   1.000 47.15702 ? 8   DA  C N9    1 
ATOM   529 C C8    . DA  C 1 8 ? -1.32677  6.52346   3.13542   1.000 45.60341 ? 8   DA  C C8    1 
ATOM   530 N N7    . DA  C 1 8 ? -0.16806  5.98628   2.79180   1.000 46.35485 ? 8   DA  C N7    1 
ATOM   531 C C5    . DA  C 1 8 ? -0.01518  6.35566   1.46544   1.000 46.20005 ? 8   DA  C C5    1 
ATOM   532 C C6    . DA  C 1 8 ? 1.00692   6.11282   0.52531   1.000 45.83503 ? 8   DA  C C6    1 
ATOM   533 N N6    . DA  C 1 8 ? 2.09866   5.41304   0.80819   1.000 44.83136 ? 8   DA  C N6    1 
ATOM   534 N N1    . DA  C 1 8 ? 0.84744   6.60685   -0.71696  1.000 47.62666 ? 8   DA  C N1    1 
ATOM   535 C C2    . DA  C 1 8 ? -0.25390  7.33174   -0.99373  1.000 49.39696 ? 8   DA  C C2    1 
ATOM   536 N N3    . DA  C 1 8 ? -1.27127  7.63807   -0.19116  1.000 47.20138 ? 8   DA  C N3    1 
ATOM   537 C C4    . DA  C 1 8 ? -1.08696  7.11332   1.03726   1.000 44.22140 ? 8   DA  C C4    1 
ATOM   538 P P     . DG  C 1 9 ? -7.09543  5.29531   3.00888   1.000 56.47650 ? 9   DG  C P     1 
ATOM   539 O OP1   . DG  C 1 9 ? -8.52813  5.51899   3.30418   1.000 62.57602 ? 9   DG  C OP1   1 
ATOM   540 O OP2   . DG  C 1 9 ? -6.35407  4.22057   3.69494   1.000 57.04469 ? 9   DG  C OP2   1 
ATOM   541 O "O5'" . DG  C 1 9 ? -6.86840  4.98855   1.45379   1.000 51.19068 ? 9   DG  C "O5'" 1 
ATOM   542 C "C5'" . DG  C 1 9 ? -7.61431  5.67327   0.45567   1.000 48.32396 ? 9   DG  C "C5'" 1 
ATOM   543 C "C4'" . DG  C 1 9 ? -7.46926  4.94857   -0.87531  1.000 49.16354 ? 9   DG  C "C4'" 1 
ATOM   544 O "O4'" . DG  C 1 9 ? -6.16179  5.26110   -1.44489  1.000 48.04637 ? 9   DG  C "O4'" 1 
ATOM   545 C "C3'" . DG  C 1 9 ? -7.52167  3.42415   -0.77623  1.000 50.46753 ? 9   DG  C "C3'" 1 
ATOM   546 O "O3'" . DG  C 1 9 ? -8.85147  2.96381   -0.95138  1.000 50.73825 ? 9   DG  C "O3'" 1 
ATOM   547 C "C2'" . DG  C 1 9 ? -6.61490  2.96205   -1.91951  1.000 45.01374 ? 9   DG  C "C2'" 1 
ATOM   548 C "C1'" . DG  C 1 9 ? -5.57082  4.08989   -1.98600  1.000 45.65013 ? 9   DG  C "C1'" 1 
ATOM   549 N N9    . DG  C 1 9 ? -4.33452  3.80683   -1.25790  1.000 45.57779 ? 9   DG  C N9    1 
ATOM   550 C C8    . DG  C 1 9 ? -4.19258  3.54773   0.08667   1.000 44.15810 ? 9   DG  C C8    1 
ATOM   551 N N7    . DG  C 1 9 ? -2.95369  3.33437   0.44832   1.000 45.69404 ? 9   DG  C N7    1 
ATOM   552 C C5    . DG  C 1 9 ? -2.22749  3.46636   -0.72554  1.000 45.15601 ? 9   DG  C C5    1 
ATOM   553 C C6    . DG  C 1 9 ? -0.84286  3.34814   -0.95104  1.000 46.89599 ? 9   DG  C C6    1 
ATOM   554 O O6    . DG  C 1 9 ? 0.03174   3.08192   -0.13475  1.000 44.65549 ? 9   DG  C O6    1 
ATOM   555 N N1    . DG  C 1 9 ? -0.51260  3.55742   -2.29574  1.000 45.35303 ? 9   DG  C N1    1 
ATOM   556 C C2    . DG  C 1 9 ? -1.42143  3.85051   -3.29016  1.000 45.31009 ? 9   DG  C C2    1 
ATOM   557 N N2    . DG  C 1 9 ? -0.91842  4.01744   -4.53770  1.000 43.60815 ? 9   DG  C N2    1 
ATOM   558 N N3    . DG  C 1 9 ? -2.73712  3.96692   -3.08462  1.000 43.88326 ? 9   DG  C N3    1 
ATOM   559 C C4    . DG  C 1 9 ? -3.06314  3.75579   -1.78843  1.000 45.07430 ? 9   DG  C C4    1 
HETATM 560 N N1    . OMC D 2 1 ? 3.79601   2.14983   -4.80902  1.000 43.21467 ? 1   OMC D N1    1 
HETATM 561 C C2    . OMC D 2 1 ? 2.59968   2.75527   -4.40733  1.000 45.99619 ? 1   OMC D C2    1 
HETATM 562 N N3    . OMC D 2 1 ? 2.34880   2.88990   -3.07907  1.000 43.27688 ? 1   OMC D N3    1 
HETATM 563 C C4    . OMC D 2 1 ? 3.24525   2.47442   -2.17195  1.000 45.95166 ? 1   OMC D C4    1 
HETATM 564 C C5    . OMC D 2 1 ? 4.49074   1.89928   -2.56466  1.000 46.51070 ? 1   OMC D C5    1 
HETATM 565 C C6    . OMC D 2 1 ? 4.71602   1.74814   -3.87997  1.000 44.23196 ? 1   OMC D C6    1 
HETATM 566 O O2    . OMC D 2 1 ? 1.83495   3.18686   -5.27012  1.000 44.20835 ? 1   OMC D O2    1 
HETATM 567 N N4    . OMC D 2 1 ? 2.92292   2.56923   -0.88028  1.000 45.25856 ? 1   OMC D N4    1 
HETATM 568 C "C1'" . OMC D 2 1 ? 4.01648   1.93665   -6.25667  1.000 43.77698 ? 1   OMC D "C1'" 1 
HETATM 569 C "C2'" . OMC D 2 1 ? 4.56147   3.19618   -6.93996  1.000 47.77324 ? 1   OMC D "C2'" 1 
HETATM 570 O "O2'" . OMC D 2 1 ? 4.06357   3.26416   -8.27343  1.000 43.55532 ? 1   OMC D "O2'" 1 
HETATM 571 C CM2   . OMC D 2 1 ? 2.65645   3.41983   -8.35689  1.000 44.13927 ? 1   OMC D CM2   1 
HETATM 572 C "C3'" . OMC D 2 1 ? 6.05579   2.91213   -6.94764  1.000 45.42736 ? 1   OMC D "C3'" 1 
HETATM 573 C "C4'" . OMC D 2 1 ? 6.09464   1.41072   -7.19411  1.000 45.08174 ? 1   OMC D "C4'" 1 
HETATM 574 O "O4'" . OMC D 2 1 ? 4.97984   0.90946   -6.41767  1.000 43.86804 ? 1   OMC D "O4'" 1 
HETATM 575 O "O3'" . OMC D 2 1 ? 6.74645   3.65225   -7.93278  1.000 44.92040 ? 1   OMC D "O3'" 1 
HETATM 576 C "C5'" . OMC D 2 1 ? 7.36824   0.69492   -6.79444  1.000 47.64141 ? 1   OMC D "C5'" 1 
HETATM 577 O "O5'" . OMC D 2 1 ? 7.71136   0.95580   -5.44643  1.000 50.23588 ? 1   OMC D "O5'" 1 
HETATM 578 N N1    . OMU D 2 2 ? 3.21803   6.71145   -4.96415  1.000 44.25376 ? 2   OMU D N1    1 
HETATM 579 C C2    . OMU D 2 2 ? 2.31833   6.89842   -3.93011  1.000 50.04483 ? 2   OMU D C2    1 
HETATM 580 N N3    . OMU D 2 2 ? 2.71312   6.39477   -2.71487  1.000 47.33092 ? 2   OMU D N3    1 
HETATM 581 C C4    . OMU D 2 2 ? 3.90089   5.75462   -2.43179  1.000 48.05918 ? 2   OMU D C4    1 
HETATM 582 C C5    . OMU D 2 2 ? 4.78762   5.60762   -3.55100  1.000 50.08710 ? 2   OMU D C5    1 
HETATM 583 C C6    . OMU D 2 2 ? 4.42399   6.08400   -4.75650  1.000 48.26140 ? 2   OMU D C6    1 
HETATM 584 O O2    . OMU D 2 2 ? 1.25804   7.49336   -4.07217  1.000 50.82902 ? 2   OMU D O2    1 
HETATM 585 O O4    . OMU D 2 2 ? 4.12637   5.36468   -1.27998  1.000 47.71629 ? 2   OMU D O4    1 
HETATM 586 C "C1'" . OMU D 2 2 ? 2.80738   7.14483   -6.31906  1.000 45.80298 ? 2   OMU D "C1'" 1 
HETATM 587 C "C2'" . OMU D 2 2 ? 3.18975   8.59858   -6.62975  1.000 48.24696 ? 2   OMU D "C2'" 1 
HETATM 588 O "O2'" . OMU D 2 2 ? 2.22654   9.15608   -7.51126  1.000 50.41110 ? 2   OMU D "O2'" 1 
HETATM 589 C CM2   . OMU D 2 2 ? 1.05516   9.65392   -6.87872  1.000 51.24301 ? 2   OMU D CM2   1 
HETATM 590 C "C3'" . OMU D 2 2 ? 4.49720   8.41400   -7.37881  1.000 49.82287 ? 2   OMU D "C3'" 1 
HETATM 591 C "C4'" . OMU D 2 2 ? 4.25053   7.13311   -8.16451  1.000 48.38560 ? 2   OMU D "C4'" 1 
HETATM 592 O "O3'" . OMU D 2 2 ? 4.81194   9.50389   -8.22345  1.000 53.92674 ? 2   OMU D "O3'" 1 
HETATM 593 O "O4'" . OMU D 2 2 ? 3.46575   6.31749   -7.26009  1.000 49.05540 ? 2   OMU D "O4'" 1 
HETATM 594 C "C5'" . OMU D 2 2 ? 5.49139   6.38455   -8.57380  1.000 45.30817 ? 2   OMU D "C5'" 1 
HETATM 595 O "O5'" . OMU D 2 2 ? 6.29152   6.08935   -7.44308  1.000 48.70782 ? 2   OMU D "O5'" 1 
HETATM 596 P P     . OMU D 2 2 ? 7.47250   5.04433   -7.54378  1.000 52.58063 ? 2   OMU D P     1 
HETATM 597 O OP1   . OMU D 2 2 ? 8.30156   5.47555   -8.77040  1.000 47.53183 ? 2   OMU D OP1   1 
HETATM 598 O OP2   . OMU D 2 2 ? 8.05432   4.84353   -6.21619  1.000 49.93452 ? 2   OMU D OP2   1 
HETATM 599 P P     . A2M D 2 3 ? 5.60100   10.77143  -7.62231  1.000 56.05011 ? 3   A2M D P     1 
HETATM 600 O OP1   . A2M D 2 3 ? 5.92035   11.71955  -8.76451  1.000 53.17299 ? 3   A2M D OP1   1 
HETATM 601 O "O5'" . A2M D 2 3 ? 4.46667   11.48586  -6.76876  1.000 52.12835 ? 3   A2M D "O5'" 1 
HETATM 602 C "C5'" . A2M D 2 3 ? 4.82436   11.96928  -5.47401  1.000 52.78988 ? 3   A2M D "C5'" 1 
HETATM 603 C "C4'" . A2M D 2 3 ? 3.52099   12.33726  -4.81689  1.000 47.55938 ? 3   A2M D "C4'" 1 
HETATM 604 O "O4'" . A2M D 2 3 ? 2.79716   11.12984  -4.49041  1.000 52.44495 ? 3   A2M D "O4'" 1 
HETATM 605 C "C3'" . A2M D 2 3 ? 3.71535   13.07477  -3.50381  1.000 49.60328 ? 3   A2M D "C3'" 1 
HETATM 606 O "O3'" . A2M D 2 3 ? 3.82276   14.46967  -3.75898  1.000 53.09442 ? 3   A2M D "O3'" 1 
HETATM 607 C "C2'" . A2M D 2 3 ? 2.46243   12.66498  -2.73923  1.000 47.64890 ? 3   A2M D "C2'" 1 
HETATM 608 O "O2'" . A2M D 2 3 ? 1.32758   13.38483  -3.18614  1.000 48.14428 ? 3   A2M D "O2'" 1 
HETATM 609 C "C1'" . A2M D 2 3 ? 2.32750   11.19773  -3.15335  1.000 48.23422 ? 3   A2M D "C1'" 1 
HETATM 610 C "CM'" . A2M D 2 3 ? 0.16171   13.15779  -2.39970  1.000 49.07683 ? 3   A2M D "CM'" 1 
HETATM 611 N N9    . A2M D 2 3 ? 3.12207   10.28221  -2.33674  1.000 48.05156 ? 3   A2M D N9    1 
HETATM 612 C C8    . A2M D 2 3 ? 4.26963   9.62848   -2.70411  1.000 49.34913 ? 3   A2M D C8    1 
HETATM 613 N N7    . A2M D 2 3 ? 4.73593   8.81115   -1.79285  1.000 50.08656 ? 3   A2M D N7    1 
HETATM 614 C C5    . A2M D 2 3 ? 3.83599   8.93970   -0.74378  1.000 47.42236 ? 3   A2M D C5    1 
HETATM 615 C C6    . A2M D 2 3 ? 3.78484   8.36250   0.54246   1.000 46.94747 ? 3   A2M D C6    1 
HETATM 616 N N6    . A2M D 2 3 ? 4.66745   7.46180   1.00005   1.000 50.05610 ? 3   A2M D N6    1 
HETATM 617 N N1    . A2M D 2 3 ? 2.79250   8.76261   1.36802   1.000 47.33549 ? 3   A2M D N1    1 
HETATM 618 C C2    . A2M D 2 3 ? 1.91782   9.67327   0.92942   1.000 46.08042 ? 3   A2M D C2    1 
HETATM 619 N N3    . A2M D 2 3 ? 1.85588   10.26954  -0.26309  1.000 47.73944 ? 3   A2M D N3    1 
HETATM 620 C C4    . A2M D 2 3 ? 2.84562   9.85489   -1.06138  1.000 49.23677 ? 3   A2M D C4    1 
HETATM 621 O OP2   . A2M D 2 3 ? 6.71257   10.32857  -6.79004  1.000 50.14228 ? 3   A2M D OP2   1 
HETATM 622 P P     . OMG D 2 4 ? 4.97007   15.28949  -3.00825  1.000 53.33583 ? 4   OMG D P     1 
HETATM 623 O OP1   . OMG D 2 4 ? 5.02442   16.65535  -3.69853  1.000 54.84588 ? 4   OMG D OP1   1 
HETATM 624 O OP2   . OMG D 2 4 ? 6.16347   14.38341  -2.86533  1.000 55.70760 ? 4   OMG D OP2   1 
HETATM 625 O "O5'" . OMG D 2 4 ? 4.39222   15.48144  -1.55477  1.000 50.13783 ? 4   OMG D "O5'" 1 
HETATM 626 C "C5'" . OMG D 2 4 ? 3.28168   16.33378  -1.34730  1.000 50.48510 ? 4   OMG D "C5'" 1 
HETATM 627 C "C4'" . OMG D 2 4 ? 2.73602   16.14963  0.02937   1.000 48.49392 ? 4   OMG D "C4'" 1 
HETATM 628 O "O4'" . OMG D 2 4 ? 2.24227   14.79670  0.19318   1.000 48.42062 ? 4   OMG D "O4'" 1 
HETATM 629 C "C3'" . OMG D 2 4 ? 3.73619   16.29412  1.15786   1.000 46.06648 ? 4   OMG D "C3'" 1 
HETATM 630 O "O3'" . OMG D 2 4 ? 4.03068   17.64803  1.45075   1.000 44.83392 ? 4   OMG D "O3'" 1 
HETATM 631 C "C2'" . OMG D 2 4 ? 3.01851   15.57885  2.28861   1.000 46.30261 ? 4   OMG D "C2'" 1 
HETATM 632 O "O2'" . OMG D 2 4 ? 1.94590   16.38388  2.74597   1.000 46.09251 ? 4   OMG D "O2'" 1 
HETATM 633 C CM2   . OMG D 2 4 ? 1.40616   15.98783  3.99467   1.000 45.58642 ? 4   OMG D CM2   1 
HETATM 634 C "C1'" . OMG D 2 4 ? 2.42355   14.39305  1.54037   1.000 45.44042 ? 4   OMG D "C1'" 1 
HETATM 635 N N9    . OMG D 2 4 ? 3.32859   13.22912  1.56407   1.000 46.16725 ? 4   OMG D N9    1 
HETATM 636 C C8    . OMG D 2 4 ? 4.13668   12.80209  0.54659   1.000 47.58659 ? 4   OMG D C8    1 
HETATM 637 N N7    . OMG D 2 4 ? 4.89576   11.78464  0.88207   1.000 47.41851 ? 4   OMG D N7    1 
HETATM 638 C C5    . OMG D 2 4 ? 4.55926   11.52462  2.20067   1.000 45.52373 ? 4   OMG D C5    1 
HETATM 639 C C6    . OMG D 2 4 ? 5.07116   10.55755  3.12906   1.000 45.95056 ? 4   OMG D C6    1 
HETATM 640 O O6    . OMG D 2 4 ? 5.94675   9.71362   2.92500   1.000 48.69722 ? 4   OMG D O6    1 
HETATM 641 N N1    . OMG D 2 4 ? 4.48642   10.67357  4.37317   1.000 47.46166 ? 4   OMG D N1    1 
HETATM 642 C C2    . OMG D 2 4 ? 3.52290   11.58753  4.70935   1.000 49.44449 ? 4   OMG D C2    1 
HETATM 643 N N2    . OMG D 2 4 ? 3.08876   11.57477  5.97539   1.000 47.87530 ? 4   OMG D N2    1 
HETATM 644 N N3    . OMG D 2 4 ? 3.02997   12.48284  3.85240   1.000 45.13283 ? 4   OMG D N3    1 
HETATM 645 C C4    . OMG D 2 4 ? 3.59220   12.39951  2.63313   1.000 44.79750 ? 4   OMG D C4    1 
HETATM 646 P P     . OMG D 2 5 ? 5.49288   18.04975  1.97012   1.000 48.95951 ? 5   OMG D P     1 
HETATM 647 O OP1   . OMG D 2 5 ? 5.51477   19.56286  1.90835   1.000 48.11021 ? 5   OMG D OP1   1 
HETATM 648 O OP2   . OMG D 2 5 ? 6.51218   17.24731  1.16606   1.000 45.83078 ? 5   OMG D OP2   1 
HETATM 649 O "O5'" . OMG D 2 5 ? 5.55027   17.51263  3.45645   1.000 45.99969 ? 5   OMG D "O5'" 1 
HETATM 650 C "C5'" . OMG D 2 5 ? 4.68195   18.04282  4.44777   1.000 47.11552 ? 5   OMG D "C5'" 1 
HETATM 651 C "C4'" . OMG D 2 5 ? 4.76546   17.25085  5.71862   1.000 44.58922 ? 5   OMG D "C4'" 1 
HETATM 652 O "O4'" . OMG D 2 5 ? 4.39527   15.87276  5.47579   1.000 45.75718 ? 5   OMG D "O4'" 1 
HETATM 653 C "C3'" . OMG D 2 5 ? 6.14585   17.13943  6.33051   1.000 46.04678 ? 5   OMG D "C3'" 1 
HETATM 654 O "O3'" . OMG D 2 5 ? 6.52114   18.30740  7.02176   1.000 50.19026 ? 5   OMG D "O3'" 1 
HETATM 655 C "C2'" . OMG D 2 5 ? 5.99508   15.92406  7.22825   1.000 47.59417 ? 5   OMG D "C2'" 1 
HETATM 656 O "O2'" . OMG D 2 5 ? 5.26669   16.26276  8.40692   1.000 48.59165 ? 5   OMG D "O2'" 1 
HETATM 657 C CM2   . OMG D 2 5 ? 5.11503   15.18892  9.32743   1.000 49.87869 ? 5   OMG D CM2   1 
HETATM 658 C "C1'" . OMG D 2 5 ? 5.12791   15.02815  6.34734   1.000 45.54412 ? 5   OMG D "C1'" 1 
HETATM 659 N N9    . OMG D 2 5 ? 5.95544   14.12326  5.52655   1.000 46.74413 ? 5   OMG D N9    1 
HETATM 660 C C8    . OMG D 2 5 ? 6.22719   14.20885  4.18406   1.000 47.22923 ? 5   OMG D C8    1 
HETATM 661 N N7    . OMG D 2 5 ? 6.99098   13.22721  3.74505   1.000 45.39582 ? 5   OMG D N7    1 
HETATM 662 C C5    . OMG D 2 5 ? 7.23495   12.45614  4.87155   1.000 46.37262 ? 5   OMG D C5    1 
HETATM 663 C C6    . OMG D 2 5 ? 8.01044   11.29092  5.04274   1.000 45.70371 ? 5   OMG D C6    1 
HETATM 664 O O6    . OMG D 2 5 ? 8.62753   10.68064  4.17408   1.000 46.49205 ? 5   OMG D O6    1 
HETATM 665 N N1    . OMG D 2 5 ? 8.02638   10.85733  6.35204   1.000 47.90984 ? 5   OMG D N1    1 
HETATM 666 C C2    . OMG D 2 5 ? 7.36271   11.45488  7.38915   1.000 50.02923 ? 5   OMG D C2    1 
HETATM 667 N N2    . OMG D 2 5 ? 7.46252   10.87274  8.59015   1.000 50.28764 ? 5   OMG D N2    1 
HETATM 668 N N3    . OMG D 2 5 ? 6.62082   12.55384  7.24719   1.000 47.71712 ? 5   OMG D N3    1 
HETATM 669 C C4    . OMG D 2 5 ? 6.60443   12.99822  5.97665   1.000 47.60830 ? 5   OMG D C4    1 
HETATM 670 P P     . A2M D 2 6 ? 8.06440   18.74739  7.08514   1.000 52.18693 ? 6   A2M D P     1 
HETATM 671 O OP1   . A2M D 2 6 ? 8.06643   20.15169  7.68401   1.000 52.92388 ? 6   A2M D OP1   1 
HETATM 672 O "O5'" . A2M D 2 6 ? 8.68509   17.76624  8.13515   1.000 45.65004 ? 6   A2M D "O5'" 1 
HETATM 673 C "C5'" . A2M D 2 6 ? 8.21407   17.75708  9.49192   1.000 49.67935 ? 6   A2M D "C5'" 1 
HETATM 674 C "C4'" . A2M D 2 6 ? 8.85959   16.58014  10.17258  1.000 48.93607 ? 6   A2M D "C4'" 1 
HETATM 675 O "O4'" . A2M D 2 6 ? 8.41008   15.36102  9.55056   1.000 51.62502 ? 6   A2M D "O4'" 1 
HETATM 676 C "C3'" . A2M D 2 6 ? 10.37626  16.52906  10.05123  1.000 50.72109 ? 6   A2M D "C3'" 1 
HETATM 677 O "O3'" . A2M D 2 6 ? 10.95605  17.41134  11.00365  1.000 51.24877 ? 6   A2M D "O3'" 1 
HETATM 678 C "C2'" . A2M D 2 6 ? 10.59513  15.06218  10.39874  1.000 48.08944 ? 6   A2M D "C2'" 1 
HETATM 679 O "O2'" . A2M D 2 6 ? 10.46440  14.84371  11.79553  1.000 52.62681 ? 6   A2M D "O2'" 1 
HETATM 680 C "C1'" . A2M D 2 6 ? 9.44215   14.38783  9.65170   1.000 52.07350 ? 6   A2M D "C1'" 1 
HETATM 681 C "CM'" . A2M D 2 6 ? 10.53243  13.47635  12.19703  1.000 53.72530 ? 6   A2M D "CM'" 1 
HETATM 682 N N9    . A2M D 2 6 ? 9.81048   13.97155  8.30405   1.000 45.88552 ? 6   A2M D N9    1 
HETATM 683 C C8    . A2M D 2 6 ? 9.60997   14.65088  7.13083   1.000 48.09552 ? 6   A2M D C8    1 
HETATM 684 N N7    . A2M D 2 6 ? 10.09017  14.04391  6.07293   1.000 50.99466 ? 6   A2M D N7    1 
HETATM 685 C C5    . A2M D 2 6 ? 10.64927  12.88186  6.58688   1.000 48.13350 ? 6   A2M D C5    1 
HETATM 686 C C6    . A2M D 2 6 ? 11.35532  11.82024  5.98708   1.000 48.66497 ? 6   A2M D C6    1 
HETATM 687 N N6    . A2M D 2 6 ? 11.65999  11.77259  4.69109   1.000 48.91391 ? 6   A2M D N6    1 
HETATM 688 N N1    . A2M D 2 6 ? 11.80343  10.82943  6.78855   1.000 46.59997 ? 6   A2M D N1    1 
HETATM 689 C C2    . A2M D 2 6 ? 11.57505  10.91147  8.10180   1.000 50.63887 ? 6   A2M D C2    1 
HETATM 690 N N3    . A2M D 2 6 ? 10.93054  11.86685  8.78241   1.000 50.60599 ? 6   A2M D N3    1 
HETATM 691 C C4    . A2M D 2 6 ? 10.48536  12.82651  7.96022   1.000 49.07288 ? 6   A2M D C4    1 
HETATM 692 O OP2   . A2M D 2 6 ? 8.73848   18.54810  5.78163   1.000 48.51412 ? 6   A2M D OP2   1 
HETATM 693 P P     . OMG D 2 7 ? 12.49380  17.83389  10.85418  1.000 54.60553 ? 7   OMG D P     1 
HETATM 694 O OP1   . OMG D 2 7 ? 12.78126  18.78057  12.02952  1.000 55.59317 ? 7   OMG D OP1   1 
HETATM 695 O OP2   . OMG D 2 7 ? 12.83079  18.21188  9.45447   1.000 47.22231 ? 7   OMG D OP2   1 
HETATM 696 O "O5'" . OMG D 2 7 ? 13.20803  16.46370  11.23243  1.000 56.84707 ? 7   OMG D "O5'" 1 
HETATM 697 C "C5'" . OMG D 2 7 ? 14.44771  16.10000  10.68208  1.000 52.81356 ? 7   OMG D "C5'" 1 
HETATM 698 C "C4'" . OMG D 2 7 ? 14.72910  14.65479  10.97834  1.000 52.12101 ? 7   OMG D "C4'" 1 
HETATM 699 O "O4'" . OMG D 2 7 ? 13.79872  13.82493  10.23545  1.000 52.55581 ? 7   OMG D "O4'" 1 
HETATM 700 C "C3'" . OMG D 2 7 ? 16.10967  14.18081  10.55813  1.000 54.42199 ? 7   OMG D "C3'" 1 
HETATM 701 O "O3'" . OMG D 2 7 ? 17.06885  14.41998  11.57301  1.000 55.52009 ? 7   OMG D "O3'" 1 
HETATM 702 C "C2'" . OMG D 2 7 ? 15.89394  12.71092  10.21807  1.000 51.45965 ? 7   OMG D "C2'" 1 
HETATM 703 O "O2'" . OMG D 2 7 ? 15.90314  11.91115  11.39266  1.000 53.92264 ? 7   OMG D "O2'" 1 
HETATM 704 C CM2   . OMG D 2 7 ? 15.86266  10.51204  11.14076  1.000 51.99134 ? 7   OMG D CM2   1 
HETATM 705 C "C1'" . OMG D 2 7 ? 14.47430  12.73723  9.64571   1.000 51.34771 ? 7   OMG D "C1'" 1 
HETATM 706 N N9    . OMG D 2 7 ? 14.47316  12.95421  8.19039   1.000 48.77116 ? 7   OMG D N9    1 
HETATM 707 C C8    . OMG D 2 7 ? 14.03363  14.05872  7.50315   1.000 50.42858 ? 7   OMG D C8    1 
HETATM 708 N N7    . OMG D 2 7 ? 14.12928  13.92245  6.19425   1.000 52.08102 ? 7   OMG D N7    1 
HETATM 709 C C5    . OMG D 2 7 ? 14.66624  12.65507  6.01909   1.000 50.52936 ? 7   OMG D C5    1 
HETATM 710 C C6    . OMG D 2 7 ? 14.98780  11.92411  4.83493   1.000 52.26035 ? 7   OMG D C6    1 
HETATM 711 O O6    . OMG D 2 7 ? 14.82260  12.27704  3.67173   1.000 53.65769 ? 7   OMG D O6    1 
HETATM 712 N N1    . OMG D 2 7 ? 15.52316  10.68112  5.12010   1.000 52.31583 ? 7   OMG D N1    1 
HETATM 713 C C2    . OMG D 2 7 ? 15.72133  10.18127  6.37509   1.000 52.07271 ? 7   OMG D C2    1 
HETATM 714 N N2    . OMG D 2 7 ? 16.22772  8.94614   6.46638   1.000 54.30043 ? 7   OMG D N2    1 
HETATM 715 N N3    . OMG D 2 7 ? 15.41986  10.84854  7.48494   1.000 49.45613 ? 7   OMG D N3    1 
HETATM 716 C C4    . OMG D 2 7 ? 14.89691  12.05638  7.23735   1.000 53.38167 ? 7   OMG D C4    1 
HETATM 717 P P     . A2M D 2 8 ? 18.51752  14.96334  11.15347  1.000 55.83529 ? 8   A2M D P     1 
HETATM 718 O OP1   . A2M D 2 8 ? 19.19849  15.53231  12.38017  1.000 56.72919 ? 8   A2M D OP1   1 
HETATM 719 O "O5'" . A2M D 2 8 ? 19.26389  13.65820  10.62050  1.000 53.40241 ? 8   A2M D "O5'" 1 
HETATM 720 C "C5'" . A2M D 2 8 ? 19.46726  12.55776  11.52334  1.000 55.75808 ? 8   A2M D "C5'" 1 
HETATM 721 C "C4'" . A2M D 2 8 ? 20.03243  11.44135  10.69067  1.000 50.33988 ? 8   A2M D "C4'" 1 
HETATM 722 O "O4'" . A2M D 2 8 ? 19.02526  10.95680  9.77607   1.000 54.23238 ? 8   A2M D "O4'" 1 
HETATM 723 C "C3'" . A2M D 2 8 ? 21.18355  11.86077  9.79171   1.000 55.69065 ? 8   A2M D "C3'" 1 
HETATM 724 O "O3'" . A2M D 2 8 ? 22.38972  11.99316  10.53553  1.000 57.53391 ? 8   A2M D "O3'" 1 
HETATM 725 C "C2'" . A2M D 2 8 ? 21.16066  10.66841  8.84620   1.000 56.03253 ? 8   A2M D "C2'" 1 
HETATM 726 O "O2'" . A2M D 2 8 ? 21.68386  9.50865   9.47997   1.000 55.01066 ? 8   A2M D "O2'" 1 
HETATM 727 C "C1'" . A2M D 2 8 ? 19.65962  10.49148  8.59833   1.000 54.50613 ? 8   A2M D "C1'" 1 
HETATM 728 C "CM'" . A2M D 2 8 ? 21.57898  8.32542   8.70352   1.000 51.20157 ? 8   A2M D "CM'" 1 
HETATM 729 N N9    . A2M D 2 8 ? 19.15906  11.26941  7.46586   1.000 51.95882 ? 8   A2M D N9    1 
HETATM 730 C C8    . A2M D 2 8 ? 18.60925  12.52406  7.50719   1.000 53.34856 ? 8   A2M D C8    1 
HETATM 731 N N7    . A2M D 2 8 ? 18.25798  12.99298  6.33519   1.000 53.87690 ? 8   A2M D N7    1 
HETATM 732 C C5    . A2M D 2 8 ? 18.60125  11.97484  5.45786   1.000 53.48446 ? 8   A2M D C5    1 
HETATM 733 C C6    . A2M D 2 8 ? 18.49735  11.85367  4.06136   1.000 51.32696 ? 8   A2M D C6    1 
HETATM 734 N N6    . A2M D 2 8 ? 17.96342  12.78821  3.27262   1.000 53.59250 ? 8   A2M D N6    1 
HETATM 735 N N1    . A2M D 2 8 ? 18.95450  10.71643  3.49442   1.000 56.38390 ? 8   A2M D N1    1 
HETATM 736 C C2    . A2M D 2 8 ? 19.46517  9.76621   4.28303   1.000 54.31345 ? 8   A2M D C2    1 
HETATM 737 N N3    . A2M D 2 8 ? 19.60525  9.76714   5.60997   1.000 53.70757 ? 8   A2M D N3    1 
HETATM 738 C C4    . A2M D 2 8 ? 19.15656  10.90777  6.14169   1.000 52.79976 ? 8   A2M D C4    1 
HETATM 739 O OP2   . A2M D 2 8 ? 18.42159  15.89033  9.95868   1.000 55.88162 ? 8   A2M D OP2   1 
HETATM 740 N N1    . OMC D 2 9 ? 22.92814  11.51352  4.89209   1.000 56.63348 ? 9   OMC D N1    1 
HETATM 741 C C2    . OMC D 2 9 ? 22.54538  11.60524  3.54950   1.000 56.01812 ? 9   OMC D C2    1 
HETATM 742 N N3    . OMC D 2 9 ? 21.79834  12.67288  3.15140   1.000 55.83379 ? 9   OMC D N3    1 
HETATM 743 C C4    . OMC D 2 9 ? 21.43683  13.61953  4.03410   1.000 54.96651 ? 9   OMC D C4    1 
HETATM 744 C C5    . OMC D 2 9 ? 21.81227  13.53987  5.40902   1.000 54.37054 ? 9   OMC D C5    1 
HETATM 745 C C6    . OMC D 2 9 ? 22.54655  12.47924  5.79254   1.000 53.81520 ? 9   OMC D C6    1 
HETATM 746 O O2    . OMC D 2 9 ? 22.91544  10.72980  2.76547   1.000 52.97666 ? 9   OMC D O2    1 
HETATM 747 N N4    . OMC D 2 9 ? 20.70557  14.64697  3.59070   1.000 53.05538 ? 9   OMC D N4    1 
HETATM 748 C "C1'" . OMC D 2 9 ? 23.82087  10.39454  5.28866   1.000 58.27328 ? 9   OMC D "C1'" 1 
HETATM 749 C "C2'" . OMC D 2 9 ? 25.29345  10.74861  5.05538   1.000 57.65440 ? 9   OMC D "C2'" 1 
HETATM 750 O "O2'" . OMC D 2 9 ? 26.00621  9.55623   4.76755   1.000 59.14780 ? 9   OMC D "O2'" 1 
HETATM 751 C CM2   . OMC D 2 9 ? 25.79053  9.05102   3.45944   1.000 57.13101 ? 9   OMC D CM2   1 
HETATM 752 C "C3'" . OMC D 2 9 ? 25.67660  11.29971  6.42289   1.000 59.32269 ? 9   OMC D "C3'" 1 
HETATM 753 C "C4'" . OMC D 2 9 ? 24.91574  10.38230  7.36640   1.000 57.59945 ? 9   OMC D "C4'" 1 
HETATM 754 O "O4'" . OMC D 2 9 ? 23.66059  10.15234  6.67736   1.000 60.17114 ? 9   OMC D "O4'" 1 
HETATM 755 O "O3'" . OMC D 2 9 ? 27.07120  11.35929  6.67777   1.000 58.76367 ? 9   OMC D "O3'" 1 
HETATM 756 C "C5'" . OMC D 2 9 ? 24.64854  10.93031  8.74374   1.000 58.05963 ? 9   OMC D "C5'" 1 
HETATM 757 O "O5'" . OMC D 2 9 ? 24.04327  12.21243  8.68583   1.000 51.34536 ? 9   OMC D "O5'" 1 
HETATM 758 P P     . OMC D 2 9 ? 23.56551  12.94139  10.00232  1.000 55.69512 ? 9   OMC D P     1 
HETATM 759 O OP1   . OMC D 2 9 ? 24.67104  12.89304  11.03752  1.000 58.12638 ? 9   OMC D OP1   1 
HETATM 760 O OP2   . OMC D 2 9 ? 23.01027  14.33697  9.68647   1.000 54.83917 ? 9   OMC D OP2   1 
HETATM 761 S S     . SO4 E 3 . ? -7.04499  -8.01211  1.87980   1.000 82.15031 ? 101 SO4 A S     1 
HETATM 762 O O1    . SO4 E 3 . ? -6.71156  -9.15069  1.01243   1.000 74.48672 ? 101 SO4 A O1    1 
HETATM 763 O O2    . SO4 E 3 . ? -7.42917  -6.88612  1.03394   1.000 59.25037 ? 101 SO4 A O2    1 
HETATM 764 O O3    . SO4 E 3 . ? -5.86236  -7.65539  2.67452   1.000 81.71428 ? 101 SO4 A O3    1 
HETATM 765 O O4    . SO4 E 3 . ? -8.17275  -8.34597  2.76467   1.000 69.19043 ? 101 SO4 A O4    1 
HETATM 766 S S     . SO4 F 3 . ? 8.73039   5.44155   2.20228   1.000 79.29451 ? 101 SO4 C S     1 
HETATM 767 O O1    . SO4 F 3 . ? 9.36684   4.31075   1.52548   1.000 79.79950 ? 101 SO4 C O1    1 
HETATM 768 O O2    . SO4 F 3 . ? 7.94750   6.23429   1.24642   1.000 69.25032 ? 101 SO4 C O2    1 
HETATM 769 O O3    . SO4 F 3 . ? 9.79963   6.26268   2.74977   1.000 68.65498 ? 101 SO4 C O3    1 
HETATM 770 O O4    . SO4 F 3 . ? 7.86562   4.97552   3.30081   1.000 69.80267 ? 101 SO4 C O4    1 
HETATM 771 O O     . HOH G 4 . ? -12.78396 -6.18010  3.80885   1.000 54.91038 ? 201 HOH A O     1 
HETATM 772 O O     . HOH G 4 . ? -11.61797 -16.77216 6.44631   1.000 53.01401 ? 202 HOH A O     1 
HETATM 773 O O     . HOH G 4 . ? 2.08855   -6.88373  -6.38657  1.000 49.03964 ? 203 HOH A O     1 
HETATM 774 O O     . HOH G 4 . ? -3.32785  -2.82039  -11.29285 1.000 51.79382 ? 204 HOH A O     1 
HETATM 775 O O     . HOH G 4 . ? -14.57255 -9.92518  5.62558   1.000 56.35851 ? 205 HOH A O     1 
HETATM 776 O O     . HOH G 4 . ? -9.08476  -12.20575 3.17588   1.000 52.66403 ? 206 HOH A O     1 
HETATM 777 O O     . HOH G 4 . ? -5.73769  -6.94988  -2.98539  1.000 51.12801 ? 207 HOH A O     1 
HETATM 778 O O     . HOH G 4 . ? -12.77911 -15.05760 4.23016   1.000 49.37970 ? 208 HOH A O     1 
HETATM 779 O O     . HOH G 4 . ? -0.97183  -4.59460  -11.04772 1.000 55.65425 ? 209 HOH A O     1 
HETATM 780 O O     . HOH G 4 . ? 0.11485   -4.88623  -2.83971  1.000 49.01776 ? 210 HOH A O     1 
HETATM 781 O O     . HOH G 4 . ? -3.29759  -4.57592  -8.33264  1.000 50.78021 ? 211 HOH A O     1 
HETATM 782 O O     . HOH G 4 . ? -15.65971 -22.81757 4.84371   1.000 58.19991 ? 212 HOH A O     1 
HETATM 783 O O     . HOH G 4 . ? -7.30051  -1.34514  6.52542   1.000 65.33579 ? 213 HOH A O     1 
HETATM 784 O O     . HOH G 4 . ? -12.23783 -21.65038 -1.41611  1.000 57.29212 ? 214 HOH A O     1 
HETATM 785 O O     . HOH G 4 . ? 3.17753   -6.94544  -10.92018 1.000 57.11353 ? 215 HOH A O     1 
HETATM 786 O O     . HOH G 4 . ? -7.42422  -4.33549  2.68632   1.000 51.06971 ? 216 HOH A O     1 
HETATM 787 O O     . HOH G 4 . ? -13.95995 -3.21718  6.91912   1.000 66.03420 ? 217 HOH A O     1 
HETATM 788 O O     A HOH G 4 . ? -16.37465 -10.71239 -3.10814  0.470 38.36120 ? 218 HOH A O     1 
HETATM 789 O O     B HOH G 4 . ? -1.13720  13.66521  1.49108   0.530 44.18298 ? 218 HOH A O     1 
HETATM 790 O O     . HOH G 4 . ? -17.30745 -1.33773  4.93106   1.000 61.88001 ? 219 HOH A O     1 
HETATM 791 O O     . HOH G 4 . ? -2.33010  -6.48934  -4.39475  1.000 55.44498 ? 220 HOH A O     1 
HETATM 792 O O     . HOH G 4 . ? -13.83923 -28.27657 0.04052   1.000 72.52340 ? 221 HOH A O     1 
HETATM 793 O O     . HOH G 4 . ? -2.46072  -7.24721  -6.66139  1.000 64.13996 ? 222 HOH A O     1 
HETATM 794 O O     . HOH G 4 . ? -18.87909 -20.73131 -3.24169  1.000 61.63084 ? 223 HOH A O     1 
HETATM 795 O O     . HOH H 4 . ? -14.74475 -11.91039 -13.18315 1.000 54.01530 ? 101 HOH B O     1 
HETATM 796 O O     . HOH H 4 . ? -11.33647 -4.98072  -11.04517 1.000 54.76055 ? 102 HOH B O     1 
HETATM 797 O O     . HOH H 4 . ? -7.28842  -9.45085  -2.94090  1.000 51.96269 ? 103 HOH B O     1 
HETATM 798 O O     . HOH H 4 . ? -9.88310  -9.67229  -8.68867  1.000 54.97928 ? 104 HOH B O     1 
HETATM 799 O O     . HOH H 4 . ? -6.63476  -13.91523 3.62653   1.000 51.59498 ? 105 HOH B O     1 
HETATM 800 O O     . HOH H 4 . ? -5.86320  -12.85926 -2.13065  1.000 57.54000 ? 106 HOH B O     1 
HETATM 801 O O     . HOH H 4 . ? -11.82778 5.31455   -11.89239 1.000 59.39832 ? 107 HOH B O     1 
HETATM 802 O O     . HOH H 4 . ? -5.93218  -6.55940  -6.74249  1.000 55.56610 ? 108 HOH B O     1 
HETATM 803 O O     . HOH H 4 . ? -18.06884 -1.84285  -11.28974 1.000 57.63171 ? 109 HOH B O     1 
HETATM 804 O O     . HOH H 4 . ? -8.62679  -6.30868  -9.08170  1.000 53.70860 ? 110 HOH B O     1 
HETATM 805 O O     A HOH H 4 . ? -15.48013 -3.47948  -4.60561  0.510 41.76196 ? 111 HOH B O     1 
HETATM 806 O O     B HOH H 4 . ? 1.25461   13.89526  7.69532   0.490 44.49794 ? 111 HOH B O     1 
HETATM 807 O O     . HOH H 4 . ? -8.63999  2.71321   -11.24133 1.000 50.55221 ? 112 HOH B O     1 
HETATM 808 O O     . HOH H 4 . ? -10.58019 8.05934   -5.81525  1.000 60.38052 ? 113 HOH B O     1 
HETATM 809 O O     . HOH H 4 . ? -7.58286  -10.95328 -5.49923  1.000 56.52064 ? 114 HOH B O     1 
HETATM 810 O O     . HOH H 4 . ? -8.07642  -8.29027  -6.59583  1.000 53.40639 ? 115 HOH B O     1 
HETATM 811 O O     . HOH H 4 . ? -5.12855  -14.76692 0.15624   1.000 56.51441 ? 116 HOH B O     1 
HETATM 812 O O     . HOH H 4 . ? -7.92357  -1.52910  -10.28377 1.000 52.58585 ? 117 HOH B O     1 
HETATM 813 O O     . HOH H 4 . ? 1.87695   -20.67641 4.30618   1.000 54.49517 ? 118 HOH B O     1 
HETATM 814 O O     . HOH H 4 . ? -9.97919  -7.33865  -11.25459 1.000 60.04921 ? 119 HOH B O     1 
HETATM 815 O O     . HOH H 4 . ? -1.59778  -13.51903 8.58754   1.000 57.50919 ? 120 HOH B O     1 
HETATM 816 O O     . HOH H 4 . ? -6.40370  0.11701   -12.39248 1.000 53.12086 ? 121 HOH B O     1 
HETATM 817 O O     . HOH H 4 . ? -15.57477 -13.78820 -4.40991  1.000 51.67494 ? 122 HOH B O     1 
HETATM 818 O O     . HOH H 4 . ? -5.80832  9.07468   -11.52775 1.000 60.20826 ? 123 HOH B O     1 
HETATM 819 O O     . HOH H 4 . ? -17.13191 -7.90080  -4.76361  1.000 47.45604 ? 124 HOH B O     1 
HETATM 820 O O     . HOH H 4 . ? -6.13895  -3.52360  -9.57829  1.000 54.56393 ? 125 HOH B O     1 
HETATM 821 O O     . HOH H 4 . ? -9.07820  -22.92272 -0.55137  1.000 57.63598 ? 126 HOH B O     1 
HETATM 822 O O     . HOH H 4 . ? -7.71484  -13.20954 7.33400   1.000 57.70204 ? 127 HOH B O     1 
HETATM 823 O O     . HOH H 4 . ? -16.61978 -6.35152  -14.57330 1.000 58.56783 ? 128 HOH B O     1 
HETATM 824 O O     . HOH H 4 . ? -10.22638 -2.63513  -11.52575 1.000 54.96336 ? 129 HOH B O     1 
HETATM 825 O O     . HOH H 4 . ? -7.26418  -4.31058  -13.27585 1.000 64.30518 ? 130 HOH B O     1 
HETATM 826 O O     . HOH I 4 . ? 18.10576  16.17229  0.99210   1.000 62.35781 ? 201 HOH C O     1 
HETATM 827 O O     . HOH I 4 . ? 5.27904   3.97491   3.46780   1.000 55.15670 ? 202 HOH C O     1 
HETATM 828 O O     . HOH I 4 . ? 0.59475   2.27764   2.44296   1.000 51.13806 ? 203 HOH C O     1 
HETATM 829 O O     . HOH I 4 . ? -10.33750 1.95219   -3.16866  1.000 45.60093 ? 204 HOH C O     1 
HETATM 830 O O     . HOH I 4 . ? 11.30333  3.33267   3.42517   1.000 63.14268 ? 205 HOH C O     1 
HETATM 831 O O     . HOH I 4 . ? 23.40098  9.92005   -3.31229  1.000 62.24391 ? 206 HOH C O     1 
HETATM 832 O O     . HOH I 4 . ? 15.22148  8.15446   -2.81462  1.000 66.18620 ? 207 HOH C O     1 
HETATM 833 O O     . HOH I 4 . ? -2.43657  3.11106   3.38694   1.000 53.06765 ? 208 HOH C O     1 
HETATM 834 O O     . HOH I 4 . ? 6.85098   3.15179   14.44950  1.000 65.31293 ? 209 HOH C O     1 
HETATM 835 O O     . HOH I 4 . ? -3.93707  7.49496   -2.73871  1.000 57.02668 ? 210 HOH C O     1 
HETATM 836 O O     . HOH I 4 . ? -8.64334  9.43627   1.96598   1.000 61.17808 ? 211 HOH C O     1 
HETATM 837 O O     . HOH I 4 . ? 12.97690  11.87092  -1.42073  1.000 68.28171 ? 212 HOH C O     1 
HETATM 838 O O     . HOH I 4 . ? 18.86816  1.21333   -6.65456  1.000 81.43030 ? 213 HOH C O     1 
HETATM 839 O O     . HOH J 4 . ? 17.27492  15.40289  6.19674   1.000 58.91236 ? 101 HOH D O     1 
HETATM 840 O O     . HOH J 4 . ? 13.90135  14.48202  2.54408   1.000 64.10299 ? 102 HOH D O     1 
HETATM 841 O O     . HOH J 4 . ? 6.70408   7.07582   -1.23927  1.000 60.78542 ? 103 HOH D O     1 
HETATM 842 O O     . HOH J 4 . ? 2.49876   9.95608   -10.20286 1.000 53.35982 ? 104 HOH D O     1 
HETATM 843 O O     . HOH J 4 . ? 6.82629   22.14869  1.64231   1.000 55.61252 ? 105 HOH D O     1 
HETATM 844 O O     . HOH J 4 . ? 3.93147   18.79607  9.15373   1.000 50.43239 ? 106 HOH D O     1 
HETATM 845 O O     . HOH J 4 . ? 5.84997   20.86358  9.59581   1.000 58.11796 ? 107 HOH D O     1 
HETATM 846 O O     . HOH J 4 . ? 6.40400   12.31728  11.05819  1.000 54.39633 ? 108 HOH D O     1 
HETATM 847 O O     . HOH J 4 . ? 16.83052  18.78596  10.34091  1.000 65.43624 ? 109 HOH D O     1 
HETATM 848 O O     . HOH J 4 . ? 20.56013  17.71697  4.93813   1.000 71.66801 ? 110 HOH D O     1 
HETATM 849 O O     . HOH J 4 . ? -1.70974  11.64188  -5.06503  1.000 57.87178 ? 111 HOH D O     1 
# 
